data_6QV2
#
_entry.id   6QV2
#
_cell.length_a   88.600
_cell.length_b   113.070
_cell.length_c   126.890
_cell.angle_alpha   83.180
_cell.angle_beta   73.000
_cell.angle_gamma   67.370
#
_symmetry.space_group_name_H-M   'P 1'
#
loop_
_entity.id
_entity.type
_entity.pdbx_description
1 polymer 'ABC transporter, ATP-binding protein'
2 polymer 'Uncharacterized ABC transporter ATP-binding protein TM_0288'
3 polymer 'Nb_TM No.2'
4 non-polymer 'PHOSPHOTHIOPHOSPHORIC ACID-ADENYLATE ESTER'
5 non-polymer 'MAGNESIUM ION'
#
loop_
_entity_poly.entity_id
_entity_poly.type
_entity_poly.pdbx_seq_one_letter_code
_entity_poly.pdbx_strand_id
1 'polypeptide(L)'
;GPSGSGGGGGSKTLARYLKPYWIFAVLAPLFMVVEVICDLSQPTLLARIVAEGIARGDFSLVLKTGILMLIVALIGAVGG
IGCTVFASYASQNFGADLRRDLFRKVLSFSISNVNRFHTSSLITRLTNDVTQLQNLVMMLLRIVVRAPLLFVGGIVMAVS
INVKLSSVLIFLIPPIVLLFVWLTKKGNPLFRKIQESTDEVNRVVRENLLGVRVVRAFRREEYENENFRKANESLRRSII
SAFSLIVFALPLFIFIVNMGMIAVLWFGGVLVRNNQMEIGSIMAYTNYLMQIMFSLMMIGNILNFIVRASASAKRVLEVL
NEKPAIEEADNALALPNVEGSVSFENVEFRYFENTDPVLSGVNFSVKPGSLVAVLGETGSGKSTLMNLIPRLIDPERGRV
EVDELDVRTVKLKDLRGHISAVPQETVLFSGTIKENLKWGREDATDDEIVEAAKIAQIHDFIISLPEGYDSRVERGGRNF
SGGQKQRLSIARALVKKPKVLILDDCTSSVDPITEKRILDGLKRYTKGCTTFIITQKIPTALLADKILVLHEGKVAGFGT
HKELLEHCKPYREIYESQFGNGVMNDA
;
A,C
2 'polypeptide(L)'
;MPEIRRRPHGPILEKPALKNPTATLRRLLGYLRPHTFTLIMVFVFVTVSSILGVLSPYLIGKTIAVVFVPRRFDLLPRYM
LILGTIYALTSLLFWLQGKIMLTLSQDVVFRLRKELFEKLQRVPVGFFDRTPHGDIISRVINDVDNINNVLGNSIIQFFS
GIVTLAGAVIMMFRVNVILSLVTLSIVPLTVLITQIVSSQTRKYFYENQRVLGQLNGIIEEDISGLTVIKLFTREEKEME
KFDRVNESLRKVGTKAQIFSGVLPPLMNMVNNLGFALISGFGGWLALKDIITVGTIATFIGYSRQFTRPLNELSNQFNMI
QMALASAERIFEILDLEEEKDDPDAVELREVRGEIEFKNVWFSYDKKKPVLKDITFHIKPGQKVALVGPTGSGKTTIVNL
LMRFYDVDRGQILVDGIDIRKIKRSSLRSSIGIVLQDTILFSTTVKENLKYGNPGATDEEIKEAAKLTHSDHFIKHLPEG
YETVLTDNGEDLSQGQRQLLAITRAFLANPKILILDAATSNVDTKTEKSIQAAMWKLMEGKTSIIIAHRLNTIKNADLII
VLRDGEIVEMGKHDELIQKRGFYYELFTSQYGLVVEKEA
;
B,D
3 'polypeptide(L)'
;GPSQGQLVESGGGLVQPGGSLRLSCAASGFTLDYYAIGWFRQAPGKEREGVSCISNSGGSTKYADSVKGRFTISRDKAKN
TVYLQMNSLKPEDTGVYYCAADRGYSEYDLPCDLVIYGMDYWGKGTPVTVSA
;
E,F
#
# COMPACT_ATOMS: atom_id res chain seq x y z
N LYS A 12 12.37 22.59 -4.85
CA LYS A 12 11.16 22.14 -5.50
C LYS A 12 10.36 21.16 -4.62
N THR A 13 11.07 20.24 -3.91
CA THR A 13 10.47 19.24 -3.03
C THR A 13 9.91 19.90 -1.75
N LEU A 14 10.67 20.85 -1.17
CA LEU A 14 10.29 21.58 0.04
C LEU A 14 9.16 22.59 -0.22
N ALA A 15 9.06 23.08 -1.47
CA ALA A 15 8.07 24.06 -1.92
C ALA A 15 6.62 23.52 -1.92
N ARG A 16 6.45 22.19 -2.05
CA ARG A 16 5.13 21.53 -2.08
C ARG A 16 4.39 21.59 -0.74
N TYR A 17 5.12 21.78 0.38
CA TYR A 17 4.56 21.88 1.73
C TYR A 17 3.95 23.27 1.99
N LEU A 18 4.38 24.28 1.23
CA LEU A 18 3.92 25.67 1.30
C LEU A 18 2.66 25.85 0.41
N LYS A 19 2.48 24.95 -0.58
CA LYS A 19 1.37 24.94 -1.54
C LYS A 19 -0.04 24.83 -0.90
N PRO A 20 -0.35 23.95 0.10
CA PRO A 20 -1.71 23.93 0.64
C PRO A 20 -2.06 25.15 1.51
N TYR A 21 -1.04 25.83 2.05
CA TYR A 21 -1.20 27.03 2.89
C TYR A 21 -0.67 28.27 2.15
N TRP A 22 -1.07 28.41 0.87
CA TRP A 22 -0.70 29.52 -0.01
C TRP A 22 -1.49 30.79 0.26
N ILE A 23 -2.71 30.66 0.83
CA ILE A 23 -3.62 31.76 1.20
C ILE A 23 -2.93 32.66 2.24
N PHE A 24 -2.30 32.05 3.25
CA PHE A 24 -1.56 32.73 4.32
C PHE A 24 -0.25 33.34 3.79
N ALA A 25 0.30 32.76 2.71
CA ALA A 25 1.54 33.21 2.06
C ALA A 25 1.32 34.34 1.04
N VAL A 26 0.12 34.43 0.45
CA VAL A 26 -0.24 35.45 -0.55
C VAL A 26 -0.80 36.72 0.12
N LEU A 27 -1.42 36.59 1.32
CA LEU A 27 -1.99 37.71 2.07
C LEU A 27 -0.93 38.45 2.90
N ALA A 28 0.19 37.77 3.24
CA ALA A 28 1.30 38.31 4.02
C ALA A 28 2.03 39.51 3.36
N PRO A 29 2.42 39.51 2.05
CA PRO A 29 3.13 40.69 1.51
C PRO A 29 2.23 41.88 1.18
N LEU A 30 0.90 41.68 1.10
CA LEU A 30 -0.08 42.72 0.79
C LEU A 30 -0.29 43.68 1.97
N PHE A 31 -0.53 43.13 3.18
CA PHE A 31 -0.75 43.90 4.41
C PHE A 31 0.53 44.53 4.96
N MET A 32 1.70 43.90 4.70
CA MET A 32 3.01 44.35 5.16
C MET A 32 3.46 45.70 4.58
N VAL A 33 3.05 46.01 3.33
CA VAL A 33 3.36 47.29 2.64
C VAL A 33 2.71 48.46 3.40
N VAL A 34 1.49 48.26 3.93
CA VAL A 34 0.71 49.23 4.71
C VAL A 34 1.43 49.55 6.04
N GLU A 35 2.09 48.54 6.65
CA GLU A 35 2.83 48.67 7.90
C GLU A 35 4.09 49.54 7.75
N VAL A 36 4.82 49.38 6.61
CA VAL A 36 6.06 50.10 6.28
C VAL A 36 5.80 51.61 6.13
N ILE A 37 4.77 51.99 5.35
CA ILE A 37 4.38 53.38 5.11
C ILE A 37 3.83 54.06 6.38
N CYS A 38 3.17 53.29 7.28
CA CYS A 38 2.62 53.79 8.55
C CYS A 38 3.73 54.15 9.54
N ASP A 39 4.78 53.32 9.61
CA ASP A 39 5.94 53.55 10.48
C ASP A 39 6.81 54.69 9.97
N LEU A 40 6.91 54.85 8.63
CA LEU A 40 7.67 55.92 7.97
C LEU A 40 6.97 57.27 8.10
N SER A 41 5.64 57.28 8.33
CA SER A 41 4.83 58.48 8.49
C SER A 41 4.87 59.07 9.91
N GLN A 42 5.70 58.50 10.81
CA GLN A 42 5.89 58.94 12.19
C GLN A 42 6.38 60.42 12.26
N PRO A 43 7.50 60.83 11.60
CA PRO A 43 7.89 62.26 11.69
C PRO A 43 7.12 63.16 10.70
N THR A 44 6.31 62.56 9.80
CA THR A 44 5.50 63.26 8.80
C THR A 44 4.36 64.03 9.47
N LEU A 45 3.62 63.35 10.38
CA LEU A 45 2.51 63.94 11.14
C LEU A 45 3.01 64.70 12.38
N LEU A 46 4.24 64.40 12.83
CA LEU A 46 4.89 65.05 13.97
C LEU A 46 5.37 66.47 13.62
N ALA A 47 5.58 66.73 12.31
CA ALA A 47 6.00 68.03 11.80
C ALA A 47 4.82 69.00 11.69
N ARG A 48 3.68 68.52 11.16
CA ARG A 48 2.45 69.31 10.98
C ARG A 48 1.73 69.63 12.30
N ILE A 49 1.93 68.79 13.33
CA ILE A 49 1.33 69.00 14.66
C ILE A 49 2.05 70.14 15.41
N VAL A 50 3.30 70.44 15.02
CA VAL A 50 4.13 71.48 15.62
C VAL A 50 4.20 72.74 14.73
N ALA A 51 4.62 72.60 13.45
CA ALA A 51 4.76 73.72 12.52
C ALA A 51 3.44 74.32 12.02
N GLU A 52 2.42 73.47 11.77
CA GLU A 52 1.11 73.93 11.29
C GLU A 52 0.06 74.01 12.42
N GLY A 53 0.40 73.51 13.60
CA GLY A 53 -0.47 73.51 14.77
C GLY A 53 -0.05 74.50 15.83
N ILE A 54 1.07 74.20 16.53
CA ILE A 54 1.63 75.01 17.62
C ILE A 54 2.18 76.36 17.12
N ALA A 55 3.02 76.33 16.05
CA ALA A 55 3.65 77.50 15.45
C ALA A 55 2.66 78.45 14.76
N ARG A 56 1.59 77.91 14.16
CA ARG A 56 0.57 78.72 13.49
C ARG A 56 -0.31 79.51 14.47
N GLY A 57 -0.47 78.98 15.69
CA GLY A 57 -1.21 79.64 16.75
C GLY A 57 -2.57 79.05 17.08
N ASP A 58 -3.42 78.89 16.05
CA ASP A 58 -4.79 78.38 16.17
C ASP A 58 -4.86 76.96 16.72
N PHE A 59 -5.79 76.74 17.67
CA PHE A 59 -6.01 75.44 18.32
C PHE A 59 -6.82 74.48 17.42
N SER A 60 -7.47 75.03 16.37
CA SER A 60 -8.28 74.29 15.38
C SER A 60 -7.42 73.29 14.58
N LEU A 61 -6.16 73.68 14.27
CA LEU A 61 -5.20 72.84 13.54
C LEU A 61 -4.39 71.94 14.47
N VAL A 62 -4.40 72.22 15.79
CA VAL A 62 -3.70 71.44 16.83
C VAL A 62 -4.39 70.08 16.99
N LEU A 63 -5.72 70.09 17.20
CA LEU A 63 -6.53 68.88 17.37
C LEU A 63 -6.89 68.21 16.03
N LYS A 64 -6.68 68.92 14.89
CA LYS A 64 -6.94 68.42 13.54
C LYS A 64 -5.97 67.29 13.21
N THR A 65 -4.69 67.43 13.63
CA THR A 65 -3.63 66.44 13.46
C THR A 65 -3.43 65.66 14.78
N GLY A 66 -4.01 66.18 15.86
CA GLY A 66 -3.96 65.61 17.20
C GLY A 66 -4.60 64.24 17.30
N ILE A 67 -5.91 64.16 17.00
CA ILE A 67 -6.68 62.92 17.02
C ILE A 67 -6.34 62.04 15.79
N LEU A 68 -5.91 62.69 14.69
CA LEU A 68 -5.53 62.06 13.42
C LEU A 68 -4.29 61.17 13.55
N MET A 69 -3.32 61.55 14.42
CA MET A 69 -2.09 60.81 14.65
C MET A 69 -2.33 59.46 15.32
N LEU A 70 -3.42 59.34 16.11
CA LEU A 70 -3.82 58.10 16.78
C LEU A 70 -4.47 57.14 15.78
N ILE A 71 -5.18 57.69 14.77
CA ILE A 71 -5.87 56.94 13.71
C ILE A 71 -4.85 56.25 12.79
N VAL A 72 -3.81 56.98 12.34
CA VAL A 72 -2.74 56.44 11.47
C VAL A 72 -1.88 55.41 12.23
N ALA A 73 -1.75 55.58 13.56
CA ALA A 73 -1.02 54.67 14.44
C ALA A 73 -1.80 53.37 14.64
N LEU A 74 -3.15 53.45 14.62
CA LEU A 74 -4.06 52.32 14.77
C LEU A 74 -3.97 51.36 13.56
N ILE A 75 -3.70 51.91 12.36
CA ILE A 75 -3.55 51.15 11.12
C ILE A 75 -2.29 50.27 11.22
N GLY A 76 -1.21 50.85 11.76
CA GLY A 76 0.06 50.17 11.98
C GLY A 76 0.00 49.17 13.13
N ALA A 77 -0.82 49.48 14.16
CA ALA A 77 -1.01 48.62 15.34
C ALA A 77 -1.81 47.36 15.01
N VAL A 78 -2.98 47.52 14.36
CA VAL A 78 -3.87 46.41 13.95
C VAL A 78 -3.19 45.59 12.84
N GLY A 79 -2.58 46.29 11.88
CA GLY A 79 -1.85 45.68 10.77
C GLY A 79 -0.63 44.90 11.20
N GLY A 80 0.00 45.36 12.30
CA GLY A 80 1.17 44.74 12.90
C GLY A 80 0.83 43.45 13.62
N ILE A 81 -0.18 43.49 14.50
CA ILE A 81 -0.65 42.32 15.27
C ILE A 81 -1.32 41.29 14.36
N GLY A 82 -1.97 41.77 13.29
CA GLY A 82 -2.64 40.94 12.29
C GLY A 82 -1.66 40.12 11.47
N CYS A 83 -0.50 40.72 11.14
CA CYS A 83 0.58 40.08 10.38
C CYS A 83 1.23 38.95 11.19
N THR A 84 1.36 39.15 12.52
CA THR A 84 1.94 38.19 13.46
C THR A 84 1.11 36.91 13.54
N VAL A 85 -0.24 37.03 13.46
CA VAL A 85 -1.19 35.92 13.48
C VAL A 85 -1.04 35.03 12.23
N PHE A 86 -1.08 35.64 11.04
CA PHE A 86 -0.96 34.95 9.75
C PHE A 86 0.41 34.30 9.53
N ALA A 87 1.48 34.89 10.10
CA ALA A 87 2.84 34.36 9.98
C ALA A 87 3.04 33.14 10.89
N SER A 88 2.47 33.18 12.11
CA SER A 88 2.55 32.10 13.10
C SER A 88 1.71 30.89 12.68
N TYR A 89 0.52 31.14 12.10
CA TYR A 89 -0.41 30.11 11.64
C TYR A 89 0.18 29.31 10.48
N ALA A 90 0.84 29.99 9.53
CA ALA A 90 1.47 29.39 8.36
C ALA A 90 2.72 28.57 8.72
N SER A 91 3.54 29.08 9.66
CA SER A 91 4.77 28.43 10.11
C SER A 91 4.50 27.13 10.89
N GLN A 92 3.46 27.14 11.76
CA GLN A 92 3.05 25.98 12.55
C GLN A 92 2.45 24.89 11.67
N ASN A 93 1.67 25.28 10.64
CA ASN A 93 1.05 24.37 9.67
C ASN A 93 2.10 23.75 8.76
N PHE A 94 3.20 24.48 8.49
CA PHE A 94 4.32 24.02 7.67
C PHE A 94 5.08 22.93 8.43
N GLY A 95 5.20 23.10 9.75
CA GLY A 95 5.87 22.15 10.63
C GLY A 95 5.04 20.91 10.90
N ALA A 96 3.71 21.08 11.10
CA ALA A 96 2.76 20.00 11.37
C ALA A 96 2.59 19.04 10.18
N ASP A 97 2.50 19.60 8.96
CA ASP A 97 2.36 18.81 7.73
C ASP A 97 3.66 18.10 7.33
N LEU A 98 4.82 18.68 7.72
CA LEU A 98 6.14 18.11 7.43
C LEU A 98 6.41 16.89 8.32
N ARG A 99 6.04 16.98 9.62
CA ARG A 99 6.21 15.91 10.62
C ARG A 99 5.51 14.61 10.22
N ARG A 100 4.20 14.70 9.88
CA ARG A 100 3.38 13.55 9.49
C ARG A 100 3.82 12.91 8.16
N ASP A 101 4.38 13.71 7.24
CA ASP A 101 4.88 13.23 5.95
C ASP A 101 6.22 12.52 6.15
N LEU A 102 7.02 12.97 7.15
CA LEU A 102 8.31 12.37 7.51
C LEU A 102 8.08 11.09 8.31
N PHE A 103 7.09 11.10 9.23
CA PHE A 103 6.68 9.99 10.09
C PHE A 103 6.12 8.81 9.29
N ARG A 104 5.44 9.11 8.16
CA ARG A 104 4.85 8.13 7.24
C ARG A 104 5.98 7.31 6.58
N LYS A 105 7.11 7.96 6.24
CA LYS A 105 8.29 7.34 5.65
C LYS A 105 9.14 6.64 6.71
N VAL A 106 8.98 7.02 7.99
CA VAL A 106 9.67 6.42 9.14
C VAL A 106 9.15 4.99 9.34
N LEU A 107 7.80 4.82 9.34
CA LEU A 107 7.09 3.55 9.50
C LEU A 107 7.43 2.50 8.42
N SER A 108 7.84 2.95 7.21
CA SER A 108 8.18 2.09 6.08
C SER A 108 9.60 1.51 6.12
N PHE A 109 10.50 2.09 6.94
CA PHE A 109 11.89 1.63 7.09
C PHE A 109 11.98 0.24 7.72
N SER A 110 13.03 -0.52 7.37
CA SER A 110 13.28 -1.86 7.88
C SER A 110 14.42 -1.84 8.92
N ILE A 111 14.78 -3.01 9.48
CA ILE A 111 15.85 -3.17 10.47
C ILE A 111 17.24 -2.83 9.85
N SER A 112 17.38 -3.01 8.53
CA SER A 112 18.60 -2.70 7.77
C SER A 112 18.79 -1.18 7.63
N ASN A 113 17.67 -0.41 7.67
CA ASN A 113 17.66 1.05 7.57
C ASN A 113 18.12 1.73 8.86
N VAL A 114 18.12 1.00 9.98
CA VAL A 114 18.56 1.46 11.31
C VAL A 114 20.10 1.59 11.29
N ASN A 115 20.78 0.71 10.53
CA ASN A 115 22.25 0.70 10.39
C ASN A 115 22.76 1.93 9.63
N ARG A 116 22.06 2.36 8.56
CA ARG A 116 22.41 3.53 7.75
C ARG A 116 22.13 4.81 8.53
N PHE A 117 20.86 5.00 8.94
CA PHE A 117 20.40 6.15 9.73
C PHE A 117 20.17 5.70 11.16
N HIS A 118 21.06 6.16 12.07
CA HIS A 118 21.11 5.84 13.51
C HIS A 118 19.76 5.89 14.23
N THR A 119 19.56 4.94 15.17
CA THR A 119 18.35 4.74 16.00
C THR A 119 17.99 5.99 16.84
N SER A 120 19.00 6.76 17.26
CA SER A 120 18.84 7.99 18.05
C SER A 120 18.71 9.23 17.17
N SER A 121 19.28 9.19 15.94
CA SER A 121 19.27 10.28 14.97
C SER A 121 17.87 10.62 14.47
N LEU A 122 17.03 9.61 14.22
CA LEU A 122 15.65 9.73 13.73
C LEU A 122 14.78 10.58 14.66
N ILE A 123 14.94 10.40 16.00
CA ILE A 123 14.21 11.11 17.06
C ILE A 123 14.48 12.62 16.97
N THR A 124 15.75 13.01 16.83
CA THR A 124 16.19 14.41 16.69
C THR A 124 15.73 14.99 15.36
N ARG A 125 15.71 14.14 14.31
CA ARG A 125 15.28 14.50 12.95
C ARG A 125 13.79 14.84 12.91
N LEU A 126 12.96 14.12 13.67
CA LEU A 126 11.51 14.34 13.72
C LEU A 126 11.10 15.58 14.53
N THR A 127 12.00 16.12 15.39
CA THR A 127 11.69 17.28 16.22
C THR A 127 12.63 18.48 15.97
N ASN A 128 13.90 18.40 16.45
CA ASN A 128 14.92 19.46 16.34
C ASN A 128 15.14 19.96 14.92
N ASP A 129 15.23 19.04 13.95
CA ASP A 129 15.41 19.38 12.54
C ASP A 129 14.17 20.06 11.94
N VAL A 130 12.98 19.76 12.48
CA VAL A 130 11.71 20.34 12.05
C VAL A 130 11.55 21.74 12.66
N THR A 131 11.83 21.87 13.98
CA THR A 131 11.75 23.12 14.76
C THR A 131 12.72 24.19 14.21
N GLN A 132 13.92 23.78 13.76
CA GLN A 132 14.93 24.67 13.19
C GLN A 132 14.48 25.29 11.87
N LEU A 133 13.82 24.49 11.01
CA LEU A 133 13.30 24.94 9.72
C LEU A 133 11.96 25.68 9.88
N GLN A 134 11.25 25.45 11.01
CA GLN A 134 9.97 26.08 11.34
C GLN A 134 10.14 27.59 11.56
N ASN A 135 11.19 28.00 12.29
CA ASN A 135 11.51 29.39 12.58
C ASN A 135 12.06 30.13 11.36
N LEU A 136 12.64 29.39 10.39
CA LEU A 136 13.20 29.93 9.15
C LEU A 136 12.11 30.53 8.26
N VAL A 137 10.93 29.88 8.21
CA VAL A 137 9.75 30.32 7.44
C VAL A 137 9.23 31.63 8.05
N MET A 138 9.23 31.74 9.39
CA MET A 138 8.82 32.90 10.16
C MET A 138 9.77 34.09 9.88
N MET A 139 11.09 33.81 9.79
CA MET A 139 12.13 34.80 9.51
C MET A 139 12.08 35.29 8.06
N LEU A 140 11.79 34.40 7.11
CA LEU A 140 11.69 34.72 5.68
C LEU A 140 10.45 35.56 5.37
N LEU A 141 9.29 35.21 5.96
CA LEU A 141 8.01 35.91 5.75
C LEU A 141 8.01 37.34 6.30
N ARG A 142 8.78 37.61 7.36
CA ARG A 142 8.87 38.94 7.98
C ARG A 142 9.63 39.95 7.11
N ILE A 143 10.55 39.47 6.24
CA ILE A 143 11.35 40.32 5.34
C ILE A 143 11.20 39.92 3.86
N VAL A 144 10.09 39.23 3.50
CA VAL A 144 9.82 38.80 2.12
C VAL A 144 9.51 40.02 1.21
N VAL A 145 8.84 41.05 1.77
CA VAL A 145 8.50 42.29 1.06
C VAL A 145 9.03 43.52 1.83
N ARG A 146 9.41 43.33 3.12
CA ARG A 146 9.96 44.39 3.98
C ARG A 146 11.37 44.78 3.55
N ALA A 147 12.27 43.78 3.39
CA ALA A 147 13.66 43.99 2.98
C ALA A 147 13.83 44.54 1.54
N PRO A 148 13.16 44.02 0.47
CA PRO A 148 13.36 44.61 -0.86
C PRO A 148 12.73 45.99 -1.08
N LEU A 149 11.75 46.38 -0.23
CA LEU A 149 11.08 47.69 -0.33
C LEU A 149 12.00 48.84 0.12
N LEU A 150 12.80 48.61 1.17
CA LEU A 150 13.75 49.59 1.71
C LEU A 150 15.15 49.48 1.06
N PHE A 151 15.33 48.51 0.15
CA PHE A 151 16.60 48.30 -0.57
C PHE A 151 16.51 48.84 -2.00
N VAL A 152 15.45 48.46 -2.75
CA VAL A 152 15.21 48.91 -4.13
C VAL A 152 14.68 50.36 -4.09
N GLY A 153 13.72 50.62 -3.19
CA GLY A 153 13.12 51.93 -2.99
C GLY A 153 13.95 52.84 -2.10
N GLY A 154 15.02 52.29 -1.51
CA GLY A 154 15.94 53.00 -0.64
C GLY A 154 17.12 53.62 -1.36
N ILE A 155 17.65 52.91 -2.39
CA ILE A 155 18.78 53.37 -3.20
C ILE A 155 18.38 54.57 -4.08
N VAL A 156 17.09 54.64 -4.48
CA VAL A 156 16.51 55.73 -5.29
C VAL A 156 16.55 57.03 -4.47
N MET A 157 16.24 56.92 -3.15
CA MET A 157 16.26 58.04 -2.19
C MET A 157 17.68 58.60 -1.99
N ALA A 158 18.70 57.72 -2.03
CA ALA A 158 20.11 58.09 -1.90
C ALA A 158 20.63 58.84 -3.13
N VAL A 159 20.15 58.44 -4.33
CA VAL A 159 20.52 59.04 -5.62
C VAL A 159 19.79 60.39 -5.79
N SER A 160 18.52 60.48 -5.36
CA SER A 160 17.69 61.70 -5.46
C SER A 160 18.30 62.91 -4.72
N ILE A 161 18.91 62.67 -3.54
CA ILE A 161 19.57 63.71 -2.74
C ILE A 161 20.86 64.16 -3.45
N ASN A 162 21.71 63.18 -3.84
CA ASN A 162 22.96 63.41 -4.58
C ASN A 162 23.32 62.17 -5.40
N VAL A 163 23.41 62.33 -6.74
CA VAL A 163 23.71 61.27 -7.70
C VAL A 163 25.20 60.87 -7.62
N LYS A 164 26.10 61.87 -7.70
CA LYS A 164 27.56 61.70 -7.66
C LYS A 164 28.09 61.16 -6.33
N LEU A 165 27.43 61.49 -5.20
CA LEU A 165 27.81 61.04 -3.86
C LEU A 165 27.37 59.59 -3.60
N SER A 166 26.47 59.05 -4.46
CA SER A 166 25.96 57.67 -4.37
C SER A 166 26.89 56.67 -5.09
N SER A 167 28.08 57.13 -5.54
CA SER A 167 29.09 56.34 -6.25
C SER A 167 30.03 55.58 -5.30
N VAL A 168 30.24 56.10 -4.08
CA VAL A 168 31.12 55.50 -3.05
C VAL A 168 30.58 54.16 -2.50
N LEU A 169 29.24 53.96 -2.59
CA LEU A 169 28.55 52.76 -2.13
C LEU A 169 28.91 51.51 -2.97
N ILE A 170 29.33 51.72 -4.23
CA ILE A 170 29.72 50.64 -5.17
C ILE A 170 31.09 50.05 -4.78
N PHE A 171 32.00 50.88 -4.23
CA PHE A 171 33.34 50.48 -3.80
C PHE A 171 33.35 49.49 -2.61
N LEU A 172 32.34 49.55 -1.74
CA LEU A 172 32.23 48.66 -0.58
C LEU A 172 31.46 47.35 -0.88
N ILE A 173 31.02 47.16 -2.14
CA ILE A 173 30.30 45.96 -2.60
C ILE A 173 31.26 44.74 -2.72
N PRO A 174 32.45 44.81 -3.38
CA PRO A 174 33.33 43.62 -3.47
C PRO A 174 33.66 42.91 -2.15
N PRO A 175 34.03 43.55 -1.00
CA PRO A 175 34.31 42.76 0.21
C PRO A 175 33.05 42.18 0.88
N ILE A 176 31.88 42.84 0.68
CA ILE A 176 30.58 42.42 1.23
C ILE A 176 30.07 41.17 0.48
N VAL A 177 30.09 41.22 -0.87
CA VAL A 177 29.64 40.12 -1.75
C VAL A 177 30.53 38.86 -1.59
N LEU A 178 31.79 39.03 -1.17
CA LEU A 178 32.75 37.95 -0.94
C LEU A 178 32.66 37.40 0.49
N LEU A 179 31.91 38.09 1.38
CA LEU A 179 31.75 37.71 2.79
C LEU A 179 30.59 36.76 3.07
N PHE A 180 29.39 37.03 2.47
CA PHE A 180 28.21 36.19 2.69
C PHE A 180 28.31 34.83 1.99
N VAL A 181 28.95 34.78 0.80
CA VAL A 181 29.17 33.55 0.03
C VAL A 181 30.16 32.64 0.80
N TRP A 182 31.15 33.27 1.48
CA TRP A 182 32.15 32.63 2.33
C TRP A 182 31.47 31.94 3.52
N LEU A 183 30.43 32.57 4.09
CA LEU A 183 29.65 32.03 5.20
C LEU A 183 28.73 30.90 4.70
N THR A 184 28.25 31.01 3.44
CA THR A 184 27.37 30.01 2.80
C THR A 184 28.11 28.70 2.53
N LYS A 185 29.33 28.78 1.95
CA LYS A 185 30.17 27.62 1.63
C LYS A 185 30.69 26.92 2.89
N LYS A 186 31.04 27.68 3.94
CA LYS A 186 31.53 27.16 5.21
C LYS A 186 30.39 26.71 6.14
N GLY A 187 29.17 27.17 5.85
CA GLY A 187 27.97 26.83 6.62
C GLY A 187 27.48 25.41 6.43
N ASN A 188 27.81 24.80 5.28
CA ASN A 188 27.42 23.42 4.95
C ASN A 188 28.16 22.35 5.79
N PRO A 189 29.52 22.29 5.89
CA PRO A 189 30.13 21.21 6.69
C PRO A 189 30.20 21.46 8.19
N LEU A 190 30.34 22.74 8.63
CA LEU A 190 30.44 23.10 10.05
C LEU A 190 29.16 22.87 10.85
N PHE A 191 27.99 23.22 10.27
CA PHE A 191 26.69 23.02 10.92
C PHE A 191 26.20 21.58 10.85
N ARG A 192 26.77 20.77 9.93
CA ARG A 192 26.44 19.35 9.74
C ARG A 192 26.91 18.54 10.96
N LYS A 193 28.09 18.88 11.51
CA LYS A 193 28.68 18.22 12.68
C LYS A 193 27.91 18.52 13.97
N ILE A 194 27.18 19.66 14.03
CA ILE A 194 26.34 20.05 15.17
C ILE A 194 25.13 19.11 15.20
N GLN A 195 24.49 18.90 14.04
CA GLN A 195 23.32 18.03 13.86
C GLN A 195 23.65 16.55 14.11
N GLU A 196 24.93 16.15 13.95
CA GLU A 196 25.41 14.80 14.20
C GLU A 196 25.74 14.62 15.69
N SER A 197 26.25 15.69 16.34
CA SER A 197 26.60 15.71 17.76
C SER A 197 25.35 15.72 18.66
N THR A 198 24.21 16.24 18.15
CA THR A 198 22.93 16.26 18.85
C THR A 198 22.38 14.83 18.94
N ASP A 199 22.70 14.00 17.93
CA ASP A 199 22.30 12.59 17.86
C ASP A 199 23.20 11.77 18.80
N GLU A 200 24.45 12.24 19.02
CA GLU A 200 25.42 11.59 19.89
C GLU A 200 25.02 11.75 21.36
N VAL A 201 24.53 12.95 21.76
CA VAL A 201 24.05 13.21 23.12
C VAL A 201 22.68 12.55 23.33
N ASN A 202 21.95 12.30 22.23
CA ASN A 202 20.65 11.63 22.19
C ASN A 202 20.88 10.12 22.40
N ARG A 203 22.01 9.60 21.91
CA ARG A 203 22.39 8.18 21.99
C ARG A 203 22.72 7.73 23.42
N VAL A 204 23.62 8.46 24.11
CA VAL A 204 24.05 8.16 25.48
C VAL A 204 22.88 8.24 26.48
N VAL A 205 21.98 9.21 26.32
CA VAL A 205 20.81 9.36 27.20
C VAL A 205 19.82 8.20 26.97
N ARG A 206 19.65 7.77 25.71
CA ARG A 206 18.77 6.65 25.34
C ARG A 206 19.34 5.31 25.81
N GLU A 207 20.67 5.12 25.70
CA GLU A 207 21.38 3.90 26.12
C GLU A 207 21.25 3.71 27.63
N ASN A 208 21.27 4.81 28.40
CA ASN A 208 21.12 4.81 29.86
C ASN A 208 19.66 4.53 30.24
N LEU A 209 18.70 5.14 29.53
CA LEU A 209 17.26 4.98 29.74
C LEU A 209 16.85 3.53 29.46
N LEU A 210 17.07 3.06 28.21
CA LEU A 210 16.74 1.70 27.79
C LEU A 210 17.77 0.73 28.38
N GLY A 211 17.42 0.15 29.52
CA GLY A 211 18.25 -0.80 30.24
C GLY A 211 19.05 -0.18 31.38
N VAL A 212 18.36 0.59 32.23
CA VAL A 212 18.95 1.24 33.42
C VAL A 212 19.32 0.20 34.50
N ARG A 213 18.62 -0.96 34.49
CA ARG A 213 18.82 -2.09 35.39
C ARG A 213 20.19 -2.72 35.17
N VAL A 214 20.64 -2.80 33.90
CA VAL A 214 21.93 -3.35 33.50
C VAL A 214 23.07 -2.42 33.92
N VAL A 215 22.87 -1.09 33.78
CA VAL A 215 23.83 -0.03 34.13
C VAL A 215 24.21 -0.08 35.62
N ARG A 216 23.21 -0.14 36.51
CA ARG A 216 23.39 -0.19 37.97
C ARG A 216 23.94 -1.52 38.48
N ALA A 217 23.69 -2.62 37.74
CA ALA A 217 24.12 -3.99 38.06
C ALA A 217 25.63 -4.18 38.04
N PHE A 218 26.35 -3.39 37.21
CA PHE A 218 27.80 -3.50 37.08
C PHE A 218 28.55 -2.23 37.48
N ARG A 219 27.81 -1.28 38.12
CA ARG A 219 28.30 0.02 38.64
C ARG A 219 29.06 0.87 37.60
N ARG A 220 28.69 0.73 36.32
CA ARG A 220 29.30 1.48 35.23
C ARG A 220 28.54 2.77 34.91
N GLU A 221 27.94 3.37 35.97
CA GLU A 221 27.19 4.64 35.91
C GLU A 221 28.21 5.76 35.70
N GLU A 222 29.41 5.61 36.30
CA GLU A 222 30.55 6.51 36.20
C GLU A 222 31.12 6.45 34.78
N TYR A 223 31.09 5.25 34.17
CA TYR A 223 31.53 4.98 32.79
C TYR A 223 30.56 5.65 31.82
N GLU A 224 29.24 5.60 32.15
CA GLU A 224 28.19 6.23 31.36
C GLU A 224 28.19 7.75 31.57
N ASN A 225 28.70 8.19 32.74
CA ASN A 225 28.84 9.60 33.11
C ASN A 225 29.92 10.25 32.23
N GLU A 226 31.00 9.48 31.94
CA GLU A 226 32.12 9.90 31.09
C GLU A 226 31.68 9.99 29.62
N ASN A 227 30.92 8.97 29.14
CA ASN A 227 30.40 8.88 27.78
C ASN A 227 29.53 10.07 27.40
N PHE A 228 28.65 10.50 28.32
CA PHE A 228 27.77 11.65 28.12
C PHE A 228 28.58 12.95 28.16
N ARG A 229 29.56 13.05 29.10
CA ARG A 229 30.43 14.20 29.26
C ARG A 229 31.28 14.43 28.00
N LYS A 230 31.85 13.34 27.45
CA LYS A 230 32.66 13.36 26.24
C LYS A 230 31.83 13.73 25.01
N ALA A 231 30.57 13.27 24.95
CA ALA A 231 29.63 13.58 23.86
C ALA A 231 29.16 15.03 23.99
N ASN A 232 29.02 15.53 25.24
CA ASN A 232 28.60 16.90 25.57
C ASN A 232 29.72 17.89 25.21
N GLU A 233 30.99 17.48 25.47
CA GLU A 233 32.19 18.27 25.15
C GLU A 233 32.36 18.36 23.64
N SER A 234 32.04 17.27 22.92
CA SER A 234 32.10 17.18 21.45
C SER A 234 31.01 18.04 20.82
N LEU A 235 29.84 18.15 21.50
CA LEU A 235 28.70 18.95 21.06
C LEU A 235 28.98 20.44 21.19
N ARG A 236 29.46 20.90 22.37
CA ARG A 236 29.77 22.31 22.61
C ARG A 236 30.93 22.84 21.75
N ARG A 237 31.92 21.96 21.43
CA ARG A 237 33.07 22.31 20.58
C ARG A 237 32.64 22.45 19.12
N SER A 238 31.66 21.64 18.67
CA SER A 238 31.12 21.67 17.32
C SER A 238 30.27 22.93 17.09
N ILE A 239 29.56 23.38 18.14
CA ILE A 239 28.71 24.58 18.11
C ILE A 239 29.56 25.85 18.02
N ILE A 240 30.56 26.00 18.92
CA ILE A 240 31.44 27.17 18.96
C ILE A 240 32.27 27.34 17.67
N SER A 241 32.66 26.23 17.01
CA SER A 241 33.44 26.25 15.76
C SER A 241 32.70 26.91 14.60
N ALA A 242 31.37 26.71 14.52
CA ALA A 242 30.52 27.29 13.47
C ALA A 242 30.05 28.68 13.89
N PHE A 243 29.79 28.89 15.19
CA PHE A 243 29.34 30.17 15.74
C PHE A 243 30.47 31.20 15.85
N SER A 244 31.74 30.75 15.80
CA SER A 244 32.92 31.62 15.83
C SER A 244 32.98 32.43 14.52
N LEU A 245 32.55 31.80 13.41
CA LEU A 245 32.49 32.38 12.07
C LEU A 245 31.44 33.51 12.04
N ILE A 246 30.36 33.35 12.84
CA ILE A 246 29.26 34.32 12.96
C ILE A 246 29.73 35.58 13.71
N VAL A 247 30.36 35.41 14.90
CA VAL A 247 30.86 36.52 15.73
C VAL A 247 32.11 37.20 15.14
N PHE A 248 32.61 36.70 13.99
CA PHE A 248 33.76 37.26 13.27
C PHE A 248 33.31 38.01 12.02
N ALA A 249 32.33 37.45 11.28
CA ALA A 249 31.79 38.05 10.06
C ALA A 249 30.92 39.27 10.35
N LEU A 250 30.12 39.22 11.45
CA LEU A 250 29.21 40.30 11.86
C LEU A 250 29.94 41.65 12.14
N PRO A 251 31.01 41.74 12.98
CA PRO A 251 31.67 43.05 13.17
C PRO A 251 32.47 43.49 11.96
N LEU A 252 32.96 42.53 11.15
CA LEU A 252 33.72 42.78 9.92
C LEU A 252 32.80 43.29 8.82
N PHE A 253 31.50 42.89 8.84
CA PHE A 253 30.47 43.32 7.89
C PHE A 253 30.20 44.82 8.09
N ILE A 254 30.23 45.28 9.36
CA ILE A 254 30.04 46.68 9.74
C ILE A 254 31.31 47.46 9.34
N PHE A 255 32.51 46.87 9.56
CA PHE A 255 33.81 47.45 9.25
C PHE A 255 33.97 47.88 7.77
N ILE A 256 33.36 47.14 6.83
CA ILE A 256 33.39 47.44 5.40
C ILE A 256 32.57 48.70 5.10
N VAL A 257 31.34 48.79 5.68
CA VAL A 257 30.47 49.96 5.51
C VAL A 257 31.01 51.16 6.35
N ASN A 258 31.85 50.88 7.38
CA ASN A 258 32.49 51.90 8.22
C ASN A 258 33.56 52.63 7.43
N MET A 259 34.23 51.92 6.49
CA MET A 259 35.24 52.46 5.58
C MET A 259 34.58 53.41 4.58
N GLY A 260 33.35 53.07 4.18
CA GLY A 260 32.53 53.86 3.28
C GLY A 260 32.03 55.14 3.92
N MET A 261 31.85 55.13 5.27
CA MET A 261 31.42 56.29 6.06
C MET A 261 32.52 57.36 6.04
N ILE A 262 33.80 56.94 6.12
CA ILE A 262 34.97 57.81 6.07
C ILE A 262 35.14 58.31 4.62
N ALA A 263 34.81 57.46 3.64
CA ALA A 263 34.89 57.75 2.21
C ALA A 263 33.94 58.87 1.74
N VAL A 264 32.81 59.08 2.45
CA VAL A 264 31.81 60.13 2.15
C VAL A 264 32.44 61.52 2.34
N LEU A 265 33.20 61.72 3.44
CA LEU A 265 33.89 62.97 3.77
C LEU A 265 35.09 63.20 2.82
N TRP A 266 35.74 62.10 2.40
CA TRP A 266 36.89 62.08 1.50
C TRP A 266 36.48 62.46 0.06
N PHE A 267 35.26 62.06 -0.36
CA PHE A 267 34.70 62.31 -1.69
C PHE A 267 33.91 63.64 -1.75
N GLY A 268 33.12 63.90 -0.70
CA GLY A 268 32.29 65.10 -0.57
C GLY A 268 33.05 66.40 -0.48
N GLY A 269 34.26 66.35 0.07
CA GLY A 269 35.15 67.50 0.22
C GLY A 269 35.67 68.01 -1.11
N VAL A 270 35.97 67.07 -2.04
CA VAL A 270 36.46 67.34 -3.40
C VAL A 270 35.25 67.74 -4.28
N LEU A 271 34.07 67.20 -3.96
CA LEU A 271 32.80 67.43 -4.65
C LEU A 271 32.33 68.89 -4.54
N VAL A 272 32.30 69.45 -3.31
CA VAL A 272 31.87 70.82 -3.06
C VAL A 272 33.07 71.74 -2.81
N ARG A 273 33.33 72.64 -3.78
CA ARG A 273 34.42 73.63 -3.76
C ARG A 273 33.95 74.96 -4.36
N ASN A 274 33.12 74.90 -5.42
CA ASN A 274 32.56 76.06 -6.12
C ASN A 274 31.03 76.01 -6.27
N ASN A 275 30.42 74.81 -6.12
CA ASN A 275 28.99 74.57 -6.25
C ASN A 275 28.16 75.35 -5.21
N GLN A 276 28.50 75.19 -3.91
CA GLN A 276 27.88 75.84 -2.74
C GLN A 276 26.36 75.52 -2.55
N MET A 277 25.84 74.53 -3.31
CA MET A 277 24.44 74.08 -3.26
C MET A 277 24.34 72.65 -2.72
N GLU A 278 25.32 71.80 -3.08
CA GLU A 278 25.41 70.39 -2.69
C GLU A 278 26.05 70.17 -1.30
N ILE A 279 26.00 71.20 -0.41
CA ILE A 279 26.55 71.11 0.94
C ILE A 279 25.61 70.28 1.84
N GLY A 280 24.31 70.58 1.77
CA GLY A 280 23.27 69.90 2.53
C GLY A 280 23.00 68.48 2.09
N SER A 281 23.38 68.14 0.83
CA SER A 281 23.22 66.81 0.26
C SER A 281 24.12 65.77 0.91
N ILE A 282 25.32 66.19 1.37
CA ILE A 282 26.28 65.32 2.08
C ILE A 282 25.76 65.10 3.52
N MET A 283 25.09 66.12 4.08
CA MET A 283 24.51 66.13 5.42
C MET A 283 23.32 65.16 5.53
N ALA A 284 22.41 65.19 4.53
CA ALA A 284 21.22 64.32 4.47
C ALA A 284 21.59 62.86 4.19
N TYR A 285 22.72 62.63 3.50
CA TYR A 285 23.24 61.31 3.14
C TYR A 285 23.80 60.59 4.38
N THR A 286 24.56 61.31 5.23
CA THR A 286 25.17 60.80 6.46
C THR A 286 24.14 60.41 7.53
N ASN A 287 23.03 61.17 7.64
CA ASN A 287 21.95 60.92 8.58
C ASN A 287 21.12 59.71 8.15
N TYR A 288 20.96 59.51 6.83
CA TYR A 288 20.22 58.38 6.24
C TYR A 288 21.03 57.08 6.35
N LEU A 289 22.37 57.19 6.51
CA LEU A 289 23.29 56.05 6.64
C LEU A 289 23.09 55.28 7.96
N MET A 290 22.48 55.92 8.98
CA MET A 290 22.17 55.32 10.28
C MET A 290 21.11 54.22 10.14
N GLN A 291 20.16 54.39 9.19
CA GLN A 291 19.11 53.41 8.89
C GLN A 291 19.72 52.21 8.17
N ILE A 292 20.76 52.45 7.34
CA ILE A 292 21.47 51.43 6.57
C ILE A 292 22.36 50.56 7.48
N MET A 293 23.10 51.20 8.42
CA MET A 293 23.99 50.53 9.39
C MET A 293 23.29 49.49 10.25
N PHE A 294 22.08 49.81 10.76
CA PHE A 294 21.29 48.91 11.60
C PHE A 294 20.57 47.81 10.81
N SER A 295 20.19 48.09 9.54
CA SER A 295 19.50 47.14 8.67
C SER A 295 20.41 45.98 8.22
N LEU A 296 21.71 46.26 7.99
CA LEU A 296 22.70 45.27 7.57
C LEU A 296 22.98 44.22 8.66
N MET A 297 22.85 44.61 9.94
CA MET A 297 23.02 43.74 11.11
C MET A 297 21.85 42.77 11.20
N MET A 298 20.64 43.24 10.83
CA MET A 298 19.39 42.46 10.82
C MET A 298 19.45 41.38 9.74
N ILE A 299 19.84 41.74 8.50
CA ILE A 299 19.98 40.83 7.35
C ILE A 299 21.09 39.80 7.62
N GLY A 300 22.19 40.26 8.25
CA GLY A 300 23.34 39.43 8.62
C GLY A 300 22.98 38.36 9.64
N ASN A 301 22.01 38.67 10.53
CA ASN A 301 21.51 37.76 11.56
C ASN A 301 20.67 36.63 10.93
N ILE A 302 19.85 36.96 9.90
CA ILE A 302 19.00 36.01 9.16
C ILE A 302 19.87 35.00 8.39
N LEU A 303 20.97 35.48 7.78
CA LEU A 303 21.93 34.68 7.02
C LEU A 303 22.57 33.56 7.86
N ASN A 304 22.73 33.81 9.17
CA ASN A 304 23.29 32.85 10.14
C ASN A 304 22.30 31.72 10.42
N PHE A 305 20.97 32.02 10.32
CA PHE A 305 19.90 31.04 10.52
C PHE A 305 19.71 30.16 9.28
N ILE A 306 20.01 30.70 8.08
CA ILE A 306 19.91 30.00 6.79
C ILE A 306 20.97 28.88 6.72
N VAL A 307 22.23 29.19 7.08
CA VAL A 307 23.34 28.23 7.10
C VAL A 307 23.16 27.18 8.22
N ARG A 308 22.37 27.54 9.25
CA ARG A 308 22.04 26.66 10.38
C ARG A 308 20.94 25.67 9.94
N ALA A 309 19.98 26.15 9.14
CA ALA A 309 18.86 25.36 8.62
C ALA A 309 19.23 24.56 7.36
N SER A 310 20.34 24.94 6.68
CA SER A 310 20.82 24.27 5.46
C SER A 310 21.24 22.83 5.75
N ALA A 311 21.91 22.59 6.89
CA ALA A 311 22.34 21.27 7.34
C ALA A 311 21.13 20.45 7.79
N SER A 312 20.09 21.12 8.34
CA SER A 312 18.84 20.53 8.80
C SER A 312 17.97 20.09 7.62
N ALA A 313 17.91 20.92 6.56
CA ALA A 313 17.14 20.65 5.34
C ALA A 313 17.69 19.43 4.58
N LYS A 314 19.03 19.23 4.64
CA LYS A 314 19.74 18.10 4.02
C LYS A 314 19.33 16.78 4.68
N ARG A 315 19.12 16.79 6.01
CA ARG A 315 18.71 15.64 6.79
C ARG A 315 17.24 15.27 6.56
N VAL A 316 16.37 16.28 6.37
CA VAL A 316 14.93 16.10 6.11
C VAL A 316 14.73 15.49 4.71
N LEU A 317 15.46 16.03 3.70
CA LEU A 317 15.40 15.57 2.31
C LEU A 317 15.92 14.15 2.08
N GLU A 318 16.89 13.68 2.91
CA GLU A 318 17.46 12.33 2.76
C GLU A 318 16.60 11.23 3.44
N VAL A 319 15.34 11.57 3.77
CA VAL A 319 14.36 10.64 4.35
C VAL A 319 13.50 10.08 3.20
N LEU A 320 12.98 10.99 2.34
CA LEU A 320 12.16 10.65 1.17
C LEU A 320 13.01 10.01 0.06
N ASN A 321 14.26 10.48 -0.11
CA ASN A 321 15.22 9.98 -1.10
C ASN A 321 15.69 8.55 -0.78
N GLU A 322 15.78 8.22 0.52
CA GLU A 322 16.18 6.89 1.00
C GLU A 322 15.04 5.89 0.76
N LYS A 323 15.23 5.03 -0.26
CA LYS A 323 14.25 4.01 -0.65
C LYS A 323 14.23 2.86 0.37
N PRO A 324 13.06 2.53 0.97
CA PRO A 324 13.02 1.42 1.94
C PRO A 324 13.18 0.06 1.26
N ALA A 325 13.66 -0.94 2.01
CA ALA A 325 13.88 -2.31 1.53
C ALA A 325 12.61 -3.01 1.08
N ILE A 326 11.46 -2.71 1.73
CA ILE A 326 10.16 -3.30 1.43
C ILE A 326 9.13 -2.21 1.12
N GLU A 327 8.54 -2.29 -0.08
CA GLU A 327 7.50 -1.36 -0.58
C GLU A 327 6.45 -2.11 -1.41
N GLU A 328 5.30 -1.47 -1.67
CA GLU A 328 4.20 -2.03 -2.47
C GLU A 328 4.62 -2.15 -3.94
N ALA A 329 4.36 -3.32 -4.55
CA ALA A 329 4.70 -3.64 -5.94
C ALA A 329 3.91 -2.81 -6.96
N ASP A 330 4.47 -2.65 -8.16
CA ASP A 330 3.87 -1.90 -9.26
C ASP A 330 2.72 -2.69 -9.89
N ASN A 331 2.89 -4.03 -10.02
CA ASN A 331 1.90 -4.95 -10.58
C ASN A 331 1.16 -5.72 -9.47
N ALA A 332 0.94 -5.04 -8.32
CA ALA A 332 0.27 -5.60 -7.13
C ALA A 332 -1.22 -5.85 -7.31
N LEU A 333 -1.72 -6.94 -6.71
CA LEU A 333 -3.13 -7.35 -6.74
C LEU A 333 -3.63 -7.64 -5.33
N ALA A 334 -4.85 -7.19 -5.00
CA ALA A 334 -5.48 -7.38 -3.69
C ALA A 334 -5.94 -8.83 -3.51
N LEU A 335 -5.49 -9.47 -2.42
CA LEU A 335 -5.83 -10.85 -2.07
C LEU A 335 -6.58 -10.89 -0.73
N PRO A 336 -7.94 -10.70 -0.73
CA PRO A 336 -8.68 -10.71 0.54
C PRO A 336 -8.80 -12.10 1.18
N ASN A 337 -9.13 -13.13 0.37
CA ASN A 337 -9.27 -14.50 0.86
C ASN A 337 -7.97 -15.27 0.76
N VAL A 338 -7.49 -15.79 1.92
CA VAL A 338 -6.26 -16.57 2.04
C VAL A 338 -6.63 -17.97 2.56
N GLU A 339 -6.24 -19.04 1.83
CA GLU A 339 -6.53 -20.41 2.23
C GLU A 339 -5.54 -20.96 3.25
N GLY A 340 -4.26 -20.58 3.12
CA GLY A 340 -3.18 -21.00 4.00
C GLY A 340 -2.09 -21.82 3.37
N SER A 341 -1.89 -21.66 2.04
CA SER A 341 -0.86 -22.38 1.28
C SER A 341 0.48 -21.65 1.36
N VAL A 342 1.48 -22.30 1.97
CA VAL A 342 2.84 -21.76 2.14
C VAL A 342 3.84 -22.66 1.41
N SER A 343 4.71 -22.05 0.59
CA SER A 343 5.74 -22.76 -0.18
C SER A 343 7.06 -22.00 -0.21
N PHE A 344 8.19 -22.73 -0.37
CA PHE A 344 9.54 -22.18 -0.44
C PHE A 344 10.31 -22.83 -1.58
N GLU A 345 10.75 -22.01 -2.55
CA GLU A 345 11.51 -22.46 -3.72
C GLU A 345 12.89 -21.79 -3.75
N ASN A 346 13.96 -22.61 -3.77
CA ASN A 346 15.40 -22.25 -3.83
C ASN A 346 15.75 -20.95 -3.06
N VAL A 347 15.13 -20.77 -1.87
CA VAL A 347 15.28 -19.61 -0.99
C VAL A 347 16.72 -19.46 -0.48
N GLU A 348 17.33 -18.30 -0.78
CA GLU A 348 18.69 -17.92 -0.40
C GLU A 348 18.68 -16.44 0.02
N PHE A 349 19.01 -16.17 1.29
CA PHE A 349 18.99 -14.81 1.84
C PHE A 349 20.27 -14.42 2.61
N ARG A 350 20.63 -13.14 2.51
CA ARG A 350 21.77 -12.51 3.18
C ARG A 350 21.28 -11.15 3.69
N TYR A 351 21.36 -10.94 5.03
CA TYR A 351 20.91 -9.71 5.71
C TYR A 351 21.51 -8.42 5.17
N PHE A 352 22.83 -8.40 4.91
CA PHE A 352 23.56 -7.24 4.39
C PHE A 352 24.55 -7.65 3.27
N GLU A 353 25.34 -6.71 2.76
CA GLU A 353 26.32 -6.99 1.70
C GLU A 353 27.55 -7.75 2.19
N ASN A 354 28.09 -7.36 3.36
CA ASN A 354 29.29 -7.96 3.96
C ASN A 354 29.00 -9.21 4.84
N THR A 355 27.71 -9.54 5.05
CA THR A 355 27.29 -10.69 5.87
C THR A 355 27.42 -12.03 5.15
N ASP A 356 27.64 -13.11 5.93
CA ASP A 356 27.76 -14.50 5.48
C ASP A 356 26.39 -15.08 5.05
N PRO A 357 26.33 -16.19 4.25
CA PRO A 357 25.01 -16.73 3.87
C PRO A 357 24.14 -17.17 5.04
N VAL A 358 23.11 -16.36 5.34
CA VAL A 358 22.14 -16.56 6.43
C VAL A 358 21.31 -17.83 6.14
N LEU A 359 20.73 -17.90 4.93
CA LEU A 359 19.92 -19.02 4.46
C LEU A 359 20.40 -19.40 3.05
N SER A 360 20.58 -20.72 2.80
CA SER A 360 21.03 -21.22 1.50
C SER A 360 20.51 -22.62 1.20
N GLY A 361 19.85 -22.77 0.04
CA GLY A 361 19.28 -24.02 -0.42
C GLY A 361 18.08 -24.49 0.38
N VAL A 362 17.06 -23.62 0.49
CA VAL A 362 15.82 -23.92 1.21
C VAL A 362 14.74 -24.36 0.22
N ASN A 363 14.27 -25.62 0.34
CA ASN A 363 13.26 -26.19 -0.54
C ASN A 363 12.28 -27.11 0.23
N PHE A 364 11.12 -26.55 0.62
CA PHE A 364 10.06 -27.26 1.34
C PHE A 364 8.69 -26.60 1.16
N SER A 365 7.62 -27.42 1.15
CA SER A 365 6.24 -26.96 0.99
C SER A 365 5.40 -27.30 2.23
N VAL A 366 4.61 -26.33 2.71
CA VAL A 366 3.76 -26.47 3.88
C VAL A 366 2.33 -26.81 3.45
N LYS A 367 1.71 -27.81 4.10
CA LYS A 367 0.33 -28.24 3.84
C LYS A 367 -0.64 -27.12 4.25
N PRO A 368 -1.69 -26.84 3.44
CA PRO A 368 -2.65 -25.78 3.83
C PRO A 368 -3.57 -26.26 4.95
N GLY A 369 -3.43 -25.64 6.11
CA GLY A 369 -4.19 -25.96 7.31
C GLY A 369 -3.57 -27.08 8.13
N SER A 370 -2.28 -26.91 8.48
CA SER A 370 -1.51 -27.89 9.26
C SER A 370 -0.57 -27.22 10.26
N LEU A 371 -0.42 -27.83 11.44
CA LEU A 371 0.48 -27.34 12.50
C LEU A 371 1.89 -27.86 12.22
N VAL A 372 2.79 -26.95 11.80
CA VAL A 372 4.19 -27.29 11.44
C VAL A 372 5.17 -26.68 12.44
N ALA A 373 6.04 -27.53 13.02
CA ALA A 373 7.06 -27.13 13.99
C ALA A 373 8.42 -26.89 13.33
N VAL A 374 9.15 -25.87 13.80
CA VAL A 374 10.48 -25.51 13.29
C VAL A 374 11.52 -25.72 14.41
N LEU A 375 12.54 -26.54 14.13
CA LEU A 375 13.61 -26.86 15.08
C LEU A 375 15.02 -26.69 14.50
N GLY A 376 15.96 -26.39 15.39
CA GLY A 376 17.37 -26.16 15.08
C GLY A 376 18.11 -25.49 16.22
N GLU A 377 19.45 -25.47 16.14
CA GLU A 377 20.29 -24.85 17.17
C GLU A 377 20.35 -23.31 17.07
N THR A 378 20.98 -22.66 18.08
CA THR A 378 21.15 -21.21 18.19
C THR A 378 21.98 -20.67 17.02
N GLY A 379 21.39 -19.74 16.26
CA GLY A 379 22.02 -19.12 15.10
C GLY A 379 22.10 -20.02 13.89
N SER A 380 20.95 -20.57 13.46
CA SER A 380 20.85 -21.45 12.29
C SER A 380 20.03 -20.81 11.15
N GLY A 381 18.84 -20.34 11.48
CA GLY A 381 17.94 -19.68 10.53
C GLY A 381 16.47 -20.07 10.67
N LYS A 382 15.91 -19.92 11.88
CA LYS A 382 14.51 -20.23 12.17
C LYS A 382 13.65 -18.96 12.14
N SER A 383 14.07 -17.91 12.87
CA SER A 383 13.39 -16.61 12.97
C SER A 383 13.44 -15.83 11.65
N THR A 384 14.59 -15.87 10.95
CA THR A 384 14.80 -15.20 9.66
C THR A 384 13.90 -15.80 8.57
N LEU A 385 13.73 -17.15 8.59
CA LEU A 385 12.90 -17.88 7.63
C LEU A 385 11.40 -17.55 7.79
N MET A 386 10.93 -17.40 9.05
CA MET A 386 9.53 -17.08 9.38
C MET A 386 9.11 -15.67 8.94
N ASN A 387 10.08 -14.73 8.82
CA ASN A 387 9.84 -13.34 8.41
C ASN A 387 9.47 -13.22 6.92
N LEU A 388 9.88 -14.20 6.10
CA LEU A 388 9.61 -14.25 4.65
C LEU A 388 8.14 -14.50 4.30
N ILE A 389 7.35 -15.10 5.23
CA ILE A 389 5.94 -15.41 5.04
C ILE A 389 5.06 -14.13 5.01
N PRO A 390 5.01 -13.25 6.05
CA PRO A 390 4.15 -12.05 5.94
C PRO A 390 4.86 -10.83 5.33
N ARG A 391 5.94 -11.08 4.55
CA ARG A 391 6.78 -10.10 3.84
C ARG A 391 7.41 -9.07 4.80
N LEU A 392 8.62 -9.40 5.30
CA LEU A 392 9.39 -8.55 6.21
C LEU A 392 10.83 -8.39 5.74
N ILE A 393 11.29 -9.26 4.81
CA ILE A 393 12.62 -9.27 4.19
C ILE A 393 12.54 -9.87 2.78
N ASP A 394 13.19 -9.21 1.79
CA ASP A 394 13.22 -9.66 0.40
C ASP A 394 14.47 -10.53 0.13
N PRO A 395 14.29 -11.78 -0.38
CA PRO A 395 15.49 -12.63 -0.62
C PRO A 395 16.28 -12.24 -1.86
N GLU A 396 17.61 -12.42 -1.81
CA GLU A 396 18.53 -12.12 -2.90
C GLU A 396 18.39 -13.13 -4.04
N ARG A 397 18.12 -14.41 -3.70
CA ARG A 397 17.91 -15.51 -4.65
C ARG A 397 16.76 -16.39 -4.18
N GLY A 398 15.88 -16.77 -5.10
CA GLY A 398 14.72 -17.60 -4.80
C GLY A 398 13.47 -16.83 -4.46
N ARG A 399 12.31 -17.49 -4.54
CA ARG A 399 11.00 -16.88 -4.28
C ARG A 399 10.19 -17.59 -3.20
N VAL A 400 9.33 -16.82 -2.53
CA VAL A 400 8.41 -17.29 -1.48
C VAL A 400 7.01 -17.28 -2.10
N GLU A 401 6.25 -18.39 -1.93
CA GLU A 401 4.92 -18.51 -2.51
C GLU A 401 3.83 -18.66 -1.44
N VAL A 402 2.81 -17.80 -1.51
CA VAL A 402 1.65 -17.79 -0.63
C VAL A 402 0.38 -17.73 -1.49
N ASP A 403 -0.47 -18.79 -1.40
CA ASP A 403 -1.73 -18.98 -2.13
C ASP A 403 -1.54 -18.99 -3.66
N GLU A 404 -0.86 -20.05 -4.17
CA GLU A 404 -0.55 -20.35 -5.59
C GLU A 404 0.38 -19.33 -6.28
N LEU A 405 0.43 -18.06 -5.82
CA LEU A 405 1.25 -17.00 -6.41
C LEU A 405 2.36 -16.50 -5.46
N ASP A 406 3.23 -15.60 -5.97
CA ASP A 406 4.35 -14.98 -5.24
C ASP A 406 3.84 -14.03 -4.14
N VAL A 407 4.67 -13.81 -3.10
CA VAL A 407 4.36 -12.93 -1.97
C VAL A 407 4.50 -11.45 -2.38
N ARG A 408 5.63 -11.10 -3.02
CA ARG A 408 5.99 -9.76 -3.48
C ARG A 408 4.95 -9.10 -4.40
N THR A 409 4.34 -9.89 -5.32
CA THR A 409 3.34 -9.41 -6.29
C THR A 409 1.94 -9.20 -5.67
N VAL A 410 1.78 -9.49 -4.37
CA VAL A 410 0.52 -9.32 -3.62
C VAL A 410 0.60 -8.06 -2.74
N LYS A 411 -0.50 -7.27 -2.71
CA LYS A 411 -0.63 -6.04 -1.93
C LYS A 411 -0.35 -6.28 -0.44
N LEU A 412 0.38 -5.34 0.19
CA LEU A 412 0.76 -5.42 1.61
C LEU A 412 -0.41 -5.31 2.59
N LYS A 413 -1.43 -4.49 2.26
CA LYS A 413 -2.63 -4.28 3.09
C LYS A 413 -3.50 -5.54 3.20
N ASP A 414 -3.52 -6.38 2.16
CA ASP A 414 -4.28 -7.63 2.10
C ASP A 414 -3.50 -8.80 2.72
N LEU A 415 -2.18 -8.88 2.42
CA LEU A 415 -1.27 -9.94 2.90
C LEU A 415 -1.07 -9.86 4.42
N ARG A 416 -0.58 -8.71 4.92
CA ARG A 416 -0.35 -8.48 6.34
C ARG A 416 -1.66 -8.36 7.13
N GLY A 417 -2.71 -7.88 6.46
CA GLY A 417 -4.05 -7.72 7.02
C GLY A 417 -4.82 -9.01 7.23
N HIS A 418 -4.20 -10.15 6.89
CA HIS A 418 -4.78 -11.49 7.03
C HIS A 418 -3.79 -12.49 7.64
N ILE A 419 -2.48 -12.16 7.62
CA ILE A 419 -1.40 -13.00 8.18
C ILE A 419 -0.78 -12.28 9.38
N SER A 420 -1.01 -12.80 10.59
CA SER A 420 -0.49 -12.26 11.86
C SER A 420 0.62 -13.13 12.42
N ALA A 421 1.71 -12.50 12.89
CA ALA A 421 2.88 -13.18 13.47
C ALA A 421 3.25 -12.66 14.85
N VAL A 422 3.71 -13.56 15.73
CA VAL A 422 4.15 -13.23 17.09
C VAL A 422 5.70 -13.35 17.14
N PRO A 423 6.43 -12.28 17.54
CA PRO A 423 7.90 -12.38 17.55
C PRO A 423 8.50 -13.04 18.79
N GLN A 424 9.81 -13.38 18.70
CA GLN A 424 10.60 -13.99 19.79
C GLN A 424 10.68 -13.01 20.96
N GLU A 425 11.04 -11.74 20.67
CA GLU A 425 11.12 -10.66 21.65
C GLU A 425 9.73 -10.03 21.69
N THR A 426 8.97 -10.30 22.76
CA THR A 426 7.60 -9.78 22.93
C THR A 426 7.59 -8.31 23.29
N VAL A 427 6.90 -7.50 22.47
CA VAL A 427 6.76 -6.05 22.63
C VAL A 427 5.33 -5.71 23.08
N LEU A 428 5.22 -5.04 24.25
CA LEU A 428 3.94 -4.63 24.82
C LEU A 428 3.90 -3.09 24.88
N PHE A 429 3.18 -2.49 23.93
CA PHE A 429 3.03 -1.03 23.80
C PHE A 429 2.21 -0.43 24.94
N SER A 430 2.41 0.87 25.21
CA SER A 430 1.73 1.62 26.26
C SER A 430 0.22 1.80 26.01
N GLY A 431 -0.53 2.01 27.09
CA GLY A 431 -1.98 2.21 27.06
C GLY A 431 -2.74 1.36 28.05
N THR A 432 -3.66 0.52 27.54
CA THR A 432 -4.50 -0.40 28.33
C THR A 432 -4.50 -1.81 27.71
N ILE A 433 -4.93 -2.83 28.49
CA ILE A 433 -5.00 -4.23 28.06
C ILE A 433 -6.00 -4.37 26.90
N LYS A 434 -7.16 -3.68 27.01
CA LYS A 434 -8.22 -3.67 25.99
C LYS A 434 -7.71 -3.07 24.67
N GLU A 435 -6.88 -2.01 24.75
CA GLU A 435 -6.28 -1.34 23.59
C GLU A 435 -5.19 -2.21 22.97
N ASN A 436 -4.42 -2.93 23.80
CA ASN A 436 -3.34 -3.82 23.36
C ASN A 436 -3.87 -5.04 22.62
N LEU A 437 -4.98 -5.64 23.10
CA LEU A 437 -5.60 -6.80 22.47
C LEU A 437 -6.31 -6.43 21.16
N LYS A 438 -6.73 -5.16 21.03
CA LYS A 438 -7.41 -4.64 19.84
C LYS A 438 -6.45 -4.30 18.68
N TRP A 439 -5.16 -4.67 18.81
CA TRP A 439 -4.11 -4.45 17.80
C TRP A 439 -4.38 -5.23 16.51
N GLY A 440 -4.93 -6.44 16.64
CA GLY A 440 -5.30 -7.28 15.51
C GLY A 440 -6.57 -6.77 14.86
N ARG A 441 -7.65 -6.70 15.65
CA ARG A 441 -8.96 -6.21 15.22
C ARG A 441 -9.42 -5.06 16.13
N GLU A 442 -9.48 -3.84 15.58
CA GLU A 442 -9.90 -2.64 16.32
C GLU A 442 -11.42 -2.61 16.51
N ASP A 443 -12.17 -3.24 15.57
CA ASP A 443 -13.63 -3.32 15.58
C ASP A 443 -14.16 -4.52 16.38
N ALA A 444 -13.26 -5.26 17.07
CA ALA A 444 -13.60 -6.43 17.88
C ALA A 444 -14.44 -6.09 19.11
N THR A 445 -15.51 -6.87 19.35
CA THR A 445 -16.44 -6.70 20.47
C THR A 445 -15.77 -7.17 21.78
N ASP A 446 -16.34 -6.75 22.93
CA ASP A 446 -15.87 -7.10 24.28
C ASP A 446 -15.86 -8.61 24.55
N ASP A 447 -16.80 -9.37 23.94
CA ASP A 447 -16.90 -10.82 24.08
C ASP A 447 -15.79 -11.55 23.31
N GLU A 448 -15.38 -11.01 22.14
CA GLU A 448 -14.33 -11.59 21.29
C GLU A 448 -12.93 -11.47 21.89
N ILE A 449 -12.61 -10.30 22.49
CA ILE A 449 -11.31 -10.03 23.12
C ILE A 449 -11.13 -10.82 24.43
N VAL A 450 -12.24 -11.10 25.13
CA VAL A 450 -12.28 -11.86 26.39
C VAL A 450 -11.99 -13.35 26.14
N GLU A 451 -12.62 -13.93 25.09
CA GLU A 451 -12.46 -15.35 24.70
C GLU A 451 -11.04 -15.70 24.26
N ALA A 452 -10.32 -14.76 23.62
CA ALA A 452 -8.94 -14.93 23.17
C ALA A 452 -7.98 -15.05 24.34
N ALA A 453 -8.26 -14.32 25.44
CA ALA A 453 -7.47 -14.35 26.68
C ALA A 453 -7.65 -15.66 27.43
N LYS A 454 -8.85 -16.29 27.29
CA LYS A 454 -9.21 -17.56 27.93
C LYS A 454 -8.39 -18.72 27.36
N ILE A 455 -7.99 -18.64 26.07
CA ILE A 455 -7.16 -19.66 25.40
C ILE A 455 -5.71 -19.53 25.88
N ALA A 456 -5.25 -18.27 26.08
CA ALA A 456 -3.91 -17.94 26.58
C ALA A 456 -3.81 -18.06 28.11
N GLN A 457 -4.97 -18.19 28.81
CA GLN A 457 -5.14 -18.32 30.26
C GLN A 457 -4.67 -17.08 31.07
N ILE A 458 -4.56 -15.92 30.38
CA ILE A 458 -4.15 -14.64 30.98
C ILE A 458 -5.35 -13.87 31.56
N HIS A 459 -6.58 -14.30 31.20
CA HIS A 459 -7.86 -13.72 31.64
C HIS A 459 -8.03 -13.66 33.17
N ASP A 460 -7.48 -14.66 33.91
CA ASP A 460 -7.54 -14.73 35.37
C ASP A 460 -6.79 -13.60 36.07
N PHE A 461 -5.70 -13.12 35.44
CA PHE A 461 -4.87 -12.03 35.98
C PHE A 461 -5.51 -10.66 35.71
N ILE A 462 -6.22 -10.52 34.58
CA ILE A 462 -6.88 -9.27 34.16
C ILE A 462 -8.03 -8.92 35.13
N ILE A 463 -8.87 -9.92 35.50
CA ILE A 463 -10.00 -9.74 36.41
C ILE A 463 -9.56 -9.45 37.86
N SER A 464 -8.37 -9.95 38.27
CA SER A 464 -7.81 -9.75 39.60
C SER A 464 -7.35 -8.29 39.84
N LEU A 465 -7.07 -7.55 38.75
CA LEU A 465 -6.62 -6.15 38.79
C LEU A 465 -7.76 -5.20 39.22
N PRO A 466 -7.46 -4.08 39.93
CA PRO A 466 -8.54 -3.18 40.38
C PRO A 466 -9.29 -2.44 39.27
N GLU A 467 -8.61 -2.18 38.14
CA GLU A 467 -9.21 -1.48 36.99
C GLU A 467 -9.64 -2.43 35.88
N GLY A 468 -9.16 -3.68 35.92
CA GLY A 468 -9.48 -4.73 34.96
C GLY A 468 -8.74 -4.54 33.65
N TYR A 469 -9.50 -4.53 32.52
CA TYR A 469 -8.97 -4.36 31.17
C TYR A 469 -8.46 -2.93 30.92
N ASP A 470 -8.97 -1.96 31.70
CA ASP A 470 -8.61 -0.54 31.60
C ASP A 470 -7.44 -0.14 32.53
N SER A 471 -6.70 -1.13 33.06
CA SER A 471 -5.54 -0.90 33.94
C SER A 471 -4.38 -0.32 33.14
N ARG A 472 -3.55 0.51 33.80
CA ARG A 472 -2.40 1.18 33.19
C ARG A 472 -1.34 0.22 32.67
N VAL A 473 -1.05 0.31 31.36
CA VAL A 473 -0.06 -0.50 30.65
C VAL A 473 1.03 0.45 30.15
N GLU A 474 2.30 0.11 30.41
CA GLU A 474 3.45 0.93 30.02
C GLU A 474 4.20 0.44 28.77
N ARG A 475 4.95 1.36 28.13
CA ARG A 475 5.76 1.15 26.93
C ARG A 475 6.94 0.22 27.22
N GLY A 476 7.12 -0.76 26.34
CA GLY A 476 8.19 -1.76 26.44
C GLY A 476 7.69 -3.11 26.91
N GLY A 477 7.20 -3.14 28.15
CA GLY A 477 6.66 -4.34 28.78
C GLY A 477 7.18 -4.66 30.16
N ARG A 478 7.73 -3.65 30.88
CA ARG A 478 8.25 -3.82 32.23
C ARG A 478 7.21 -3.50 33.30
N ASN A 479 5.96 -3.26 32.87
CA ASN A 479 4.80 -2.99 33.71
C ASN A 479 4.23 -4.32 34.21
N PHE A 480 4.39 -5.39 33.41
CA PHE A 480 3.96 -6.75 33.72
C PHE A 480 5.18 -7.68 33.62
N SER A 481 5.09 -8.89 34.23
CA SER A 481 6.18 -9.87 34.21
C SER A 481 6.43 -10.44 32.81
N GLY A 482 7.65 -10.94 32.58
CA GLY A 482 8.12 -11.51 31.32
C GLY A 482 7.16 -12.45 30.62
N GLY A 483 6.59 -13.38 31.37
CA GLY A 483 5.64 -14.35 30.87
C GLY A 483 4.24 -13.83 30.69
N GLN A 484 3.86 -12.79 31.47
CA GLN A 484 2.54 -12.16 31.42
C GLN A 484 2.31 -11.45 30.08
N LYS A 485 3.29 -10.64 29.63
CA LYS A 485 3.23 -9.94 28.34
C LYS A 485 3.38 -10.92 27.18
N GLN A 486 4.11 -12.04 27.43
CA GLN A 486 4.34 -13.13 26.48
C GLN A 486 3.02 -13.84 26.18
N ARG A 487 2.20 -14.08 27.23
CA ARG A 487 0.88 -14.71 27.11
C ARG A 487 -0.11 -13.75 26.42
N LEU A 488 0.10 -12.43 26.57
CA LEU A 488 -0.74 -11.40 25.97
C LEU A 488 -0.52 -11.30 24.46
N SER A 489 0.74 -11.46 23.99
CA SER A 489 1.12 -11.39 22.58
C SER A 489 0.51 -12.50 21.71
N ILE A 490 0.29 -13.70 22.29
CA ILE A 490 -0.31 -14.85 21.60
C ILE A 490 -1.81 -14.56 21.38
N ALA A 491 -2.49 -14.06 22.44
CA ALA A 491 -3.91 -13.69 22.44
C ALA A 491 -4.18 -12.49 21.54
N ARG A 492 -3.18 -11.59 21.39
CA ARG A 492 -3.21 -10.38 20.56
C ARG A 492 -3.45 -10.75 19.08
N ALA A 493 -2.79 -11.83 18.61
CA ALA A 493 -2.93 -12.34 17.25
C ALA A 493 -4.23 -13.15 17.10
N LEU A 494 -4.69 -13.79 18.20
CA LEU A 494 -5.91 -14.61 18.25
C LEU A 494 -7.20 -13.81 18.09
N VAL A 495 -7.18 -12.49 18.40
CA VAL A 495 -8.33 -11.59 18.28
C VAL A 495 -8.70 -11.42 16.80
N LYS A 496 -7.68 -11.19 15.95
CA LYS A 496 -7.82 -11.00 14.49
C LYS A 496 -8.25 -12.29 13.77
N LYS A 497 -7.93 -13.47 14.36
CA LYS A 497 -8.21 -14.82 13.82
C LYS A 497 -7.57 -15.01 12.42
N PRO A 498 -6.23 -15.18 12.34
CA PRO A 498 -5.59 -15.32 11.02
C PRO A 498 -5.59 -16.75 10.47
N LYS A 499 -5.52 -16.87 9.14
CA LYS A 499 -5.47 -18.16 8.46
C LYS A 499 -4.04 -18.72 8.47
N VAL A 500 -3.03 -17.82 8.52
CA VAL A 500 -1.60 -18.16 8.58
C VAL A 500 -1.05 -17.52 9.88
N LEU A 501 -0.82 -18.36 10.91
CA LEU A 501 -0.32 -17.92 12.21
C LEU A 501 1.12 -18.38 12.43
N ILE A 502 2.00 -17.43 12.79
CA ILE A 502 3.42 -17.67 13.05
C ILE A 502 3.74 -17.38 14.52
N LEU A 503 4.34 -18.36 15.22
CA LEU A 503 4.71 -18.24 16.63
C LEU A 503 6.19 -18.54 16.84
N ASP A 504 6.98 -17.49 17.11
CA ASP A 504 8.42 -17.60 17.36
C ASP A 504 8.66 -17.65 18.87
N ASP A 505 9.02 -18.85 19.38
CA ASP A 505 9.25 -19.15 20.80
C ASP A 505 8.04 -18.76 21.67
N CYS A 506 6.88 -19.38 21.35
CA CYS A 506 5.59 -19.17 22.00
C CYS A 506 5.65 -19.38 23.52
N THR A 507 6.38 -20.42 23.97
CA THR A 507 6.57 -20.74 25.38
C THR A 507 8.05 -20.76 25.72
N SER A 508 8.47 -19.78 26.54
CA SER A 508 9.86 -19.63 27.01
C SER A 508 9.87 -19.24 28.48
N SER A 509 8.96 -18.33 28.88
CA SER A 509 8.80 -17.88 30.26
C SER A 509 7.47 -18.43 30.84
N VAL A 510 7.00 -19.55 30.28
CA VAL A 510 5.76 -20.23 30.68
C VAL A 510 6.09 -21.55 31.37
N ASP A 511 5.45 -21.81 32.52
CA ASP A 511 5.62 -23.03 33.32
C ASP A 511 5.09 -24.27 32.57
N PRO A 512 5.69 -25.48 32.77
CA PRO A 512 5.23 -26.66 32.03
C PRO A 512 3.75 -27.03 32.12
N ILE A 513 3.07 -26.71 33.25
CA ILE A 513 1.64 -27.01 33.44
C ILE A 513 0.80 -26.11 32.51
N THR A 514 1.10 -24.78 32.50
CA THR A 514 0.42 -23.79 31.66
C THR A 514 0.81 -23.96 30.18
N GLU A 515 2.02 -24.48 29.92
CA GLU A 515 2.56 -24.75 28.57
C GLU A 515 1.67 -25.74 27.80
N LYS A 516 1.17 -26.78 28.50
CA LYS A 516 0.29 -27.80 27.94
C LYS A 516 -1.11 -27.23 27.66
N ARG A 517 -1.63 -26.37 28.56
CA ARG A 517 -2.95 -25.74 28.46
C ARG A 517 -3.08 -24.76 27.28
N ILE A 518 -1.97 -24.08 26.91
CA ILE A 518 -1.93 -23.14 25.80
C ILE A 518 -1.80 -23.89 24.47
N LEU A 519 -0.79 -24.78 24.35
CA LEU A 519 -0.51 -25.58 23.15
C LEU A 519 -1.67 -26.45 22.68
N ASP A 520 -2.31 -27.19 23.61
CA ASP A 520 -3.47 -28.04 23.31
C ASP A 520 -4.76 -27.22 23.13
N GLY A 521 -4.82 -26.06 23.77
CA GLY A 521 -5.96 -25.14 23.71
C GLY A 521 -6.15 -24.49 22.35
N LEU A 522 -5.04 -24.28 21.62
CA LEU A 522 -5.03 -23.68 20.28
C LEU A 522 -5.56 -24.65 19.23
N LYS A 523 -5.12 -25.93 19.29
CA LYS A 523 -5.51 -27.01 18.38
C LYS A 523 -7.01 -27.32 18.42
N ARG A 524 -7.64 -27.18 19.59
CA ARG A 524 -9.06 -27.42 19.84
C ARG A 524 -9.96 -26.38 19.16
N TYR A 525 -9.56 -25.10 19.18
CA TYR A 525 -10.34 -24.00 18.61
C TYR A 525 -10.02 -23.72 17.13
N THR A 526 -8.77 -24.00 16.67
CA THR A 526 -8.38 -23.79 15.28
C THR A 526 -8.28 -25.11 14.52
N LYS A 527 -9.28 -25.40 13.66
CA LYS A 527 -9.34 -26.60 12.85
C LYS A 527 -9.17 -26.25 11.37
N GLY A 528 -8.18 -26.88 10.74
CA GLY A 528 -7.84 -26.63 9.33
C GLY A 528 -7.17 -25.29 9.11
N CYS A 529 -6.43 -24.82 10.13
CA CYS A 529 -5.72 -23.54 10.14
C CYS A 529 -4.21 -23.77 10.09
N THR A 530 -3.50 -23.06 9.17
CA THR A 530 -2.05 -23.15 9.00
C THR A 530 -1.35 -22.47 10.18
N THR A 531 -0.66 -23.27 11.02
CA THR A 531 0.02 -22.79 12.22
C THR A 531 1.51 -23.17 12.23
N PHE A 532 2.36 -22.21 12.63
CA PHE A 532 3.80 -22.37 12.76
C PHE A 532 4.21 -22.12 14.21
N ILE A 533 4.94 -23.07 14.83
CA ILE A 533 5.37 -22.96 16.21
C ILE A 533 6.85 -23.37 16.37
N ILE A 534 7.65 -22.50 16.99
CA ILE A 534 9.07 -22.75 17.23
C ILE A 534 9.25 -23.13 18.70
N THR A 535 9.63 -24.39 18.96
CA THR A 535 9.83 -24.92 20.30
C THR A 535 11.18 -25.65 20.40
N GLN A 536 11.88 -25.47 21.53
CA GLN A 536 13.18 -26.08 21.81
C GLN A 536 13.04 -27.44 22.52
N LYS A 537 11.79 -27.80 22.89
CA LYS A 537 11.44 -29.04 23.58
C LYS A 537 10.86 -30.06 22.60
N ILE A 538 11.27 -31.33 22.76
CA ILE A 538 10.81 -32.44 21.92
C ILE A 538 9.33 -32.83 22.26
N PRO A 539 8.89 -33.01 23.55
CA PRO A 539 7.48 -33.39 23.80
C PRO A 539 6.43 -32.45 23.22
N THR A 540 6.72 -31.13 23.16
CA THR A 540 5.83 -30.12 22.61
C THR A 540 5.84 -30.16 21.07
N ALA A 541 6.97 -30.58 20.48
CA ALA A 541 7.17 -30.68 19.03
C ALA A 541 6.44 -31.88 18.41
N LEU A 542 6.15 -32.92 19.22
CA LEU A 542 5.46 -34.14 18.79
C LEU A 542 3.99 -33.93 18.43
N LEU A 543 3.34 -32.90 19.00
CA LEU A 543 1.93 -32.56 18.73
C LEU A 543 1.70 -32.05 17.30
N ALA A 544 2.75 -31.49 16.66
CA ALA A 544 2.71 -30.97 15.30
C ALA A 544 2.66 -32.11 14.28
N ASP A 545 1.91 -31.91 13.18
CA ASP A 545 1.74 -32.88 12.10
C ASP A 545 3.05 -33.21 11.37
N LYS A 546 3.82 -32.17 11.00
CA LYS A 546 5.11 -32.29 10.31
C LYS A 546 6.13 -31.33 10.92
N ILE A 547 7.37 -31.81 11.12
CA ILE A 547 8.45 -31.02 11.71
C ILE A 547 9.56 -30.74 10.69
N LEU A 548 9.84 -29.44 10.47
CA LEU A 548 10.88 -28.95 9.55
C LEU A 548 12.11 -28.55 10.36
N VAL A 549 13.28 -29.09 9.99
CA VAL A 549 14.56 -28.84 10.68
C VAL A 549 15.50 -27.98 9.82
N LEU A 550 16.12 -26.96 10.45
CA LEU A 550 17.07 -26.07 9.79
C LEU A 550 18.40 -26.04 10.55
N HIS A 551 19.52 -26.00 9.80
CA HIS A 551 20.87 -25.96 10.36
C HIS A 551 21.83 -25.28 9.38
N GLU A 552 22.50 -24.20 9.84
CA GLU A 552 23.46 -23.37 9.08
C GLU A 552 22.84 -22.75 7.79
N GLY A 553 21.51 -22.58 7.79
CA GLY A 553 20.76 -22.05 6.66
C GLY A 553 20.18 -23.14 5.79
N LYS A 554 20.92 -24.24 5.61
CA LYS A 554 20.55 -25.41 4.80
C LYS A 554 19.45 -26.23 5.46
N VAL A 555 18.56 -26.82 4.64
CA VAL A 555 17.45 -27.67 5.10
C VAL A 555 17.99 -29.04 5.58
N ALA A 556 17.55 -29.49 6.77
CA ALA A 556 17.99 -30.75 7.37
C ALA A 556 17.03 -31.93 7.15
N GLY A 557 15.73 -31.70 7.40
CA GLY A 557 14.70 -32.72 7.24
C GLY A 557 13.28 -32.21 7.42
N PHE A 558 12.32 -32.88 6.75
CA PHE A 558 10.89 -32.55 6.80
C PHE A 558 10.05 -33.82 6.86
N GLY A 559 9.07 -33.83 7.77
CA GLY A 559 8.16 -34.95 7.98
C GLY A 559 7.86 -35.24 9.44
N THR A 560 7.36 -36.45 9.72
CA THR A 560 7.00 -36.90 11.06
C THR A 560 8.24 -37.17 11.94
N HIS A 561 8.05 -37.15 13.28
CA HIS A 561 9.08 -37.39 14.30
C HIS A 561 9.75 -38.75 14.17
N LYS A 562 8.95 -39.81 13.91
CA LYS A 562 9.41 -41.20 13.76
C LYS A 562 10.40 -41.35 12.60
N GLU A 563 10.09 -40.69 11.46
CA GLU A 563 10.94 -40.70 10.26
C GLU A 563 12.19 -39.83 10.43
N LEU A 564 12.08 -38.73 11.20
CA LEU A 564 13.18 -37.80 11.46
C LEU A 564 14.28 -38.41 12.34
N LEU A 565 13.93 -39.40 13.19
CA LEU A 565 14.87 -40.09 14.09
C LEU A 565 15.92 -40.90 13.32
N GLU A 566 15.55 -41.44 12.16
CA GLU A 566 16.42 -42.25 11.31
C GLU A 566 17.04 -41.45 10.17
N HIS A 567 16.21 -40.74 9.38
CA HIS A 567 16.61 -39.95 8.21
C HIS A 567 17.42 -38.69 8.52
N CYS A 568 17.20 -38.05 9.68
CA CYS A 568 17.91 -36.82 10.05
C CYS A 568 18.99 -37.05 11.12
N LYS A 569 20.07 -36.25 11.07
CA LYS A 569 21.21 -36.30 12.00
C LYS A 569 21.15 -35.20 13.08
N PRO A 570 21.00 -33.87 12.78
CA PRO A 570 20.96 -32.88 13.87
C PRO A 570 19.75 -33.00 14.80
N TYR A 571 18.60 -33.49 14.27
CA TYR A 571 17.36 -33.69 15.03
C TYR A 571 17.52 -34.82 16.06
N ARG A 572 18.34 -35.83 15.73
CA ARG A 572 18.66 -36.97 16.59
C ARG A 572 19.49 -36.47 17.79
N GLU A 573 20.39 -35.49 17.55
CA GLU A 573 21.25 -34.86 18.56
C GLU A 573 20.45 -34.04 19.57
N ILE A 574 19.27 -33.51 19.17
CA ILE A 574 18.37 -32.75 20.04
C ILE A 574 17.67 -33.72 21.02
N TYR A 575 17.23 -34.88 20.50
CA TYR A 575 16.56 -35.95 21.26
C TYR A 575 17.50 -36.60 22.28
N GLU A 576 18.76 -36.87 21.87
CA GLU A 576 19.79 -37.49 22.72
C GLU A 576 20.25 -36.60 23.87
N SER A 577 20.32 -35.27 23.62
CA SER A 577 20.74 -34.26 24.61
C SER A 577 19.68 -34.00 25.69
N GLN A 578 18.39 -34.09 25.32
CA GLN A 578 17.28 -33.85 26.24
C GLN A 578 17.08 -35.00 27.22
N PHE A 579 17.23 -36.25 26.75
CA PHE A 579 17.07 -37.47 27.55
C PHE A 579 18.38 -38.23 27.69
N THR B 22 9.57 33.73 38.95
CA THR B 22 10.68 34.05 39.86
C THR B 22 11.46 32.80 40.21
N ALA B 23 10.76 31.70 40.58
CA ALA B 23 11.33 30.39 40.99
C ALA B 23 12.46 29.87 40.08
N THR B 24 12.25 29.95 38.75
CA THR B 24 13.24 29.52 37.74
C THR B 24 14.10 30.70 37.27
N LEU B 25 13.60 31.95 37.43
CA LEU B 25 14.30 33.19 37.05
C LEU B 25 15.61 33.34 37.83
N ARG B 26 15.55 33.21 39.17
CA ARG B 26 16.72 33.30 40.02
C ARG B 26 17.55 32.01 39.98
N ARG B 27 16.93 30.90 39.54
CA ARG B 27 17.54 29.57 39.44
C ARG B 27 18.42 29.42 38.19
N LEU B 28 17.88 29.73 36.99
CA LEU B 28 18.61 29.64 35.70
C LEU B 28 19.70 30.71 35.59
N LEU B 29 19.35 31.97 35.92
CA LEU B 29 20.28 33.12 35.90
C LEU B 29 21.31 33.04 37.03
N GLY B 30 21.05 32.16 38.00
CA GLY B 30 21.94 31.88 39.12
C GLY B 30 23.08 30.94 38.75
N TYR B 31 23.06 30.39 37.51
CA TYR B 31 24.11 29.51 36.98
C TYR B 31 25.30 30.32 36.47
N LEU B 32 25.10 31.63 36.31
CA LEU B 32 26.12 32.57 35.84
C LEU B 32 26.93 33.15 37.01
N ARG B 33 26.59 32.74 38.26
CA ARG B 33 27.25 33.17 39.51
C ARG B 33 28.77 32.86 39.57
N PRO B 34 29.30 31.67 39.16
CA PRO B 34 30.76 31.49 39.21
C PRO B 34 31.50 32.28 38.12
N HIS B 35 30.74 32.83 37.15
CA HIS B 35 31.26 33.63 36.04
C HIS B 35 30.87 35.12 36.15
N THR B 36 30.57 35.59 37.39
CA THR B 36 30.20 36.98 37.70
C THR B 36 31.34 37.93 37.36
N PHE B 37 32.59 37.54 37.67
CA PHE B 37 33.81 38.31 37.39
C PHE B 37 33.97 38.58 35.88
N THR B 38 33.56 37.60 35.05
CA THR B 38 33.59 37.71 33.59
C THR B 38 32.45 38.60 33.10
N LEU B 39 31.25 38.49 33.75
CA LEU B 39 30.05 39.27 33.42
C LEU B 39 30.23 40.77 33.60
N ILE B 40 31.05 41.19 34.59
CA ILE B 40 31.36 42.60 34.84
C ILE B 40 32.15 43.13 33.63
N MET B 41 33.12 42.33 33.13
CA MET B 41 33.94 42.64 31.96
C MET B 41 33.07 42.70 30.70
N VAL B 42 32.06 41.79 30.60
CA VAL B 42 31.08 41.73 29.51
C VAL B 42 30.34 43.08 29.46
N PHE B 43 29.90 43.59 30.63
CA PHE B 43 29.22 44.86 30.80
C PHE B 43 30.14 46.04 30.43
N VAL B 44 31.44 45.96 30.79
CA VAL B 44 32.44 46.99 30.50
C VAL B 44 32.73 47.08 28.99
N PHE B 45 32.97 45.94 28.32
CA PHE B 45 33.26 45.91 26.88
C PHE B 45 32.07 46.31 26.00
N VAL B 46 30.82 46.06 26.44
CA VAL B 46 29.62 46.42 25.68
C VAL B 46 29.28 47.92 25.82
N THR B 47 29.52 48.51 27.02
CA THR B 47 29.25 49.94 27.30
C THR B 47 30.07 50.87 26.39
N VAL B 48 31.32 50.47 26.08
CA VAL B 48 32.23 51.22 25.18
C VAL B 48 31.64 51.21 23.76
N SER B 49 31.15 50.03 23.31
CA SER B 49 30.51 49.85 22.00
C SER B 49 29.15 50.55 21.94
N SER B 50 28.52 50.78 23.12
CA SER B 50 27.23 51.45 23.26
C SER B 50 27.37 52.98 23.22
N ILE B 51 28.44 53.52 23.84
CA ILE B 51 28.70 54.96 23.87
C ILE B 51 29.37 55.48 22.58
N LEU B 52 29.77 54.54 21.68
CA LEU B 52 30.40 54.87 20.39
C LEU B 52 29.53 54.50 19.20
N GLY B 53 28.61 53.54 19.39
CA GLY B 53 27.68 53.05 18.38
C GLY B 53 26.66 54.06 17.95
N VAL B 54 25.93 54.65 18.92
CA VAL B 54 24.92 55.68 18.69
C VAL B 54 25.54 57.08 18.51
N LEU B 55 26.87 57.19 18.80
CA LEU B 55 27.67 58.42 18.68
C LEU B 55 28.21 58.63 17.26
N SER B 56 28.12 57.60 16.39
CA SER B 56 28.57 57.61 14.99
C SER B 56 28.08 58.84 14.18
N PRO B 57 26.76 59.23 14.15
CA PRO B 57 26.38 60.42 13.37
C PRO B 57 26.83 61.73 14.03
N TYR B 58 27.03 61.73 15.37
CA TYR B 58 27.50 62.88 16.14
C TYR B 58 29.01 63.09 15.94
N LEU B 59 29.76 61.99 15.70
CA LEU B 59 31.21 62.02 15.46
C LEU B 59 31.58 62.71 14.15
N ILE B 60 30.71 62.59 13.12
CA ILE B 60 30.89 63.18 11.79
C ILE B 60 30.60 64.70 11.83
N GLY B 61 29.51 65.09 12.51
CA GLY B 61 29.07 66.47 12.65
C GLY B 61 30.05 67.39 13.37
N LYS B 62 30.83 66.85 14.32
CA LYS B 62 31.84 67.58 15.11
C LYS B 62 33.02 68.04 14.26
N THR B 63 33.40 67.22 13.26
CA THR B 63 34.52 67.47 12.33
C THR B 63 34.18 68.57 11.32
N ILE B 64 32.98 68.50 10.69
CA ILE B 64 32.47 69.45 9.69
C ILE B 64 32.28 70.86 10.28
N ALA B 65 31.83 70.95 11.55
CA ALA B 65 31.60 72.20 12.28
C ALA B 65 32.87 73.06 12.40
N VAL B 66 34.05 72.40 12.49
CA VAL B 66 35.37 73.03 12.58
C VAL B 66 35.88 73.39 11.17
N VAL B 67 35.70 72.45 10.20
CA VAL B 67 36.13 72.59 8.81
C VAL B 67 34.97 73.18 7.94
N PHE B 68 34.11 74.02 8.56
CA PHE B 68 32.99 74.69 7.90
C PHE B 68 33.50 75.92 7.15
N VAL B 69 34.49 76.61 7.74
CA VAL B 69 35.13 77.81 7.19
C VAL B 69 36.29 77.43 6.21
N PRO B 70 37.30 76.56 6.56
CA PRO B 70 38.36 76.25 5.58
C PRO B 70 37.94 75.33 4.41
N ARG B 71 36.67 74.86 4.41
CA ARG B 71 36.02 73.99 3.39
C ARG B 71 36.76 72.66 3.21
N ARG B 72 37.85 72.65 2.43
CA ARG B 72 38.66 71.46 2.17
C ARG B 72 40.04 71.65 2.82
N PHE B 73 40.77 70.53 3.07
CA PHE B 73 42.10 70.44 3.70
C PHE B 73 42.20 71.29 5.01
N ASP B 74 43.39 71.87 5.31
CA ASP B 74 43.70 72.68 6.51
C ASP B 74 43.59 71.83 7.79
N LEU B 75 42.36 71.66 8.34
CA LEU B 75 42.07 70.87 9.54
C LEU B 75 41.27 69.59 9.22
N LEU B 76 40.79 69.45 7.96
CA LEU B 76 40.04 68.27 7.48
C LEU B 76 40.88 66.97 7.57
N PRO B 77 42.19 66.92 7.13
CA PRO B 77 42.95 65.66 7.24
C PRO B 77 43.26 65.24 8.69
N ARG B 78 43.25 66.22 9.62
CA ARG B 78 43.51 66.03 11.05
C ARG B 78 42.37 65.26 11.73
N TYR B 79 41.11 65.56 11.36
CA TYR B 79 39.91 64.94 11.91
C TYR B 79 39.61 63.54 11.37
N MET B 80 40.06 63.24 10.14
CA MET B 80 39.87 61.93 9.47
C MET B 80 40.67 60.81 10.13
N LEU B 81 41.82 61.15 10.76
CA LEU B 81 42.73 60.22 11.45
C LEU B 81 42.11 59.64 12.72
N ILE B 82 41.24 60.41 13.40
CA ILE B 82 40.55 60.03 14.63
C ILE B 82 39.32 59.16 14.33
N LEU B 83 38.55 59.53 13.27
CA LEU B 83 37.34 58.82 12.82
C LEU B 83 37.59 57.35 12.47
N GLY B 84 38.67 57.11 11.72
CA GLY B 84 39.07 55.77 11.28
C GLY B 84 39.50 54.85 12.39
N THR B 85 40.19 55.40 13.42
CA THR B 85 40.68 54.65 14.58
C THR B 85 39.55 54.20 15.52
N ILE B 86 38.45 54.98 15.58
CA ILE B 86 37.27 54.70 16.42
C ILE B 86 36.47 53.52 15.85
N TYR B 87 36.23 53.49 14.52
CA TYR B 87 35.51 52.41 13.84
C TYR B 87 36.30 51.10 13.84
N ALA B 88 37.64 51.19 13.86
CA ALA B 88 38.56 50.04 13.91
C ALA B 88 38.55 49.45 15.31
N LEU B 89 38.33 50.29 16.34
CA LEU B 89 38.26 49.91 17.75
C LEU B 89 36.93 49.20 18.04
N THR B 90 35.81 49.73 17.48
CA THR B 90 34.45 49.21 17.65
C THR B 90 34.32 47.80 17.05
N SER B 91 34.92 47.57 15.86
CA SER B 91 34.91 46.27 15.17
C SER B 91 35.76 45.24 15.91
N LEU B 92 36.85 45.69 16.56
CA LEU B 92 37.76 44.85 17.33
C LEU B 92 37.15 44.44 18.66
N LEU B 93 36.28 45.29 19.25
CA LEU B 93 35.62 45.04 20.53
C LEU B 93 34.33 44.22 20.40
N PHE B 94 33.60 44.36 19.27
CA PHE B 94 32.35 43.65 19.01
C PHE B 94 32.60 42.14 18.87
N TRP B 95 33.71 41.76 18.22
CA TRP B 95 34.16 40.37 18.05
C TRP B 95 34.65 39.84 19.41
N LEU B 96 35.32 40.73 20.18
CA LEU B 96 35.85 40.45 21.52
C LEU B 96 34.72 40.17 22.51
N GLN B 97 33.58 40.88 22.36
CA GLN B 97 32.39 40.72 23.20
C GLN B 97 31.72 39.36 22.97
N GLY B 98 31.62 38.96 21.71
CA GLY B 98 31.02 37.70 21.28
C GLY B 98 31.83 36.47 21.67
N LYS B 99 33.16 36.54 21.47
CA LYS B 99 34.12 35.45 21.77
C LYS B 99 34.10 35.02 23.24
N ILE B 100 34.17 35.99 24.18
CA ILE B 100 34.17 35.71 25.63
C ILE B 100 32.81 35.21 26.12
N MET B 101 31.71 35.62 25.45
CA MET B 101 30.36 35.21 25.80
C MET B 101 29.95 33.87 25.20
N LEU B 102 30.49 33.52 24.01
CA LEU B 102 30.20 32.27 23.31
C LEU B 102 30.59 31.05 24.14
N THR B 103 31.75 31.11 24.82
CA THR B 103 32.26 30.04 25.68
C THR B 103 31.46 30.03 27.00
N LEU B 104 31.12 31.22 27.53
CA LEU B 104 30.35 31.41 28.76
C LEU B 104 28.93 30.86 28.62
N SER B 105 28.31 31.03 27.43
CA SER B 105 26.96 30.57 27.12
C SER B 105 26.90 29.05 27.03
N GLN B 106 27.84 28.44 26.28
CA GLN B 106 27.93 26.99 26.07
C GLN B 106 28.32 26.22 27.33
N ASP B 107 28.89 26.91 28.33
CA ASP B 107 29.28 26.32 29.62
C ASP B 107 28.06 26.09 30.51
N VAL B 108 27.08 27.02 30.48
CA VAL B 108 25.81 26.94 31.24
C VAL B 108 24.94 25.82 30.62
N VAL B 109 24.91 25.77 29.27
CA VAL B 109 24.20 24.79 28.45
C VAL B 109 24.74 23.39 28.78
N PHE B 110 26.08 23.24 28.86
CA PHE B 110 26.78 22.00 29.21
C PHE B 110 26.47 21.60 30.66
N ARG B 111 26.41 22.60 31.58
CA ARG B 111 26.14 22.41 33.01
C ARG B 111 24.77 21.78 33.27
N LEU B 112 23.70 22.41 32.74
CA LEU B 112 22.31 21.93 32.88
C LEU B 112 22.10 20.55 32.26
N ARG B 113 22.77 20.26 31.12
CA ARG B 113 22.70 18.98 30.42
C ARG B 113 23.37 17.88 31.24
N LYS B 114 24.53 18.19 31.86
CA LYS B 114 25.27 17.25 32.73
C LYS B 114 24.46 16.98 34.00
N GLU B 115 23.89 18.06 34.62
CA GLU B 115 23.06 17.99 35.82
C GLU B 115 21.80 17.16 35.63
N LEU B 116 21.22 17.21 34.41
CA LEU B 116 20.04 16.44 34.03
C LEU B 116 20.40 14.97 34.03
N PHE B 117 21.52 14.63 33.36
CA PHE B 117 22.03 13.27 33.21
C PHE B 117 22.45 12.65 34.54
N GLU B 118 23.21 13.40 35.37
CA GLU B 118 23.69 12.99 36.69
C GLU B 118 22.56 12.61 37.64
N LYS B 119 21.45 13.38 37.63
CA LYS B 119 20.29 13.14 38.49
C LYS B 119 19.58 11.84 38.12
N LEU B 120 19.49 11.52 36.82
CA LEU B 120 18.86 10.31 36.28
C LEU B 120 19.45 9.02 36.88
N GLN B 121 20.77 8.98 37.06
CA GLN B 121 21.48 7.82 37.60
C GLN B 121 21.22 7.60 39.11
N ARG B 122 20.82 8.66 39.83
CA ARG B 122 20.50 8.58 41.26
C ARG B 122 19.00 8.35 41.48
N VAL B 123 18.15 8.89 40.58
CA VAL B 123 16.68 8.79 40.59
C VAL B 123 16.24 7.30 40.51
N PRO B 124 15.24 6.87 41.32
CA PRO B 124 14.84 5.45 41.31
C PRO B 124 14.36 4.88 39.97
N VAL B 125 14.41 3.54 39.88
CA VAL B 125 14.05 2.71 38.73
C VAL B 125 12.58 2.90 38.33
N GLY B 126 11.70 2.98 39.33
CA GLY B 126 10.26 3.17 39.18
C GLY B 126 9.88 4.30 38.23
N PHE B 127 10.58 5.45 38.35
CA PHE B 127 10.40 6.63 37.51
C PHE B 127 10.55 6.28 36.03
N PHE B 128 11.65 5.59 35.68
CA PHE B 128 11.98 5.17 34.32
C PHE B 128 10.92 4.26 33.72
N ASP B 129 10.38 3.33 34.53
CA ASP B 129 9.37 2.39 34.10
C ASP B 129 8.00 3.04 33.84
N ARG B 130 7.73 4.23 34.43
CA ARG B 130 6.44 4.92 34.26
C ARG B 130 6.48 6.17 33.34
N THR B 131 7.59 6.94 33.33
CA THR B 131 7.69 8.14 32.48
C THR B 131 8.20 7.78 31.06
N PRO B 132 7.81 8.55 29.99
CA PRO B 132 8.29 8.19 28.63
C PRO B 132 9.78 8.43 28.44
N HIS B 133 10.41 7.58 27.62
CA HIS B 133 11.85 7.63 27.32
C HIS B 133 12.21 8.84 26.46
N GLY B 134 11.32 9.19 25.53
CA GLY B 134 11.47 10.35 24.66
C GLY B 134 11.27 11.67 25.37
N ASP B 135 10.53 11.64 26.50
CA ASP B 135 10.24 12.80 27.34
C ASP B 135 11.53 13.34 27.95
N ILE B 136 12.42 12.43 28.40
CA ILE B 136 13.72 12.78 28.96
C ILE B 136 14.63 13.26 27.82
N ILE B 137 14.53 12.62 26.63
CA ILE B 137 15.27 12.97 25.41
C ILE B 137 14.99 14.44 25.02
N SER B 138 13.70 14.84 25.03
CA SER B 138 13.26 16.21 24.74
C SER B 138 13.79 17.17 25.80
N ARG B 139 13.82 16.72 27.07
CA ARG B 139 14.33 17.51 28.20
C ARG B 139 15.84 17.75 28.06
N VAL B 140 16.56 16.77 27.49
CA VAL B 140 18.00 16.83 27.28
C VAL B 140 18.36 17.69 26.06
N ILE B 141 17.71 17.46 24.91
CA ILE B 141 18.04 18.24 23.70
C ILE B 141 17.16 19.48 23.59
N ASN B 142 15.87 19.33 23.17
CA ASN B 142 14.91 20.42 22.93
C ASN B 142 14.83 21.48 24.03
N ASP B 143 14.63 21.08 25.30
CA ASP B 143 14.53 22.00 26.43
C ASP B 143 15.83 22.75 26.71
N VAL B 144 16.98 22.12 26.47
CA VAL B 144 18.30 22.73 26.67
C VAL B 144 18.65 23.62 25.47
N ASP B 145 18.18 23.26 24.25
CA ASP B 145 18.40 24.05 23.03
C ASP B 145 17.45 25.26 23.00
N ASN B 146 16.39 25.23 23.84
CA ASN B 146 15.42 26.30 24.00
C ASN B 146 15.98 27.42 24.87
N ILE B 147 16.82 27.06 25.87
CA ILE B 147 17.45 28.03 26.77
C ILE B 147 18.81 28.49 26.21
N ASN B 148 19.17 28.00 25.00
CA ASN B 148 20.42 28.33 24.31
C ASN B 148 20.34 29.75 23.73
N ASN B 149 19.12 30.24 23.46
CA ASN B 149 18.89 31.57 22.89
C ASN B 149 19.07 32.71 23.90
N VAL B 150 18.67 32.47 25.18
CA VAL B 150 18.81 33.45 26.27
C VAL B 150 20.30 33.65 26.62
N LEU B 151 21.08 32.56 26.56
CA LEU B 151 22.52 32.58 26.82
C LEU B 151 23.25 32.87 25.51
N GLY B 152 23.63 34.13 25.31
CA GLY B 152 24.32 34.57 24.11
C GLY B 152 24.22 36.07 23.92
N ASN B 153 23.79 36.50 22.71
CA ASN B 153 23.61 37.91 22.35
C ASN B 153 22.50 38.58 23.17
N SER B 154 21.54 37.79 23.67
CA SER B 154 20.40 38.23 24.50
C SER B 154 20.86 38.89 25.80
N ILE B 155 21.90 38.33 26.45
CA ILE B 155 22.47 38.85 27.69
C ILE B 155 23.28 40.14 27.37
N ILE B 156 23.98 40.15 26.22
CA ILE B 156 24.77 41.28 25.72
C ILE B 156 23.87 42.51 25.46
N GLN B 157 22.72 42.30 24.78
CA GLN B 157 21.75 43.36 24.48
C GLN B 157 21.06 43.91 25.73
N PHE B 158 20.97 43.09 26.80
CA PHE B 158 20.37 43.47 28.09
C PHE B 158 21.23 44.54 28.76
N PHE B 159 22.56 44.33 28.80
CA PHE B 159 23.52 45.28 29.36
C PHE B 159 23.61 46.53 28.47
N SER B 160 23.50 46.34 27.14
CA SER B 160 23.53 47.40 26.14
C SER B 160 22.28 48.28 26.19
N GLY B 161 21.16 47.69 26.58
CA GLY B 161 19.87 48.36 26.69
C GLY B 161 19.77 49.38 27.81
N ILE B 162 20.14 48.96 29.04
CA ILE B 162 20.08 49.80 30.24
C ILE B 162 21.03 51.01 30.19
N VAL B 163 22.24 50.84 29.60
CA VAL B 163 23.23 51.92 29.47
C VAL B 163 22.77 52.97 28.44
N THR B 164 22.12 52.53 27.34
CA THR B 164 21.59 53.44 26.32
C THR B 164 20.36 54.18 26.86
N LEU B 165 19.63 53.54 27.81
CA LEU B 165 18.47 54.11 28.48
C LEU B 165 18.93 55.18 29.47
N ALA B 166 20.01 54.89 30.24
CA ALA B 166 20.60 55.80 31.21
C ALA B 166 21.31 56.96 30.49
N GLY B 167 21.87 56.66 29.31
CA GLY B 167 22.55 57.63 28.46
C GLY B 167 21.60 58.60 27.77
N ALA B 168 20.32 58.18 27.63
CA ALA B 168 19.27 58.99 27.01
C ALA B 168 18.57 59.86 28.04
N VAL B 169 18.36 59.33 29.27
CA VAL B 169 17.69 60.05 30.37
C VAL B 169 18.56 61.22 30.88
N ILE B 170 19.91 61.12 30.76
CA ILE B 170 20.83 62.18 31.16
C ILE B 170 20.81 63.33 30.13
N MET B 171 20.69 62.97 28.83
CA MET B 171 20.59 63.92 27.71
C MET B 171 19.23 64.61 27.71
N MET B 172 18.19 63.89 28.20
CA MET B 172 16.81 64.35 28.30
C MET B 172 16.68 65.49 29.32
N PHE B 173 17.09 65.25 30.59
CA PHE B 173 17.01 66.20 31.70
C PHE B 173 17.89 67.43 31.56
N ARG B 174 19.01 67.32 30.81
CA ARG B 174 19.91 68.46 30.59
C ARG B 174 19.34 69.45 29.56
N VAL B 175 18.35 69.01 28.76
CA VAL B 175 17.68 69.82 27.73
C VAL B 175 16.31 70.32 28.27
N ASN B 176 15.43 69.39 28.71
CA ASN B 176 14.11 69.69 29.26
C ASN B 176 13.89 68.93 30.57
N VAL B 177 13.41 69.62 31.62
CA VAL B 177 13.19 69.02 32.94
C VAL B 177 11.75 68.48 33.10
N ILE B 178 10.74 69.36 32.91
CA ILE B 178 9.32 69.05 33.04
C ILE B 178 8.84 68.02 31.99
N LEU B 179 9.21 68.23 30.70
CA LEU B 179 8.83 67.34 29.59
C LEU B 179 9.45 65.94 29.67
N SER B 180 10.60 65.80 30.37
CA SER B 180 11.28 64.51 30.56
C SER B 180 10.50 63.64 31.55
N LEU B 181 9.77 64.28 32.47
CA LEU B 181 8.93 63.60 33.48
C LEU B 181 7.65 63.03 32.82
N VAL B 182 7.16 63.71 31.75
CA VAL B 182 5.96 63.33 30.98
C VAL B 182 6.23 62.01 30.21
N THR B 183 7.45 61.85 29.67
CA THR B 183 7.88 60.65 28.95
C THR B 183 8.10 59.48 29.93
N LEU B 184 8.50 59.79 31.18
CA LEU B 184 8.75 58.81 32.23
C LEU B 184 7.49 58.38 32.98
N SER B 185 6.43 59.20 32.93
CA SER B 185 5.15 58.93 33.60
C SER B 185 4.37 57.77 32.95
N ILE B 186 4.52 57.61 31.62
CA ILE B 186 3.84 56.55 30.85
C ILE B 186 4.61 55.21 30.87
N VAL B 187 5.85 55.23 31.39
CA VAL B 187 6.75 54.07 31.50
C VAL B 187 6.13 52.95 32.40
N PRO B 188 5.66 53.18 33.67
CA PRO B 188 5.08 52.06 34.44
C PRO B 188 3.84 51.40 33.83
N LEU B 189 3.08 52.15 32.99
CA LEU B 189 1.90 51.67 32.26
C LEU B 189 2.32 50.71 31.15
N THR B 190 3.48 50.96 30.51
CA THR B 190 4.06 50.12 29.46
C THR B 190 4.56 48.81 30.07
N VAL B 191 5.06 48.86 31.33
CA VAL B 191 5.53 47.70 32.09
C VAL B 191 4.31 46.89 32.55
N LEU B 192 3.23 47.60 32.97
CA LEU B 192 1.97 47.04 33.45
C LEU B 192 1.35 46.07 32.42
N ILE B 193 1.29 46.48 31.14
CA ILE B 193 0.75 45.67 30.05
C ILE B 193 1.68 44.51 29.67
N THR B 194 3.02 44.74 29.78
CA THR B 194 4.06 43.76 29.48
C THR B 194 3.96 42.56 30.43
N GLN B 195 3.73 42.83 31.73
CA GLN B 195 3.58 41.83 32.79
C GLN B 195 2.44 40.85 32.55
N ILE B 196 1.42 41.28 31.77
CA ILE B 196 0.25 40.48 31.40
C ILE B 196 0.59 39.60 30.18
N VAL B 197 1.24 40.19 29.17
CA VAL B 197 1.65 39.51 27.92
C VAL B 197 2.71 38.43 28.20
N SER B 198 3.74 38.77 29.01
CA SER B 198 4.83 37.87 29.39
C SER B 198 4.34 36.62 30.13
N SER B 199 3.40 36.80 31.08
CA SER B 199 2.79 35.71 31.87
C SER B 199 2.02 34.74 30.97
N GLN B 200 1.34 35.28 29.94
CA GLN B 200 0.58 34.54 28.94
C GLN B 200 1.53 33.76 28.03
N THR B 201 2.72 34.32 27.76
CA THR B 201 3.73 33.66 26.94
C THR B 201 4.34 32.47 27.71
N ARG B 202 4.51 32.62 29.04
CA ARG B 202 5.02 31.55 29.91
C ARG B 202 3.96 30.43 30.07
N LYS B 203 2.68 30.84 30.07
CA LYS B 203 1.51 29.96 30.19
C LYS B 203 1.37 29.03 28.95
N TYR B 204 1.72 29.55 27.76
CA TYR B 204 1.63 28.85 26.47
C TYR B 204 2.87 28.05 26.07
N PHE B 205 4.08 28.59 26.34
CA PHE B 205 5.33 27.90 25.99
C PHE B 205 5.58 26.66 26.83
N TYR B 206 5.07 26.66 28.09
CA TYR B 206 5.18 25.54 29.02
C TYR B 206 4.34 24.36 28.51
N GLU B 207 3.12 24.66 28.04
CA GLU B 207 2.19 23.67 27.49
C GLU B 207 2.70 23.14 26.15
N ASN B 208 3.38 24.00 25.36
CA ASN B 208 3.97 23.66 24.06
C ASN B 208 5.06 22.60 24.22
N GLN B 209 5.89 22.73 25.26
CA GLN B 209 6.99 21.82 25.54
C GLN B 209 6.55 20.44 26.05
N ARG B 210 5.59 20.40 27.01
CA ARG B 210 5.09 19.14 27.59
C ARG B 210 4.36 18.27 26.56
N VAL B 211 3.62 18.91 25.63
CA VAL B 211 2.91 18.25 24.54
C VAL B 211 3.95 17.65 23.59
N LEU B 212 5.02 18.42 23.28
CA LEU B 212 6.14 17.99 22.44
C LEU B 212 6.90 16.85 23.13
N GLY B 213 7.00 16.92 24.45
CA GLY B 213 7.64 15.91 25.30
C GLY B 213 6.92 14.59 25.22
N GLN B 214 5.57 14.62 25.19
CA GLN B 214 4.71 13.45 25.08
C GLN B 214 4.75 12.90 23.66
N LEU B 215 4.84 13.80 22.66
CA LEU B 215 4.89 13.50 21.22
C LEU B 215 6.21 12.85 20.87
N ASN B 216 7.32 13.30 21.49
CA ASN B 216 8.67 12.78 21.27
C ASN B 216 8.81 11.34 21.76
N GLY B 217 8.04 10.99 22.80
CA GLY B 217 8.00 9.66 23.39
C GLY B 217 7.42 8.62 22.47
N ILE B 218 6.39 9.02 21.69
CA ILE B 218 5.70 8.20 20.69
C ILE B 218 6.66 7.84 19.53
N ILE B 219 7.61 8.75 19.22
CA ILE B 219 8.63 8.57 18.19
C ILE B 219 9.57 7.42 18.61
N GLU B 220 10.04 7.43 19.88
CA GLU B 220 10.93 6.41 20.45
C GLU B 220 10.19 5.07 20.60
N GLU B 221 8.89 5.13 20.94
CA GLU B 221 7.97 4.01 21.12
C GLU B 221 7.85 3.18 19.84
N ASP B 222 7.65 3.85 18.69
CA ASP B 222 7.48 3.21 17.39
C ASP B 222 8.78 2.68 16.80
N ILE B 223 9.90 3.43 16.91
CA ILE B 223 11.23 3.02 16.41
C ILE B 223 11.65 1.69 17.08
N SER B 224 11.46 1.61 18.42
CA SER B 224 11.75 0.40 19.18
C SER B 224 10.53 -0.52 19.14
N GLY B 225 10.40 -1.26 18.03
CA GLY B 225 9.30 -2.18 17.80
C GLY B 225 8.38 -1.78 16.66
N LEU B 226 8.98 -1.44 15.49
CA LEU B 226 8.24 -1.06 14.29
C LEU B 226 7.69 -2.28 13.54
N THR B 227 8.28 -3.48 13.80
CA THR B 227 7.90 -4.77 13.21
C THR B 227 6.47 -5.15 13.64
N VAL B 228 6.13 -4.92 14.92
CA VAL B 228 4.83 -5.21 15.53
C VAL B 228 3.72 -4.36 14.87
N ILE B 229 4.01 -3.07 14.58
CA ILE B 229 3.08 -2.11 13.96
C ILE B 229 2.72 -2.51 12.52
N LYS B 230 3.72 -2.88 11.70
CA LYS B 230 3.53 -3.30 10.31
C LYS B 230 2.76 -4.63 10.18
N LEU B 231 3.00 -5.58 11.11
CA LEU B 231 2.35 -6.89 11.11
C LEU B 231 0.86 -6.87 11.44
N PHE B 232 0.46 -6.08 12.46
CA PHE B 232 -0.95 -5.97 12.88
C PHE B 232 -1.74 -4.88 12.14
N THR B 233 -1.11 -4.21 11.15
CA THR B 233 -1.65 -3.14 10.30
C THR B 233 -2.19 -1.96 11.14
N ARG B 234 -1.49 -1.63 12.24
CA ARG B 234 -1.83 -0.53 13.14
C ARG B 234 -1.14 0.78 12.73
N GLU B 235 -0.57 0.81 11.50
CA GLU B 235 0.12 1.95 10.89
C GLU B 235 -0.80 3.17 10.78
N GLU B 236 -2.09 2.95 10.43
CA GLU B 236 -3.10 4.00 10.32
C GLU B 236 -3.48 4.52 11.70
N LYS B 237 -3.61 3.62 12.70
CA LYS B 237 -3.95 3.97 14.07
C LYS B 237 -2.81 4.70 14.78
N GLU B 238 -1.55 4.38 14.43
CA GLU B 238 -0.37 5.03 15.00
C GLU B 238 -0.19 6.43 14.39
N MET B 239 -0.60 6.61 13.12
CA MET B 239 -0.55 7.87 12.38
C MET B 239 -1.53 8.87 13.00
N GLU B 240 -2.78 8.42 13.29
CA GLU B 240 -3.80 9.27 13.92
C GLU B 240 -3.49 9.50 15.40
N LYS B 241 -2.71 8.61 16.03
CA LYS B 241 -2.26 8.71 17.43
C LYS B 241 -1.25 9.87 17.50
N PHE B 242 -0.40 10.00 16.46
CA PHE B 242 0.59 11.05 16.30
C PHE B 242 -0.14 12.36 15.96
N ASP B 243 -1.14 12.28 15.05
CA ASP B 243 -1.97 13.40 14.60
C ASP B 243 -2.80 14.04 15.72
N ARG B 244 -3.32 13.21 16.66
CA ARG B 244 -4.13 13.68 17.80
C ARG B 244 -3.36 14.61 18.74
N VAL B 245 -2.05 14.35 18.91
CA VAL B 245 -1.16 15.16 19.75
C VAL B 245 -0.59 16.31 18.93
N ASN B 246 -0.26 16.06 17.64
CA ASN B 246 0.28 17.06 16.70
C ASN B 246 -0.71 18.19 16.42
N GLU B 247 -2.03 17.89 16.41
CA GLU B 247 -3.10 18.87 16.20
C GLU B 247 -3.19 19.77 17.44
N SER B 248 -3.01 19.17 18.64
CA SER B 248 -2.98 19.87 19.92
C SER B 248 -1.70 20.71 20.01
N LEU B 249 -0.62 20.23 19.38
CA LEU B 249 0.68 20.91 19.31
C LEU B 249 0.57 22.11 18.35
N ARG B 250 -0.13 21.93 17.21
CA ARG B 250 -0.35 22.96 16.20
C ARG B 250 -1.24 24.07 16.74
N LYS B 251 -2.37 23.71 17.40
CA LYS B 251 -3.34 24.65 17.98
C LYS B 251 -2.77 25.50 19.12
N VAL B 252 -1.91 24.90 19.98
CA VAL B 252 -1.30 25.61 21.10
C VAL B 252 -0.01 26.35 20.64
N GLY B 253 0.64 25.82 19.60
CA GLY B 253 1.86 26.36 19.03
C GLY B 253 1.68 27.70 18.33
N THR B 254 0.52 27.89 17.66
CA THR B 254 0.17 29.13 16.95
C THR B 254 -0.01 30.24 17.98
N LYS B 255 -0.80 29.98 19.03
CA LYS B 255 -1.08 30.91 20.13
C LYS B 255 0.17 31.24 20.94
N ALA B 256 1.12 30.29 21.04
CA ALA B 256 2.39 30.49 21.76
C ALA B 256 3.35 31.38 20.97
N GLN B 257 3.34 31.26 19.62
CA GLN B 257 4.20 32.06 18.73
C GLN B 257 3.68 33.48 18.51
N ILE B 258 2.36 33.70 18.63
CA ILE B 258 1.73 35.02 18.50
C ILE B 258 2.14 35.86 19.72
N PHE B 259 1.87 35.35 20.95
CA PHE B 259 2.22 35.99 22.23
C PHE B 259 3.71 36.28 22.37
N SER B 260 4.55 35.49 21.68
CA SER B 260 6.01 35.63 21.66
C SER B 260 6.45 36.90 20.90
N GLY B 261 5.66 37.31 19.92
CA GLY B 261 5.93 38.50 19.12
C GLY B 261 4.76 39.46 18.96
N VAL B 262 3.83 39.47 19.94
CA VAL B 262 2.66 40.36 19.91
C VAL B 262 2.98 41.69 20.62
N LEU B 263 3.92 41.67 21.59
CA LEU B 263 4.34 42.84 22.35
C LEU B 263 5.05 43.91 21.48
N PRO B 264 6.03 43.58 20.59
CA PRO B 264 6.67 44.65 19.78
C PRO B 264 5.71 45.52 18.94
N PRO B 265 4.74 45.00 18.12
CA PRO B 265 3.86 45.93 17.39
C PRO B 265 2.86 46.66 18.29
N LEU B 266 2.47 46.05 19.43
CA LEU B 266 1.53 46.65 20.39
C LEU B 266 2.17 47.81 21.15
N MET B 267 3.50 47.79 21.31
CA MET B 267 4.24 48.86 21.98
C MET B 267 4.32 50.13 21.15
N ASN B 268 4.17 50.01 19.81
CA ASN B 268 4.18 51.13 18.86
C ASN B 268 3.03 52.10 19.15
N MET B 269 1.83 51.55 19.48
CA MET B 269 0.63 52.31 19.83
C MET B 269 0.84 53.04 21.17
N VAL B 270 1.57 52.38 22.10
CA VAL B 270 1.91 52.92 23.43
C VAL B 270 2.92 54.08 23.25
N ASN B 271 3.91 53.88 22.34
CA ASN B 271 4.93 54.88 22.01
C ASN B 271 4.32 56.09 21.32
N ASN B 272 3.38 55.85 20.38
CA ASN B 272 2.67 56.89 19.62
C ASN B 272 1.86 57.84 20.52
N LEU B 273 1.44 57.36 21.71
CA LEU B 273 0.73 58.15 22.71
C LEU B 273 1.67 59.22 23.27
N GLY B 274 2.94 58.84 23.48
CA GLY B 274 4.00 59.71 23.96
C GLY B 274 4.39 60.79 22.98
N PHE B 275 4.35 60.46 21.67
CA PHE B 275 4.66 61.39 20.57
C PHE B 275 3.60 62.50 20.50
N ALA B 276 2.33 62.15 20.79
CA ALA B 276 1.20 63.07 20.83
C ALA B 276 1.15 63.85 22.14
N LEU B 277 1.66 63.24 23.23
CA LEU B 277 1.68 63.83 24.57
C LEU B 277 2.62 65.04 24.68
N ILE B 278 3.90 64.88 24.25
CA ILE B 278 4.91 65.94 24.29
C ILE B 278 4.62 67.06 23.26
N SER B 279 3.84 66.75 22.21
CA SER B 279 3.43 67.71 21.18
C SER B 279 2.34 68.65 21.73
N GLY B 280 1.59 68.17 22.73
CA GLY B 280 0.52 68.90 23.40
C GLY B 280 0.97 69.57 24.69
N PHE B 281 1.62 68.81 25.59
CA PHE B 281 2.15 69.28 26.88
C PHE B 281 3.27 70.29 26.69
N GLY B 282 4.07 70.09 25.64
CA GLY B 282 5.17 70.96 25.25
C GLY B 282 4.68 72.06 24.32
N GLY B 283 3.62 71.75 23.58
CA GLY B 283 2.96 72.68 22.67
C GLY B 283 2.24 73.78 23.42
N TRP B 284 1.81 73.47 24.66
CA TRP B 284 1.14 74.39 25.57
C TRP B 284 2.16 75.40 26.13
N LEU B 285 3.44 74.97 26.27
CA LEU B 285 4.55 75.79 26.78
C LEU B 285 5.08 76.74 25.70
N ALA B 286 5.21 76.24 24.45
CA ALA B 286 5.71 77.01 23.30
C ALA B 286 4.77 78.15 22.90
N LEU B 287 3.44 77.96 23.06
CA LEU B 287 2.43 78.97 22.75
C LEU B 287 2.45 80.11 23.78
N LYS B 288 2.41 79.77 25.08
CA LYS B 288 2.41 80.72 26.20
C LYS B 288 3.78 81.38 26.43
N ASP B 289 4.81 80.96 25.65
CA ASP B 289 6.20 81.42 25.69
C ASP B 289 6.85 81.07 27.04
N ILE B 290 7.02 79.77 27.28
CA ILE B 290 7.65 79.20 28.48
C ILE B 290 9.03 78.66 28.05
N ILE B 291 9.04 77.72 27.08
CA ILE B 291 10.24 77.13 26.49
C ILE B 291 10.11 77.11 24.97
N THR B 292 11.10 77.71 24.27
CA THR B 292 11.21 77.86 22.80
C THR B 292 10.84 76.58 22.03
N VAL B 293 10.21 76.74 20.84
CA VAL B 293 9.79 75.65 19.94
C VAL B 293 10.96 74.67 19.67
N GLY B 294 12.17 75.22 19.59
CA GLY B 294 13.42 74.47 19.38
C GLY B 294 13.78 73.54 20.52
N THR B 295 13.32 73.85 21.75
CA THR B 295 13.54 73.04 22.96
C THR B 295 12.72 71.74 22.88
N ILE B 296 11.64 71.74 22.07
CA ILE B 296 10.75 70.59 21.83
C ILE B 296 11.11 69.94 20.48
N ALA B 297 11.56 70.75 19.49
CA ALA B 297 11.97 70.31 18.16
C ALA B 297 13.23 69.43 18.18
N THR B 298 14.08 69.57 19.21
CA THR B 298 15.31 68.79 19.40
C THR B 298 15.05 67.62 20.37
N PHE B 299 14.05 67.78 21.27
CA PHE B 299 13.64 66.80 22.27
C PHE B 299 13.02 65.53 21.66
N ILE B 300 12.40 65.64 20.46
CA ILE B 300 11.77 64.51 19.76
C ILE B 300 12.82 63.47 19.31
N GLY B 301 14.01 63.95 18.95
CA GLY B 301 15.14 63.13 18.53
C GLY B 301 15.76 62.38 19.68
N TYR B 302 15.76 62.99 20.89
CA TYR B 302 16.30 62.41 22.11
C TYR B 302 15.27 61.53 22.84
N SER B 303 13.99 61.64 22.46
CA SER B 303 12.91 60.82 23.03
C SER B 303 12.88 59.46 22.29
N ARG B 304 13.38 59.44 21.05
CA ARG B 304 13.48 58.26 20.19
C ARG B 304 14.59 57.32 20.66
N GLN B 305 15.69 57.89 21.21
CA GLN B 305 16.82 57.12 21.74
C GLN B 305 16.56 56.63 23.18
N PHE B 306 15.38 56.95 23.74
CA PHE B 306 14.92 56.54 25.08
C PHE B 306 13.89 55.42 24.97
N THR B 307 12.94 55.54 24.02
CA THR B 307 11.87 54.58 23.77
C THR B 307 12.41 53.27 23.20
N ARG B 308 13.31 53.34 22.19
CA ARG B 308 13.95 52.22 21.51
C ARG B 308 14.60 51.21 22.50
N PRO B 309 15.52 51.59 23.43
CA PRO B 309 16.08 50.58 24.35
C PRO B 309 15.09 50.04 25.40
N LEU B 310 14.17 50.89 25.89
CA LEU B 310 13.16 50.53 26.88
C LEU B 310 12.22 49.44 26.34
N ASN B 311 11.81 49.57 25.06
CA ASN B 311 10.96 48.60 24.37
C ASN B 311 11.76 47.33 24.05
N GLU B 312 13.07 47.48 23.77
CA GLU B 312 14.00 46.37 23.48
C GLU B 312 14.17 45.50 24.73
N LEU B 313 14.24 46.13 25.92
CA LEU B 313 14.37 45.45 27.22
C LEU B 313 13.05 44.75 27.55
N SER B 314 11.91 45.37 27.21
CA SER B 314 10.55 44.84 27.43
C SER B 314 10.29 43.66 26.50
N ASN B 315 10.81 43.70 25.26
CA ASN B 315 10.68 42.63 24.27
C ASN B 315 11.58 41.45 24.70
N GLN B 316 12.74 41.77 25.30
CA GLN B 316 13.70 40.78 25.80
C GLN B 316 13.38 40.33 27.25
N PHE B 317 12.21 40.74 27.77
CA PHE B 317 11.66 40.32 29.06
C PHE B 317 10.64 39.20 28.79
N ASN B 318 10.07 39.21 27.56
CA ASN B 318 9.12 38.23 27.07
C ASN B 318 9.92 36.96 26.72
N MET B 319 11.11 37.15 26.11
CA MET B 319 12.01 36.07 25.72
C MET B 319 12.63 35.37 26.91
N ILE B 320 12.83 36.09 28.04
CA ILE B 320 13.36 35.46 29.26
C ILE B 320 12.28 34.61 29.89
N GLN B 321 11.00 35.06 29.79
CA GLN B 321 9.84 34.32 30.31
C GLN B 321 9.62 33.07 29.45
N MET B 322 9.94 33.16 28.14
CA MET B 322 9.88 32.07 27.17
C MET B 322 10.88 30.98 27.57
N ALA B 323 12.09 31.40 27.98
CA ALA B 323 13.16 30.51 28.45
C ALA B 323 12.87 30.03 29.86
N LEU B 324 12.13 30.83 30.67
CA LEU B 324 11.76 30.48 32.05
C LEU B 324 10.81 29.29 32.05
N ALA B 325 9.98 29.20 31.00
CA ALA B 325 9.03 28.09 30.79
C ALA B 325 9.82 26.83 30.38
N SER B 326 10.87 27.02 29.56
CA SER B 326 11.74 25.94 29.09
C SER B 326 12.61 25.41 30.23
N ALA B 327 13.11 26.31 31.11
CA ALA B 327 13.92 25.98 32.28
C ALA B 327 13.07 25.27 33.32
N GLU B 328 11.77 25.61 33.40
CA GLU B 328 10.79 25.02 34.34
C GLU B 328 10.63 23.51 34.13
N ARG B 329 10.70 23.05 32.86
CA ARG B 329 10.58 21.65 32.51
C ARG B 329 11.83 20.84 32.88
N ILE B 330 12.99 21.52 32.95
CA ILE B 330 14.28 20.91 33.32
C ILE B 330 14.33 20.62 34.84
N PHE B 331 13.98 21.64 35.67
CA PHE B 331 13.99 21.56 37.14
C PHE B 331 12.92 20.61 37.71
N GLU B 332 11.98 20.13 36.88
CA GLU B 332 10.93 19.17 37.25
C GLU B 332 11.55 17.83 37.65
N ILE B 333 12.68 17.47 37.01
CA ILE B 333 13.43 16.25 37.28
C ILE B 333 14.56 16.54 38.26
N LEU B 334 15.10 17.79 38.23
CA LEU B 334 16.17 18.24 39.12
C LEU B 334 15.69 18.51 40.57
N ASP B 335 14.42 18.14 40.86
CA ASP B 335 13.74 18.23 42.15
C ASP B 335 13.20 16.85 42.57
N LEU B 336 13.25 15.85 41.66
CA LEU B 336 12.78 14.48 41.89
C LEU B 336 13.76 13.67 42.73
N GLU B 337 13.21 12.98 43.76
CA GLU B 337 13.88 12.14 44.77
C GLU B 337 14.99 11.24 44.24
N GLU B 338 16.00 10.97 45.07
CA GLU B 338 17.15 10.14 44.71
C GLU B 338 17.43 9.01 45.71
N GLU B 339 18.05 7.91 45.22
CA GLU B 339 18.45 6.75 46.03
C GLU B 339 19.67 7.18 46.85
N LYS B 340 19.43 7.60 48.10
CA LYS B 340 20.48 8.09 48.99
C LYS B 340 21.02 7.04 49.95
N ASP B 341 22.33 7.10 50.22
CA ASP B 341 23.02 6.25 51.19
C ASP B 341 23.02 6.95 52.55
N ASP B 342 22.86 6.18 53.63
CA ASP B 342 22.84 6.66 55.02
C ASP B 342 24.17 7.35 55.40
N PRO B 343 24.16 8.43 56.24
CA PRO B 343 25.44 9.08 56.60
C PRO B 343 26.45 8.18 57.31
N ASP B 344 25.97 7.12 57.99
CA ASP B 344 26.80 6.13 58.68
C ASP B 344 27.04 4.89 57.78
N ALA B 345 27.38 5.14 56.50
CA ALA B 345 27.63 4.12 55.48
C ALA B 345 28.92 3.34 55.75
N VAL B 346 28.88 2.02 55.49
CA VAL B 346 30.01 1.12 55.69
C VAL B 346 30.27 0.26 54.44
N GLU B 347 31.54 0.22 53.99
CA GLU B 347 31.98 -0.55 52.83
C GLU B 347 32.13 -2.02 53.23
N LEU B 348 31.58 -2.94 52.41
CA LEU B 348 31.63 -4.38 52.66
C LEU B 348 33.03 -4.96 52.39
N ARG B 349 33.69 -5.43 53.47
CA ARG B 349 35.03 -6.02 53.43
C ARG B 349 34.93 -7.55 53.44
N GLU B 350 35.65 -8.21 52.51
CA GLU B 350 35.70 -9.67 52.31
C GLU B 350 34.30 -10.25 52.07
N VAL B 351 33.87 -10.24 50.81
CA VAL B 351 32.55 -10.73 50.39
C VAL B 351 32.58 -12.24 50.19
N ARG B 352 31.62 -12.96 50.81
CA ARG B 352 31.48 -14.42 50.70
C ARG B 352 30.15 -14.82 50.07
N GLY B 353 29.09 -14.11 50.42
CA GLY B 353 27.75 -14.34 49.89
C GLY B 353 26.80 -15.05 50.82
N GLU B 354 26.58 -14.49 52.03
CA GLU B 354 25.66 -15.05 53.01
C GLU B 354 24.29 -14.37 52.90
N ILE B 355 23.43 -14.94 52.03
CA ILE B 355 22.08 -14.43 51.79
C ILE B 355 21.17 -14.82 52.96
N GLU B 356 20.55 -13.82 53.59
CA GLU B 356 19.66 -14.02 54.73
C GLU B 356 18.36 -13.21 54.57
N PHE B 357 17.22 -13.87 54.79
CA PHE B 357 15.87 -13.29 54.69
C PHE B 357 15.11 -13.57 55.98
N LYS B 358 14.42 -12.55 56.54
CA LYS B 358 13.65 -12.68 57.77
C LYS B 358 12.23 -12.09 57.64
N ASN B 359 11.26 -12.96 57.26
CA ASN B 359 9.84 -12.65 57.06
C ASN B 359 9.61 -11.40 56.19
N VAL B 360 9.92 -11.54 54.89
CA VAL B 360 9.81 -10.47 53.91
C VAL B 360 8.47 -10.52 53.18
N TRP B 361 7.75 -9.39 53.18
CA TRP B 361 6.45 -9.21 52.53
C TRP B 361 6.58 -7.96 51.66
N PHE B 362 6.38 -8.11 50.33
CA PHE B 362 6.51 -6.98 49.42
C PHE B 362 5.38 -6.87 48.39
N SER B 363 5.01 -5.62 48.05
CA SER B 363 4.00 -5.29 47.06
C SER B 363 4.62 -4.37 45.99
N TYR B 364 4.66 -4.85 44.73
CA TYR B 364 5.26 -4.14 43.58
C TYR B 364 4.39 -2.96 43.17
N ASP B 365 3.14 -3.25 42.72
CA ASP B 365 2.15 -2.28 42.25
C ASP B 365 1.43 -1.54 43.39
N LYS B 366 1.67 -1.96 44.66
CA LYS B 366 1.11 -1.42 45.91
C LYS B 366 -0.43 -1.58 46.02
N LYS B 367 -1.09 -1.94 44.90
CA LYS B 367 -2.54 -2.17 44.80
C LYS B 367 -2.86 -3.62 45.14
N LYS B 368 -2.03 -4.57 44.66
CA LYS B 368 -2.17 -6.01 44.89
C LYS B 368 -0.85 -6.56 45.47
N PRO B 369 -0.88 -7.29 46.61
CA PRO B 369 0.37 -7.81 47.18
C PRO B 369 0.99 -8.94 46.33
N VAL B 370 2.28 -8.80 46.02
CA VAL B 370 3.02 -9.76 45.20
C VAL B 370 3.58 -10.89 46.09
N LEU B 371 4.37 -10.54 47.12
CA LEU B 371 5.01 -11.50 48.02
C LEU B 371 4.46 -11.48 49.44
N LYS B 372 4.22 -12.66 50.01
CA LYS B 372 3.69 -12.89 51.35
C LYS B 372 4.50 -13.96 52.07
N ASP B 373 5.14 -13.58 53.20
CA ASP B 373 5.98 -14.41 54.07
C ASP B 373 7.11 -15.12 53.30
N ILE B 374 8.19 -14.37 53.05
CA ILE B 374 9.36 -14.88 52.32
C ILE B 374 10.57 -14.88 53.25
N THR B 375 11.09 -16.08 53.58
CA THR B 375 12.24 -16.25 54.46
C THR B 375 13.08 -17.47 54.06
N PHE B 376 14.41 -17.27 53.95
CA PHE B 376 15.40 -18.30 53.59
C PHE B 376 16.83 -17.88 53.95
N HIS B 377 17.66 -18.85 54.38
CA HIS B 377 19.06 -18.66 54.73
C HIS B 377 19.95 -19.49 53.80
N ILE B 378 20.92 -18.84 53.13
CA ILE B 378 21.83 -19.49 52.19
C ILE B 378 23.28 -19.38 52.67
N LYS B 379 23.99 -20.53 52.72
CA LYS B 379 25.39 -20.60 53.11
C LYS B 379 26.30 -20.00 52.00
N PRO B 380 27.51 -19.47 52.32
CA PRO B 380 28.35 -18.90 51.26
C PRO B 380 28.93 -19.95 50.30
N GLY B 381 28.53 -19.85 49.04
CA GLY B 381 28.94 -20.77 47.98
C GLY B 381 27.99 -21.95 47.83
N GLN B 382 26.69 -21.66 47.72
CA GLN B 382 25.63 -22.66 47.59
C GLN B 382 24.85 -22.46 46.29
N LYS B 383 24.35 -23.56 45.72
CA LYS B 383 23.54 -23.54 44.50
C LYS B 383 22.07 -23.59 44.89
N VAL B 384 21.33 -22.50 44.59
CA VAL B 384 19.91 -22.32 44.94
C VAL B 384 19.04 -22.18 43.67
N ALA B 385 17.92 -22.91 43.63
CA ALA B 385 16.96 -22.88 42.51
C ALA B 385 15.60 -22.41 42.99
N LEU B 386 14.88 -21.67 42.13
CA LEU B 386 13.55 -21.15 42.41
C LEU B 386 12.67 -21.27 41.15
N VAL B 387 11.57 -22.02 41.25
CA VAL B 387 10.65 -22.27 40.14
C VAL B 387 9.17 -22.30 40.61
N GLY B 388 8.25 -21.96 39.71
CA GLY B 388 6.82 -21.93 39.96
C GLY B 388 5.97 -21.58 38.76
N PRO B 389 4.77 -20.99 38.95
CA PRO B 389 3.93 -20.64 37.79
C PRO B 389 4.24 -19.26 37.19
N THR B 390 3.61 -18.96 36.04
CA THR B 390 3.78 -17.69 35.30
C THR B 390 3.11 -16.53 36.05
N GLY B 391 3.94 -15.63 36.58
CA GLY B 391 3.51 -14.45 37.32
C GLY B 391 3.21 -14.70 38.78
N SER B 392 4.21 -15.24 39.51
CA SER B 392 4.11 -15.56 40.94
C SER B 392 4.81 -14.52 41.82
N GLY B 393 6.11 -14.34 41.60
CA GLY B 393 6.93 -13.40 42.36
C GLY B 393 8.38 -13.82 42.51
N LYS B 394 8.88 -14.63 41.56
CA LYS B 394 10.26 -15.14 41.55
C LYS B 394 11.27 -14.05 41.19
N THR B 395 10.96 -13.22 40.17
CA THR B 395 11.81 -12.12 39.70
C THR B 395 11.78 -10.95 40.71
N THR B 396 10.66 -10.79 41.46
CA THR B 396 10.48 -9.73 42.46
C THR B 396 11.51 -9.85 43.60
N ILE B 397 11.80 -11.09 44.06
CA ILE B 397 12.78 -11.38 45.13
C ILE B 397 14.19 -10.97 44.69
N VAL B 398 14.52 -11.18 43.39
CA VAL B 398 15.80 -10.85 42.77
C VAL B 398 16.09 -9.34 42.86
N ASN B 399 15.14 -8.49 42.42
CA ASN B 399 15.29 -7.03 42.45
C ASN B 399 15.28 -6.43 43.86
N LEU B 400 14.73 -7.17 44.86
CA LEU B 400 14.74 -6.78 46.27
C LEU B 400 16.17 -6.96 46.81
N LEU B 401 16.86 -8.04 46.35
CA LEU B 401 18.25 -8.36 46.69
C LEU B 401 19.17 -7.36 45.98
N MET B 402 18.74 -6.89 44.78
CA MET B 402 19.43 -5.89 43.96
C MET B 402 19.24 -4.50 44.58
N ARG B 403 18.19 -4.34 45.41
CA ARG B 403 17.75 -3.11 46.09
C ARG B 403 17.28 -2.05 45.07
N PHE B 404 16.60 -2.51 44.00
CA PHE B 404 15.99 -1.66 42.97
C PHE B 404 14.71 -1.06 43.56
N TYR B 405 13.96 -1.91 44.30
CA TYR B 405 12.71 -1.62 44.99
C TYR B 405 12.92 -2.00 46.47
N ASP B 406 13.07 -0.98 47.35
CA ASP B 406 13.33 -1.17 48.77
C ASP B 406 12.20 -1.83 49.52
N VAL B 407 12.56 -2.77 50.42
CA VAL B 407 11.68 -3.60 51.26
C VAL B 407 10.67 -2.78 52.06
N ASP B 408 9.38 -3.13 51.94
CA ASP B 408 8.29 -2.47 52.67
C ASP B 408 8.29 -2.94 54.13
N ARG B 409 8.19 -4.26 54.34
CA ARG B 409 8.17 -4.91 55.65
C ARG B 409 9.01 -6.19 55.60
N GLY B 410 10.04 -6.25 56.44
CA GLY B 410 10.95 -7.40 56.52
C GLY B 410 12.39 -7.03 56.82
N GLN B 411 13.30 -8.01 56.64
CA GLN B 411 14.73 -7.84 56.90
C GLN B 411 15.57 -8.73 55.95
N ILE B 412 16.55 -8.11 55.27
CA ILE B 412 17.48 -8.80 54.36
C ILE B 412 18.93 -8.45 54.72
N LEU B 413 19.74 -9.48 55.03
CA LEU B 413 21.14 -9.33 55.41
C LEU B 413 22.08 -10.08 54.46
N VAL B 414 23.12 -9.39 53.99
CA VAL B 414 24.13 -9.95 53.09
C VAL B 414 25.49 -9.91 53.81
N ASP B 415 26.12 -11.10 53.97
CA ASP B 415 27.41 -11.32 54.65
C ASP B 415 27.38 -10.89 56.13
N GLY B 416 26.22 -11.05 56.78
CA GLY B 416 26.01 -10.73 58.18
C GLY B 416 25.49 -9.33 58.47
N ILE B 417 25.60 -8.41 57.50
CA ILE B 417 25.16 -7.00 57.64
C ILE B 417 23.94 -6.72 56.75
N ASP B 418 22.99 -5.91 57.28
CA ASP B 418 21.73 -5.52 56.64
C ASP B 418 21.91 -4.81 55.29
N ILE B 419 20.89 -4.92 54.41
CA ILE B 419 20.84 -4.34 53.07
C ILE B 419 20.86 -2.78 53.12
N ARG B 420 20.14 -2.18 54.08
CA ARG B 420 20.07 -0.72 54.26
C ARG B 420 21.36 -0.13 54.83
N LYS B 421 22.06 -0.88 55.69
CA LYS B 421 23.31 -0.45 56.33
C LYS B 421 24.47 -0.31 55.34
N ILE B 422 24.68 -1.33 54.47
CA ILE B 422 25.74 -1.31 53.46
C ILE B 422 25.31 -0.40 52.31
N LYS B 423 26.22 0.50 51.87
CA LYS B 423 25.97 1.42 50.75
C LYS B 423 25.72 0.69 49.44
N ARG B 424 24.80 1.22 48.62
CA ARG B 424 24.32 0.67 47.35
C ARG B 424 25.43 0.26 46.36
N SER B 425 26.54 1.02 46.29
CA SER B 425 27.65 0.71 45.40
C SER B 425 28.46 -0.51 45.87
N SER B 426 28.81 -0.56 47.18
CA SER B 426 29.57 -1.64 47.81
C SER B 426 28.75 -2.93 47.93
N LEU B 427 27.41 -2.81 48.05
CA LEU B 427 26.48 -3.93 48.16
C LEU B 427 26.39 -4.67 46.82
N ARG B 428 26.17 -3.90 45.74
CA ARG B 428 26.04 -4.42 44.37
C ARG B 428 27.37 -4.84 43.74
N SER B 429 28.51 -4.54 44.39
CA SER B 429 29.88 -4.84 43.95
C SER B 429 30.13 -6.30 43.58
N SER B 430 29.53 -7.24 44.32
CA SER B 430 29.69 -8.68 44.06
C SER B 430 28.39 -9.36 43.61
N ILE B 431 27.48 -8.60 42.97
CA ILE B 431 26.20 -9.12 42.47
C ILE B 431 26.17 -9.05 40.93
N GLY B 432 25.77 -10.16 40.32
CA GLY B 432 25.65 -10.31 38.86
C GLY B 432 24.27 -10.76 38.44
N ILE B 433 23.74 -10.20 37.33
CA ILE B 433 22.39 -10.53 36.84
C ILE B 433 22.28 -10.48 35.30
N VAL B 434 21.47 -11.42 34.78
CA VAL B 434 21.07 -11.58 33.37
C VAL B 434 19.53 -11.51 33.40
N LEU B 435 18.95 -10.54 32.69
CA LEU B 435 17.50 -10.30 32.68
C LEU B 435 16.73 -11.03 31.58
N GLN B 436 15.39 -11.13 31.76
CA GLN B 436 14.43 -11.74 30.83
C GLN B 436 14.46 -10.97 29.51
N ASP B 437 14.46 -9.63 29.62
CA ASP B 437 14.58 -8.70 28.51
C ASP B 437 16.09 -8.51 28.32
N THR B 438 16.68 -9.25 27.36
CA THR B 438 18.13 -9.18 27.09
C THR B 438 18.47 -7.80 26.52
N ILE B 439 19.18 -6.99 27.30
CA ILE B 439 19.54 -5.63 26.91
C ILE B 439 20.99 -5.56 26.44
N LEU B 440 21.19 -4.97 25.25
CA LEU B 440 22.48 -4.77 24.60
C LEU B 440 22.66 -3.30 24.26
N PHE B 441 23.89 -2.82 24.39
CA PHE B 441 24.27 -1.43 24.15
C PHE B 441 24.63 -1.19 22.68
N SER B 442 24.66 0.09 22.24
CA SER B 442 25.01 0.49 20.88
C SER B 442 26.52 0.34 20.60
N THR B 443 27.33 0.18 21.67
CA THR B 443 28.79 0.00 21.63
C THR B 443 29.17 -1.37 21.03
N THR B 444 30.48 -1.61 20.81
CA THR B 444 31.01 -2.85 20.24
C THR B 444 30.84 -4.06 21.18
N VAL B 445 30.93 -5.29 20.62
CA VAL B 445 30.80 -6.57 21.33
C VAL B 445 31.85 -6.68 22.45
N LYS B 446 33.12 -6.33 22.15
CA LYS B 446 34.25 -6.35 23.09
C LYS B 446 34.00 -5.44 24.30
N GLU B 447 33.53 -4.19 24.05
CA GLU B 447 33.22 -3.21 25.09
C GLU B 447 31.99 -3.60 25.91
N ASN B 448 31.00 -4.27 25.27
CA ASN B 448 29.77 -4.75 25.92
C ASN B 448 30.10 -5.86 26.91
N LEU B 449 30.99 -6.79 26.52
CA LEU B 449 31.44 -7.90 27.36
C LEU B 449 32.35 -7.43 28.50
N LYS B 450 33.05 -6.28 28.29
CA LYS B 450 33.96 -5.67 29.26
C LYS B 450 33.26 -5.07 30.48
N TYR B 451 31.91 -5.12 30.53
CA TYR B 451 31.09 -4.60 31.62
C TYR B 451 31.33 -5.34 32.93
N GLY B 452 31.47 -4.57 34.01
CA GLY B 452 31.72 -5.09 35.34
C GLY B 452 33.20 -5.05 35.69
N ASN B 453 34.02 -5.63 34.79
CA ASN B 453 35.48 -5.67 34.93
C ASN B 453 36.13 -4.99 33.72
N PRO B 454 36.33 -3.64 33.77
CA PRO B 454 36.95 -2.94 32.62
C PRO B 454 38.43 -3.25 32.43
N GLY B 455 39.09 -3.69 33.51
CA GLY B 455 40.50 -4.06 33.51
C GLY B 455 40.71 -5.54 33.22
N ALA B 456 39.95 -6.09 32.26
CA ALA B 456 40.01 -7.49 31.84
C ALA B 456 40.65 -7.58 30.45
N THR B 457 41.76 -8.33 30.35
CA THR B 457 42.50 -8.54 29.11
C THR B 457 41.74 -9.40 28.11
N ASP B 458 42.14 -9.35 26.82
CA ASP B 458 41.55 -10.12 25.72
C ASP B 458 41.54 -11.63 25.98
N GLU B 459 42.57 -12.14 26.70
CA GLU B 459 42.73 -13.54 27.10
C GLU B 459 41.56 -13.99 27.97
N GLU B 460 41.12 -13.11 28.90
CA GLU B 460 40.00 -13.37 29.80
C GLU B 460 38.66 -13.29 29.05
N ILE B 461 38.55 -12.37 28.07
CA ILE B 461 37.35 -12.16 27.26
C ILE B 461 37.14 -13.35 26.30
N LYS B 462 38.19 -13.77 25.59
CA LYS B 462 38.17 -14.88 24.62
C LYS B 462 37.86 -16.24 25.25
N GLU B 463 38.61 -16.62 26.31
CA GLU B 463 38.45 -17.90 27.01
C GLU B 463 37.06 -18.11 27.62
N ALA B 464 36.47 -17.03 28.16
CA ALA B 464 35.14 -17.06 28.77
C ALA B 464 34.04 -17.35 27.74
N ALA B 465 34.19 -16.83 26.51
CA ALA B 465 33.23 -17.01 25.42
C ALA B 465 33.18 -18.47 24.96
N LYS B 466 34.35 -19.13 24.81
CA LYS B 466 34.47 -20.53 24.38
C LYS B 466 33.86 -21.51 25.37
N LEU B 467 33.91 -21.17 26.68
CA LEU B 467 33.37 -22.00 27.76
C LEU B 467 31.84 -22.06 27.81
N THR B 468 31.16 -21.00 27.32
CA THR B 468 29.70 -20.92 27.34
C THR B 468 29.08 -20.85 25.91
N HIS B 469 29.76 -21.44 24.90
CA HIS B 469 29.34 -21.51 23.48
C HIS B 469 28.97 -20.14 22.88
N SER B 470 29.76 -19.10 23.20
CA SER B 470 29.53 -17.73 22.73
C SER B 470 30.42 -17.35 21.53
N ASP B 471 31.71 -17.77 21.55
CA ASP B 471 32.72 -17.49 20.52
C ASP B 471 32.35 -17.98 19.10
N HIS B 472 31.48 -19.01 19.02
CA HIS B 472 31.00 -19.63 17.77
C HIS B 472 30.40 -18.62 16.77
N PHE B 473 29.61 -17.66 17.28
CA PHE B 473 28.97 -16.64 16.46
C PHE B 473 29.74 -15.31 16.43
N ILE B 474 30.66 -15.09 17.39
CA ILE B 474 31.48 -13.87 17.47
C ILE B 474 32.46 -13.82 16.28
N LYS B 475 33.14 -14.95 16.00
CA LYS B 475 34.07 -15.07 14.88
C LYS B 475 33.33 -15.12 13.54
N HIS B 476 32.04 -15.53 13.57
CA HIS B 476 31.14 -15.63 12.42
C HIS B 476 30.71 -14.24 11.91
N LEU B 477 30.77 -13.21 12.79
CA LEU B 477 30.42 -11.82 12.48
C LEU B 477 31.38 -11.21 11.43
N PRO B 478 30.94 -10.21 10.61
CA PRO B 478 31.83 -9.64 9.59
C PRO B 478 33.09 -8.95 10.12
N GLU B 479 33.02 -8.38 11.34
CA GLU B 479 34.16 -7.68 11.96
C GLU B 479 34.86 -8.53 13.03
N GLY B 480 34.12 -9.44 13.66
CA GLY B 480 34.63 -10.33 14.71
C GLY B 480 34.25 -9.88 16.11
N TYR B 481 35.25 -9.55 16.93
CA TYR B 481 35.06 -9.10 18.31
C TYR B 481 34.78 -7.59 18.39
N GLU B 482 35.22 -6.83 17.38
CA GLU B 482 35.04 -5.38 17.31
C GLU B 482 33.82 -4.97 16.44
N THR B 483 32.84 -5.89 16.32
CA THR B 483 31.60 -5.68 15.55
C THR B 483 30.65 -4.72 16.27
N VAL B 484 30.09 -3.76 15.53
CA VAL B 484 29.15 -2.77 16.07
C VAL B 484 27.77 -3.41 16.32
N LEU B 485 27.17 -3.13 17.50
CA LEU B 485 25.86 -3.65 17.88
C LEU B 485 24.78 -2.59 17.64
N THR B 486 23.67 -3.00 16.98
CA THR B 486 22.55 -2.13 16.64
C THR B 486 21.62 -1.86 17.85
N ASP B 487 20.38 -1.38 17.58
CA ASP B 487 19.36 -1.07 18.58
C ASP B 487 18.98 -2.35 19.34
N ASN B 488 19.38 -2.44 20.64
CA ASN B 488 19.18 -3.58 21.56
C ASN B 488 19.89 -4.87 21.04
N GLY B 489 20.94 -4.68 20.24
CA GLY B 489 21.74 -5.75 19.65
C GLY B 489 20.93 -6.67 18.77
N GLU B 490 20.13 -6.10 17.84
CA GLU B 490 19.26 -6.85 16.93
C GLU B 490 20.02 -7.56 15.79
N ASP B 491 21.34 -7.33 15.69
CA ASP B 491 22.26 -7.94 14.71
C ASP B 491 22.43 -9.45 14.93
N LEU B 492 22.02 -9.95 16.12
CA LEU B 492 22.10 -11.36 16.51
C LEU B 492 20.73 -11.84 17.04
N SER B 493 20.48 -13.15 17.02
CA SER B 493 19.23 -13.76 17.48
C SER B 493 19.12 -13.73 19.02
N GLN B 494 17.87 -13.84 19.55
CA GLN B 494 17.55 -13.82 20.98
C GLN B 494 18.40 -14.78 21.83
N GLY B 495 18.66 -15.98 21.31
CA GLY B 495 19.46 -16.99 21.98
C GLY B 495 20.93 -16.61 22.09
N GLN B 496 21.49 -16.04 20.99
CA GLN B 496 22.88 -15.57 20.91
C GLN B 496 23.11 -14.41 21.88
N ARG B 497 22.10 -13.53 22.02
CA ARG B 497 22.11 -12.35 22.90
C ARG B 497 22.20 -12.75 24.38
N GLN B 498 21.44 -13.80 24.78
CA GLN B 498 21.42 -14.33 26.15
C GLN B 498 22.79 -14.87 26.56
N LEU B 499 23.47 -15.58 25.64
CA LEU B 499 24.79 -16.18 25.84
C LEU B 499 25.88 -15.14 26.12
N LEU B 500 25.78 -13.96 25.47
CA LEU B 500 26.72 -12.85 25.65
C LEU B 500 26.57 -12.23 27.04
N ALA B 501 25.32 -12.16 27.54
CA ALA B 501 25.00 -11.60 28.86
C ALA B 501 25.55 -12.46 30.01
N ILE B 502 25.57 -13.80 29.82
CA ILE B 502 26.11 -14.75 30.79
C ILE B 502 27.62 -14.57 30.89
N THR B 503 28.30 -14.40 29.72
CA THR B 503 29.73 -14.14 29.61
C THR B 503 30.07 -12.83 30.32
N ARG B 504 29.26 -11.78 30.07
CA ARG B 504 29.36 -10.45 30.67
C ARG B 504 29.25 -10.53 32.20
N ALA B 505 28.31 -11.37 32.71
CA ALA B 505 28.07 -11.57 34.13
C ALA B 505 29.25 -12.28 34.82
N PHE B 506 29.80 -13.33 34.18
CA PHE B 506 30.93 -14.10 34.72
C PHE B 506 32.25 -13.34 34.68
N LEU B 507 32.45 -12.46 33.68
CA LEU B 507 33.67 -11.66 33.53
C LEU B 507 33.93 -10.67 34.66
N ALA B 508 32.85 -10.18 35.30
CA ALA B 508 32.92 -9.25 36.44
C ALA B 508 33.41 -9.95 37.73
N ASN B 509 33.37 -11.30 37.73
CA ASN B 509 33.76 -12.20 38.82
C ASN B 509 32.96 -11.92 40.12
N PRO B 510 31.62 -12.14 40.13
CA PRO B 510 30.86 -11.85 41.35
C PRO B 510 30.70 -13.04 42.29
N LYS B 511 30.65 -12.76 43.61
CA LYS B 511 30.47 -13.81 44.62
C LYS B 511 29.00 -14.24 44.64
N ILE B 512 28.07 -13.28 44.48
CA ILE B 512 26.63 -13.52 44.41
C ILE B 512 26.26 -13.45 42.92
N LEU B 513 25.68 -14.54 42.39
CA LEU B 513 25.30 -14.62 40.98
C LEU B 513 23.83 -15.00 40.80
N ILE B 514 23.11 -14.23 39.98
CA ILE B 514 21.70 -14.47 39.67
C ILE B 514 21.51 -14.59 38.15
N LEU B 515 20.85 -15.66 37.70
CA LEU B 515 20.60 -15.91 36.29
C LEU B 515 19.10 -16.07 36.02
N ASP B 516 18.42 -14.94 35.79
CA ASP B 516 16.98 -14.87 35.54
C ASP B 516 16.66 -15.15 34.07
N ALA B 517 16.11 -16.36 33.80
CA ALA B 517 15.71 -16.88 32.49
C ALA B 517 16.82 -16.79 31.41
N ALA B 518 18.09 -16.97 31.82
CA ALA B 518 19.27 -16.91 30.95
C ALA B 518 19.34 -18.04 29.93
N THR B 519 18.69 -19.19 30.23
CA THR B 519 18.65 -20.37 29.36
C THR B 519 17.23 -20.68 28.86
N SER B 520 16.48 -19.63 28.48
CA SER B 520 15.11 -19.78 27.97
C SER B 520 15.07 -19.83 26.44
N ASN B 521 15.79 -18.90 25.77
CA ASN B 521 15.86 -18.82 24.31
C ASN B 521 16.86 -19.80 23.72
N VAL B 522 17.93 -20.12 24.47
CA VAL B 522 19.00 -21.05 24.07
C VAL B 522 18.43 -22.48 23.96
N ASP B 523 18.79 -23.21 22.89
CA ASP B 523 18.33 -24.58 22.63
C ASP B 523 18.84 -25.59 23.65
N THR B 524 18.06 -26.66 23.86
CA THR B 524 18.34 -27.74 24.82
C THR B 524 19.65 -28.49 24.54
N LYS B 525 20.05 -28.60 23.26
CA LYS B 525 21.27 -29.27 22.82
C LYS B 525 22.52 -28.49 23.25
N THR B 526 22.52 -27.16 23.04
CA THR B 526 23.62 -26.25 23.41
C THR B 526 23.70 -26.13 24.94
N GLU B 527 22.54 -26.15 25.61
CA GLU B 527 22.38 -26.06 27.08
C GLU B 527 23.13 -27.17 27.81
N LYS B 528 23.13 -28.41 27.25
CA LYS B 528 23.82 -29.57 27.82
C LYS B 528 25.34 -29.42 27.77
N SER B 529 25.85 -28.78 26.69
CA SER B 529 27.28 -28.53 26.48
C SER B 529 27.83 -27.47 27.45
N ILE B 530 26.96 -26.55 27.92
CA ILE B 530 27.31 -25.49 28.86
C ILE B 530 27.04 -25.94 30.31
N GLN B 531 25.97 -26.75 30.53
CA GLN B 531 25.50 -27.30 31.81
C GLN B 531 26.60 -27.60 32.83
N ALA B 532 27.67 -28.33 32.41
CA ALA B 532 28.80 -28.71 33.26
C ALA B 532 29.88 -27.62 33.35
N ALA B 533 30.19 -26.95 32.22
CA ALA B 533 31.21 -25.89 32.14
C ALA B 533 30.81 -24.67 32.97
N MET B 534 29.51 -24.32 32.97
CA MET B 534 28.93 -23.21 33.73
C MET B 534 28.92 -23.54 35.22
N TRP B 535 28.62 -24.81 35.58
CA TRP B 535 28.59 -25.30 36.95
C TRP B 535 30.01 -25.35 37.56
N LYS B 536 31.03 -25.55 36.71
CA LYS B 536 32.43 -25.59 37.14
C LYS B 536 32.96 -24.20 37.52
N LEU B 537 32.31 -23.14 36.99
CA LEU B 537 32.65 -21.74 37.28
C LEU B 537 31.80 -21.25 38.46
N MET B 538 30.67 -21.92 38.73
CA MET B 538 29.72 -21.63 39.79
C MET B 538 30.25 -21.96 41.20
N GLU B 539 31.22 -22.90 41.30
CA GLU B 539 31.81 -23.31 42.58
C GLU B 539 32.56 -22.16 43.28
N GLY B 540 32.35 -22.05 44.59
CA GLY B 540 32.92 -21.02 45.43
C GLY B 540 32.18 -19.69 45.34
N LYS B 541 30.96 -19.72 44.74
CA LYS B 541 30.09 -18.56 44.54
C LYS B 541 28.64 -18.90 44.90
N THR B 542 27.95 -17.99 45.61
CA THR B 542 26.55 -18.15 45.99
C THR B 542 25.72 -17.88 44.74
N SER B 543 24.99 -18.91 44.26
CA SER B 543 24.20 -18.81 43.03
C SER B 543 22.71 -19.04 43.22
N ILE B 544 21.89 -18.20 42.56
CA ILE B 544 20.42 -18.27 42.56
C ILE B 544 19.98 -18.28 41.09
N ILE B 545 19.35 -19.39 40.64
CA ILE B 545 18.91 -19.53 39.24
C ILE B 545 17.38 -19.65 39.15
N ILE B 546 16.78 -18.87 38.24
CA ILE B 546 15.34 -18.86 37.98
C ILE B 546 15.12 -19.17 36.49
N ALA B 547 14.52 -20.36 36.20
CA ALA B 547 14.22 -20.87 34.86
C ALA B 547 13.15 -21.97 34.94
N HIS B 548 12.30 -22.08 33.90
CA HIS B 548 11.24 -23.09 33.85
C HIS B 548 11.74 -24.49 33.47
N ARG B 549 12.97 -24.58 32.92
CA ARG B 549 13.59 -25.85 32.53
C ARG B 549 14.07 -26.57 33.80
N LEU B 550 13.17 -27.39 34.35
CA LEU B 550 13.36 -28.14 35.60
C LEU B 550 14.44 -29.21 35.55
N ASN B 551 14.71 -29.79 34.36
CA ASN B 551 15.72 -30.84 34.17
C ASN B 551 17.16 -30.29 34.04
N THR B 552 17.38 -29.03 34.47
CA THR B 552 18.68 -28.33 34.44
C THR B 552 18.96 -27.62 35.78
N ILE B 553 18.01 -27.68 36.73
CA ILE B 553 18.13 -27.04 38.04
C ILE B 553 18.02 -28.05 39.22
N LYS B 554 18.26 -29.35 38.94
CA LYS B 554 18.23 -30.42 39.94
C LYS B 554 19.58 -30.58 40.70
N ASN B 555 20.64 -29.91 40.20
CA ASN B 555 21.99 -29.91 40.77
C ASN B 555 22.13 -28.97 41.98
N ALA B 556 21.13 -28.10 42.21
CA ALA B 556 21.09 -27.14 43.30
C ALA B 556 20.92 -27.81 44.66
N ASP B 557 21.71 -27.38 45.65
CA ASP B 557 21.72 -27.90 47.03
C ASP B 557 20.37 -27.68 47.74
N LEU B 558 19.89 -26.43 47.77
CA LEU B 558 18.64 -26.02 48.40
C LEU B 558 17.67 -25.49 47.34
N ILE B 559 16.50 -26.15 47.19
CA ILE B 559 15.48 -25.75 46.21
C ILE B 559 14.20 -25.28 46.90
N ILE B 560 13.78 -24.04 46.57
CA ILE B 560 12.59 -23.40 47.13
C ILE B 560 11.53 -23.25 46.02
N VAL B 561 10.27 -23.61 46.35
CA VAL B 561 9.13 -23.53 45.42
C VAL B 561 8.23 -22.36 45.81
N LEU B 562 7.97 -21.45 44.86
CA LEU B 562 7.13 -20.28 45.08
C LEU B 562 5.88 -20.32 44.20
N ARG B 563 4.70 -20.12 44.83
CA ARG B 563 3.40 -20.10 44.17
C ARG B 563 2.55 -18.95 44.73
N ASP B 564 2.12 -18.01 43.85
CA ASP B 564 1.32 -16.81 44.16
C ASP B 564 1.97 -15.91 45.24
N GLY B 565 3.30 -15.93 45.29
CA GLY B 565 4.10 -15.16 46.25
C GLY B 565 4.09 -15.77 47.64
N GLU B 566 4.16 -17.12 47.71
CA GLU B 566 4.16 -17.90 48.95
C GLU B 566 5.07 -19.12 48.82
N ILE B 567 5.86 -19.41 49.88
CA ILE B 567 6.76 -20.58 49.89
C ILE B 567 5.93 -21.80 50.31
N VAL B 568 5.71 -22.73 49.36
CA VAL B 568 4.93 -23.95 49.59
C VAL B 568 5.82 -25.16 49.90
N GLU B 569 6.94 -25.30 49.17
CA GLU B 569 7.89 -26.40 49.33
C GLU B 569 9.33 -25.88 49.45
N MET B 570 10.17 -26.60 50.23
CA MET B 570 11.58 -26.27 50.46
C MET B 570 12.38 -27.54 50.75
N GLY B 571 13.55 -27.64 50.15
CA GLY B 571 14.45 -28.78 50.32
C GLY B 571 15.11 -29.28 49.06
N LYS B 572 15.82 -30.42 49.17
CA LYS B 572 16.53 -31.08 48.06
C LYS B 572 15.58 -31.58 46.96
N HIS B 573 16.11 -31.74 45.72
CA HIS B 573 15.37 -32.20 44.54
C HIS B 573 14.60 -33.51 44.76
N ASP B 574 15.30 -34.54 45.30
CA ASP B 574 14.72 -35.87 45.57
C ASP B 574 13.65 -35.84 46.65
N GLU B 575 13.74 -34.89 47.60
CA GLU B 575 12.76 -34.69 48.68
C GLU B 575 11.45 -34.12 48.12
N LEU B 576 11.55 -33.24 47.11
CA LEU B 576 10.40 -32.61 46.45
C LEU B 576 9.62 -33.64 45.62
N ILE B 577 10.35 -34.58 44.97
CA ILE B 577 9.79 -35.64 44.14
C ILE B 577 8.96 -36.63 44.98
N GLN B 578 9.56 -37.14 46.08
CA GLN B 578 8.91 -38.11 46.98
C GLN B 578 7.71 -37.53 47.75
N LYS B 579 7.71 -36.21 48.00
CA LYS B 579 6.63 -35.55 48.73
C LYS B 579 5.34 -35.42 47.92
N ARG B 580 5.46 -35.39 46.57
CA ARG B 580 4.36 -35.26 45.60
C ARG B 580 3.50 -34.00 45.84
N GLY B 581 4.01 -32.87 45.34
CA GLY B 581 3.37 -31.57 45.48
C GLY B 581 3.35 -30.77 44.19
N PHE B 582 3.62 -29.45 44.31
CA PHE B 582 3.65 -28.53 43.16
C PHE B 582 4.84 -28.77 42.24
N TYR B 583 6.00 -29.15 42.83
CA TYR B 583 7.23 -29.46 42.10
C TYR B 583 7.03 -30.71 41.23
N TYR B 584 6.30 -31.71 41.77
CA TYR B 584 5.95 -32.96 41.08
C TYR B 584 4.98 -32.68 39.94
N GLU B 585 4.03 -31.75 40.15
CA GLU B 585 3.02 -31.35 39.17
C GLU B 585 3.68 -30.67 37.96
N LEU B 586 4.73 -29.86 38.19
CA LEU B 586 5.48 -29.15 37.15
C LEU B 586 6.36 -30.11 36.34
N PHE B 587 7.08 -31.02 37.03
CA PHE B 587 7.99 -32.00 36.42
C PHE B 587 7.29 -33.00 35.51
N THR B 588 6.11 -33.51 35.94
CA THR B 588 5.33 -34.51 35.19
C THR B 588 4.65 -33.89 33.95
N SER B 589 4.17 -32.64 34.07
CA SER B 589 3.49 -31.91 32.98
C SER B 589 4.39 -31.56 31.79
N GLN B 590 5.73 -31.72 31.95
CA GLN B 590 6.73 -31.47 30.91
C GLN B 590 6.53 -32.40 29.70
N TYR B 591 6.32 -33.70 29.96
CA TYR B 591 6.15 -34.74 28.94
C TYR B 591 4.70 -35.23 28.83
N LYS C 12 4.75 -31.21 -45.98
CA LYS C 12 6.17 -30.87 -45.87
C LYS C 12 6.39 -29.62 -45.02
N THR C 13 5.53 -28.58 -45.19
CA THR C 13 5.60 -27.31 -44.45
C THR C 13 5.22 -27.51 -42.97
N LEU C 14 4.15 -28.31 -42.71
CA LEU C 14 3.66 -28.61 -41.37
C LEU C 14 4.60 -29.56 -40.60
N ALA C 15 5.36 -30.39 -41.33
CA ALA C 15 6.31 -31.37 -40.80
C ALA C 15 7.52 -30.74 -40.09
N ARG C 16 7.90 -29.50 -40.47
CA ARG C 16 9.04 -28.77 -39.90
C ARG C 16 8.83 -28.36 -38.43
N TYR C 17 7.56 -28.27 -37.98
CA TYR C 17 7.21 -27.92 -36.60
C TYR C 17 7.38 -29.10 -35.64
N LEU C 18 7.36 -30.34 -36.19
CA LEU C 18 7.55 -31.60 -35.46
C LEU C 18 9.05 -31.93 -35.32
N LYS C 19 9.88 -31.35 -36.21
CA LYS C 19 11.34 -31.53 -36.28
C LYS C 19 12.10 -31.12 -34.98
N PRO C 20 11.86 -29.96 -34.31
CA PRO C 20 12.62 -29.66 -33.09
C PRO C 20 12.26 -30.53 -31.89
N TYR C 21 11.04 -31.11 -31.89
CA TYR C 21 10.54 -31.97 -30.82
C TYR C 21 10.41 -33.42 -31.33
N TRP C 22 11.47 -33.91 -32.01
CA TRP C 22 11.56 -35.25 -32.58
C TRP C 22 11.89 -36.32 -31.52
N ILE C 23 12.56 -35.90 -30.40
CA ILE C 23 12.94 -36.76 -29.27
C ILE C 23 11.67 -37.38 -28.63
N PHE C 24 10.64 -36.54 -28.44
CA PHE C 24 9.34 -36.94 -27.87
C PHE C 24 8.55 -37.80 -28.87
N ALA C 25 8.80 -37.61 -30.18
CA ALA C 25 8.14 -38.33 -31.26
C ALA C 25 8.79 -39.70 -31.57
N VAL C 26 10.10 -39.86 -31.26
CA VAL C 26 10.85 -41.09 -31.51
C VAL C 26 10.77 -42.06 -30.29
N LEU C 27 10.57 -41.52 -29.08
CA LEU C 27 10.45 -42.31 -27.84
C LEU C 27 9.04 -42.85 -27.63
N ALA C 28 8.03 -42.20 -28.24
CA ALA C 28 6.62 -42.59 -28.15
C ALA C 28 6.28 -43.98 -28.72
N PRO C 29 6.73 -44.41 -29.94
CA PRO C 29 6.36 -45.76 -30.41
C PRO C 29 7.13 -46.91 -29.78
N LEU C 30 8.27 -46.62 -29.11
CA LEU C 30 9.12 -47.62 -28.47
C LEU C 30 8.49 -48.16 -27.16
N PHE C 31 8.02 -47.25 -26.28
CA PHE C 31 7.40 -47.59 -25.00
C PHE C 31 5.97 -48.13 -25.16
N MET C 32 5.27 -47.73 -26.24
CA MET C 32 3.88 -48.12 -26.53
C MET C 32 3.72 -49.63 -26.81
N VAL C 33 4.74 -50.27 -27.43
CA VAL C 33 4.75 -51.71 -27.76
C VAL C 33 4.70 -52.55 -26.46
N VAL C 34 5.39 -52.07 -25.40
CA VAL C 34 5.45 -52.69 -24.06
C VAL C 34 4.06 -52.65 -23.38
N GLU C 35 3.29 -51.57 -23.62
CA GLU C 35 1.94 -51.37 -23.07
C GLU C 35 0.93 -52.37 -23.67
N VAL C 36 1.02 -52.62 -25.00
CA VAL C 36 0.13 -53.52 -25.75
C VAL C 36 0.26 -54.98 -25.25
N ILE C 37 1.51 -55.48 -25.13
CA ILE C 37 1.80 -56.84 -24.67
C ILE C 37 1.45 -57.04 -23.19
N CYS C 38 1.55 -55.97 -22.36
CA CYS C 38 1.21 -56.01 -20.93
C CYS C 38 -0.31 -56.16 -20.70
N ASP C 39 -1.12 -55.45 -21.52
CA ASP C 39 -2.58 -55.50 -21.45
C ASP C 39 -3.10 -56.84 -22.00
N LEU C 40 -2.43 -57.40 -23.03
CA LEU C 40 -2.77 -58.68 -23.64
C LEU C 40 -2.43 -59.87 -22.72
N SER C 41 -1.48 -59.67 -21.79
CA SER C 41 -1.02 -60.69 -20.83
C SER C 41 -1.93 -60.82 -19.59
N GLN C 42 -3.07 -60.08 -19.57
CA GLN C 42 -4.07 -60.10 -18.48
C GLN C 42 -4.66 -61.53 -18.26
N PRO C 43 -5.23 -62.24 -19.28
CA PRO C 43 -5.73 -63.60 -19.01
C PRO C 43 -4.63 -64.68 -19.05
N THR C 44 -3.39 -64.30 -19.43
CA THR C 44 -2.23 -65.20 -19.52
C THR C 44 -1.76 -65.60 -18.12
N LEU C 45 -1.62 -64.61 -17.20
CA LEU C 45 -1.21 -64.83 -15.81
C LEU C 45 -2.41 -65.22 -14.92
N LEU C 46 -3.65 -64.93 -15.38
CA LEU C 46 -4.89 -65.26 -14.69
C LEU C 46 -5.21 -66.76 -14.80
N ALA C 47 -4.65 -67.43 -15.83
CA ALA C 47 -4.84 -68.86 -16.06
C ALA C 47 -3.91 -69.69 -15.17
N ARG C 48 -2.62 -69.29 -15.06
CA ARG C 48 -1.60 -69.96 -14.25
C ARG C 48 -1.80 -69.79 -12.74
N ILE C 49 -2.48 -68.70 -12.32
CA ILE C 49 -2.78 -68.44 -10.92
C ILE C 49 -3.91 -69.36 -10.41
N VAL C 50 -4.73 -69.89 -11.34
CA VAL C 50 -5.86 -70.79 -11.04
C VAL C 50 -5.52 -72.25 -11.37
N ALA C 51 -5.11 -72.54 -12.62
CA ALA C 51 -4.79 -73.91 -13.08
C ALA C 51 -3.50 -74.49 -12.50
N GLU C 52 -2.43 -73.66 -12.38
CA GLU C 52 -1.14 -74.10 -11.85
C GLU C 52 -0.95 -73.74 -10.36
N GLY C 53 -1.86 -72.94 -9.81
CA GLY C 53 -1.83 -72.51 -8.43
C GLY C 53 -2.88 -73.16 -7.55
N ILE C 54 -4.15 -72.78 -7.76
CA ILE C 54 -5.31 -73.27 -7.00
C ILE C 54 -5.61 -74.76 -7.29
N ALA C 55 -5.67 -75.13 -8.59
CA ALA C 55 -5.96 -76.49 -9.06
C ALA C 55 -4.85 -77.50 -8.73
N ARG C 56 -3.58 -77.06 -8.73
CA ARG C 56 -2.44 -77.93 -8.40
C ARG C 56 -2.37 -78.30 -6.92
N GLY C 57 -2.89 -77.42 -6.06
CA GLY C 57 -2.96 -77.64 -4.62
C GLY C 57 -1.99 -76.85 -3.78
N ASP C 58 -0.68 -76.93 -4.12
CA ASP C 58 0.40 -76.27 -3.39
C ASP C 58 0.28 -74.74 -3.36
N PHE C 59 0.51 -74.16 -2.17
CA PHE C 59 0.45 -72.71 -1.95
C PHE C 59 1.71 -71.99 -2.45
N SER C 60 2.80 -72.77 -2.72
CA SER C 60 4.08 -72.28 -3.23
C SER C 60 3.94 -71.66 -4.62
N LEU C 61 3.08 -72.25 -5.47
CA LEU C 61 2.79 -71.77 -6.83
C LEU C 61 1.68 -70.71 -6.87
N VAL C 62 0.90 -70.59 -5.77
CA VAL C 62 -0.19 -69.61 -5.62
C VAL C 62 0.40 -68.20 -5.51
N LEU C 63 1.37 -68.00 -4.58
CA LEU C 63 2.04 -66.73 -4.36
C LEU C 63 3.18 -66.47 -5.37
N LYS C 64 3.58 -67.49 -6.14
CA LYS C 64 4.62 -67.40 -7.18
C LYS C 64 4.14 -66.52 -8.33
N THR C 65 2.85 -66.66 -8.69
CA THR C 65 2.18 -65.89 -9.74
C THR C 65 1.33 -64.77 -9.10
N GLY C 66 1.13 -64.88 -7.77
CA GLY C 66 0.36 -63.94 -6.96
C GLY C 66 0.96 -62.55 -6.92
N ILE C 67 2.21 -62.44 -6.41
CA ILE C 67 2.93 -61.17 -6.35
C ILE C 67 3.45 -60.74 -7.73
N LEU C 68 3.68 -61.73 -8.63
CA LEU C 68 4.16 -61.56 -10.00
C LEU C 68 3.17 -60.81 -10.88
N MET C 69 1.85 -61.01 -10.66
CA MET C 69 0.79 -60.36 -11.43
C MET C 69 0.73 -58.85 -11.19
N LEU C 70 1.16 -58.39 -10.00
CA LEU C 70 1.22 -56.97 -9.63
C LEU C 70 2.42 -56.30 -10.30
N ILE C 71 3.52 -57.06 -10.49
CA ILE C 71 4.77 -56.59 -11.12
C ILE C 71 4.54 -56.32 -12.62
N VAL C 72 3.89 -57.26 -13.35
CA VAL C 72 3.59 -57.11 -14.78
C VAL C 72 2.55 -56.00 -15.02
N ALA C 73 1.65 -55.77 -14.04
CA ALA C 73 0.63 -54.72 -14.08
C ALA C 73 1.28 -53.35 -13.86
N LEU C 74 2.37 -53.29 -13.07
CA LEU C 74 3.12 -52.07 -12.77
C LEU C 74 3.85 -51.55 -14.02
N ILE C 75 4.29 -52.46 -14.92
CA ILE C 75 4.96 -52.12 -16.18
C ILE C 75 3.96 -51.39 -17.10
N GLY C 76 2.73 -51.89 -17.14
CA GLY C 76 1.64 -51.30 -17.92
C GLY C 76 1.12 -50.00 -17.33
N ALA C 77 1.15 -49.90 -15.98
CA ALA C 77 0.69 -48.71 -15.24
C ALA C 77 1.66 -47.54 -15.39
N VAL C 78 2.97 -47.77 -15.15
CA VAL C 78 4.04 -46.76 -15.26
C VAL C 78 4.23 -46.38 -16.74
N GLY C 79 4.23 -47.39 -17.62
CA GLY C 79 4.36 -47.23 -19.06
C GLY C 79 3.19 -46.48 -19.68
N GLY C 80 2.01 -46.65 -19.09
CA GLY C 80 0.78 -45.98 -19.51
C GLY C 80 0.76 -44.51 -19.17
N ILE C 81 1.05 -44.18 -17.88
CA ILE C 81 1.09 -42.79 -17.38
C ILE C 81 2.28 -42.03 -17.98
N GLY C 82 3.38 -42.75 -18.25
CA GLY C 82 4.59 -42.21 -18.85
C GLY C 82 4.38 -41.77 -20.28
N CYS C 83 3.58 -42.54 -21.04
CA CYS C 83 3.25 -42.27 -22.44
C CYS C 83 2.37 -41.01 -22.55
N THR C 84 1.46 -40.81 -21.57
CA THR C 84 0.54 -39.67 -21.49
C THR C 84 1.30 -38.35 -21.32
N VAL C 85 2.41 -38.37 -20.55
CA VAL C 85 3.28 -37.21 -20.28
C VAL C 85 4.00 -36.77 -21.57
N PHE C 86 4.68 -37.71 -22.26
CA PHE C 86 5.42 -37.45 -23.51
C PHE C 86 4.53 -37.02 -24.67
N ALA C 87 3.27 -37.52 -24.72
CA ALA C 87 2.31 -37.17 -25.76
C ALA C 87 1.75 -35.76 -25.56
N SER C 88 1.47 -35.37 -24.29
CA SER C 88 0.95 -34.05 -23.93
C SER C 88 2.00 -32.96 -24.09
N TYR C 89 3.26 -33.26 -23.73
CA TYR C 89 4.41 -32.34 -23.83
C TYR C 89 4.71 -31.98 -25.28
N ALA C 90 4.66 -32.98 -26.19
CA ALA C 90 4.92 -32.81 -27.62
C ALA C 90 3.81 -32.03 -28.32
N SER C 91 2.53 -32.32 -27.96
CA SER C 91 1.35 -31.66 -28.54
C SER C 91 1.27 -30.18 -28.17
N GLN C 92 1.57 -29.84 -26.90
CA GLN C 92 1.56 -28.46 -26.40
C GLN C 92 2.68 -27.63 -27.02
N ASN C 93 3.87 -28.25 -27.21
CA ASN C 93 5.04 -27.62 -27.84
C ASN C 93 4.80 -27.38 -29.33
N PHE C 94 4.01 -28.27 -29.97
CA PHE C 94 3.65 -28.16 -31.39
C PHE C 94 2.71 -26.97 -31.58
N GLY C 95 1.82 -26.74 -30.62
CA GLY C 95 0.87 -25.64 -30.62
C GLY C 95 1.51 -24.31 -30.29
N ALA C 96 2.43 -24.30 -29.30
CA ALA C 96 3.15 -23.11 -28.84
C ALA C 96 4.10 -22.54 -29.90
N ASP C 97 4.83 -23.42 -30.62
CA ASP C 97 5.76 -23.03 -31.67
C ASP C 97 5.04 -22.58 -32.95
N LEU C 98 3.82 -23.12 -33.18
CA LEU C 98 2.99 -22.77 -34.35
C LEU C 98 2.39 -21.38 -34.19
N ARG C 99 1.90 -21.04 -32.97
CA ARG C 99 1.30 -19.74 -32.63
C ARG C 99 2.24 -18.56 -32.87
N ARG C 100 3.47 -18.63 -32.32
CA ARG C 100 4.49 -17.59 -32.46
C ARG C 100 5.00 -17.40 -33.90
N ASP C 101 5.01 -18.49 -34.70
CA ASP C 101 5.42 -18.46 -36.10
C ASP C 101 4.31 -17.83 -36.96
N LEU C 102 3.03 -18.03 -36.55
CA LEU C 102 1.86 -17.46 -37.22
C LEU C 102 1.70 -15.99 -36.85
N PHE C 103 1.96 -15.65 -35.56
CA PHE C 103 1.88 -14.30 -34.99
C PHE C 103 2.94 -13.37 -35.59
N ARG C 104 4.12 -13.93 -35.95
CA ARG C 104 5.24 -13.21 -36.57
C ARG C 104 4.83 -12.71 -37.96
N LYS C 105 4.05 -13.53 -38.71
CA LYS C 105 3.52 -13.22 -40.03
C LYS C 105 2.30 -12.31 -39.94
N VAL C 106 1.62 -12.29 -38.78
CA VAL C 106 0.46 -11.44 -38.50
C VAL C 106 0.91 -9.97 -38.43
N LEU C 107 2.01 -9.70 -37.69
CA LEU C 107 2.61 -8.37 -37.50
C LEU C 107 3.10 -7.72 -38.81
N SER C 108 3.43 -8.53 -39.83
CA SER C 108 3.94 -8.07 -41.13
C SER C 108 2.84 -7.63 -42.11
N PHE C 109 1.57 -8.02 -41.86
CA PHE C 109 0.43 -7.65 -42.70
C PHE C 109 0.12 -6.16 -42.67
N SER C 110 -0.41 -5.63 -43.79
CA SER C 110 -0.76 -4.22 -43.94
C SER C 110 -2.29 -4.03 -43.83
N ILE C 111 -2.78 -2.77 -43.96
CA ILE C 111 -4.21 -2.43 -43.89
C ILE C 111 -4.99 -3.05 -45.09
N SER C 112 -4.29 -3.28 -46.22
CA SER C 112 -4.86 -3.91 -47.42
C SER C 112 -5.09 -5.41 -47.20
N ASN C 113 -4.31 -6.04 -46.29
CA ASN C 113 -4.40 -7.46 -45.94
C ASN C 113 -5.62 -7.77 -45.05
N VAL C 114 -6.19 -6.74 -44.42
CA VAL C 114 -7.37 -6.83 -43.56
C VAL C 114 -8.61 -7.08 -44.44
N ASN C 115 -8.61 -6.54 -45.67
CA ASN C 115 -9.69 -6.68 -46.66
C ASN C 115 -9.80 -8.13 -47.19
N ARG C 116 -8.65 -8.78 -47.46
CA ARG C 116 -8.58 -10.17 -47.95
C ARG C 116 -8.95 -11.14 -46.83
N PHE C 117 -8.21 -11.09 -45.70
CA PHE C 117 -8.44 -11.92 -44.51
C PHE C 117 -9.05 -11.05 -43.42
N HIS C 118 -10.35 -11.29 -43.14
CA HIS C 118 -11.21 -10.58 -42.19
C HIS C 118 -10.56 -10.30 -40.82
N THR C 119 -10.85 -9.09 -40.26
CA THR C 119 -10.35 -8.57 -38.98
C THR C 119 -10.70 -9.47 -37.78
N SER C 120 -11.84 -10.18 -37.84
CA SER C 120 -12.32 -11.09 -36.81
C SER C 120 -11.83 -12.54 -37.05
N SER C 121 -11.55 -12.90 -38.31
CA SER C 121 -11.09 -14.23 -38.73
C SER C 121 -9.71 -14.58 -38.18
N LEU C 122 -8.78 -13.61 -38.16
CA LEU C 122 -7.41 -13.75 -37.66
C LEU C 122 -7.36 -14.21 -36.20
N ILE C 123 -8.25 -13.67 -35.35
CA ILE C 123 -8.37 -13.96 -33.91
C ILE C 123 -8.70 -15.45 -33.71
N THR C 124 -9.69 -15.97 -34.46
CA THR C 124 -10.14 -17.37 -34.43
C THR C 124 -9.03 -18.28 -34.99
N ARG C 125 -8.29 -17.79 -36.01
CA ARG C 125 -7.18 -18.50 -36.67
C ARG C 125 -5.99 -18.71 -35.72
N LEU C 126 -5.71 -17.72 -34.85
CA LEU C 126 -4.60 -17.79 -33.90
C LEU C 126 -4.89 -18.70 -32.69
N THR C 127 -6.17 -19.04 -32.43
CA THR C 127 -6.55 -19.88 -31.28
C THR C 127 -7.28 -21.16 -31.69
N ASN C 128 -8.57 -21.06 -32.11
CA ASN C 128 -9.44 -22.19 -32.49
C ASN C 128 -8.83 -23.10 -33.55
N ASP C 129 -8.21 -22.52 -34.60
CA ASP C 129 -7.57 -23.27 -35.67
C ASP C 129 -6.30 -23.99 -35.20
N VAL C 130 -5.64 -23.44 -34.16
CA VAL C 130 -4.42 -24.01 -33.56
C VAL C 130 -4.82 -25.15 -32.60
N THR C 131 -5.84 -24.91 -31.74
CA THR C 131 -6.36 -25.86 -30.76
C THR C 131 -6.93 -27.13 -31.43
N GLN C 132 -7.59 -26.97 -32.61
CA GLN C 132 -8.16 -28.08 -33.38
C GLN C 132 -7.08 -29.03 -33.92
N LEU C 133 -5.96 -28.45 -34.41
CA LEU C 133 -4.82 -29.21 -34.94
C LEU C 133 -3.94 -29.76 -33.80
N GLN C 134 -4.02 -29.15 -32.61
CA GLN C 134 -3.26 -29.54 -31.40
C GLN C 134 -3.69 -30.92 -30.91
N ASN C 135 -5.02 -31.18 -30.86
CA ASN C 135 -5.59 -32.45 -30.44
C ASN C 135 -5.40 -33.57 -31.47
N LEU C 136 -5.20 -33.20 -32.76
CA LEU C 136 -4.97 -34.14 -33.86
C LEU C 136 -3.64 -34.88 -33.71
N VAL C 137 -2.60 -34.16 -33.22
CA VAL C 137 -1.25 -34.70 -32.97
C VAL C 137 -1.34 -35.73 -31.82
N MET C 138 -2.15 -35.42 -30.79
CA MET C 138 -2.42 -36.27 -29.63
C MET C 138 -3.14 -37.57 -30.05
N MET C 139 -4.11 -37.44 -30.98
CA MET C 139 -4.88 -38.55 -31.53
C MET C 139 -4.04 -39.47 -32.43
N LEU C 140 -3.14 -38.86 -33.23
CA LEU C 140 -2.26 -39.59 -34.14
C LEU C 140 -1.17 -40.38 -33.40
N LEU C 141 -0.55 -39.77 -32.37
CA LEU C 141 0.51 -40.39 -31.55
C LEU C 141 0.02 -41.57 -30.71
N ARG C 142 -1.26 -41.58 -30.30
CA ARG C 142 -1.85 -42.66 -29.51
C ARG C 142 -2.05 -43.95 -30.30
N ILE C 143 -2.21 -43.84 -31.64
CA ILE C 143 -2.43 -44.99 -32.53
C ILE C 143 -1.39 -45.06 -33.68
N VAL C 144 -0.21 -44.41 -33.49
CA VAL C 144 0.87 -44.40 -34.49
C VAL C 144 1.51 -45.80 -34.62
N VAL C 145 1.59 -46.55 -33.50
CA VAL C 145 2.14 -47.91 -33.45
C VAL C 145 1.13 -48.89 -32.82
N ARG C 146 0.09 -48.36 -32.15
CA ARG C 146 -0.97 -49.14 -31.51
C ARG C 146 -1.90 -49.77 -32.56
N ALA C 147 -2.41 -48.96 -33.51
CA ALA C 147 -3.30 -49.41 -34.58
C ALA C 147 -2.64 -50.39 -35.59
N PRO C 148 -1.42 -50.15 -36.15
CA PRO C 148 -0.86 -51.13 -37.09
C PRO C 148 -0.38 -52.45 -36.47
N LEU C 149 -0.15 -52.49 -35.14
CA LEU C 149 0.29 -53.69 -34.43
C LEU C 149 -0.83 -54.73 -34.31
N LEU C 150 -2.08 -54.27 -34.08
CA LEU C 150 -3.26 -55.12 -33.95
C LEU C 150 -3.98 -55.34 -35.30
N PHE C 151 -3.48 -54.70 -36.39
CA PHE C 151 -4.04 -54.83 -37.73
C PHE C 151 -3.17 -55.75 -38.60
N VAL C 152 -1.84 -55.53 -38.62
CA VAL C 152 -0.88 -56.36 -39.38
C VAL C 152 -0.65 -57.67 -38.61
N GLY C 153 -0.45 -57.57 -37.29
CA GLY C 153 -0.26 -58.71 -36.41
C GLY C 153 -1.56 -59.39 -35.99
N GLY C 154 -2.69 -58.77 -36.34
CA GLY C 154 -4.04 -59.26 -36.05
C GLY C 154 -4.61 -60.15 -37.13
N ILE C 155 -4.34 -59.83 -38.41
CA ILE C 155 -4.80 -60.60 -39.58
C ILE C 155 -4.11 -61.98 -39.65
N VAL C 156 -2.85 -62.06 -39.15
CA VAL C 156 -2.04 -63.28 -39.09
C VAL C 156 -2.72 -64.28 -38.13
N MET C 157 -3.25 -63.76 -37.00
CA MET C 157 -3.97 -64.53 -35.98
C MET C 157 -5.28 -65.13 -36.53
N ALA C 158 -5.96 -64.39 -37.43
CA ALA C 158 -7.21 -64.82 -38.08
C ALA C 158 -6.96 -65.93 -39.10
N VAL C 159 -5.83 -65.87 -39.81
CA VAL C 159 -5.42 -66.85 -40.82
C VAL C 159 -4.90 -68.14 -40.13
N SER C 160 -4.15 -67.99 -39.01
CA SER C 160 -3.59 -69.11 -38.24
C SER C 160 -4.65 -70.09 -37.72
N ILE C 161 -5.82 -69.56 -37.28
CA ILE C 161 -6.95 -70.37 -36.77
C ILE C 161 -7.59 -71.11 -37.97
N ASN C 162 -7.91 -70.37 -39.05
CA ASN C 162 -8.48 -70.91 -40.29
C ASN C 162 -8.13 -70.00 -41.47
N VAL C 163 -7.42 -70.56 -42.46
CA VAL C 163 -6.97 -69.86 -43.67
C VAL C 163 -8.14 -69.58 -44.62
N LYS C 164 -8.94 -70.62 -44.94
CA LYS C 164 -10.08 -70.58 -45.85
C LYS C 164 -11.24 -69.71 -45.33
N LEU C 165 -11.43 -69.64 -44.00
CA LEU C 165 -12.48 -68.84 -43.36
C LEU C 165 -12.11 -67.34 -43.31
N SER C 166 -10.84 -67.01 -43.57
CA SER C 166 -10.32 -65.63 -43.59
C SER C 166 -10.51 -64.96 -44.97
N SER C 167 -11.22 -65.65 -45.89
CA SER C 167 -11.51 -65.19 -47.25
C SER C 167 -12.74 -64.26 -47.34
N VAL C 168 -13.70 -64.41 -46.41
CA VAL C 168 -14.93 -63.60 -46.35
C VAL C 168 -14.67 -62.13 -46.00
N LEU C 169 -13.54 -61.85 -45.32
CA LEU C 169 -13.12 -60.50 -44.90
C LEU C 169 -12.75 -59.61 -46.10
N ILE C 170 -12.36 -60.21 -47.24
CA ILE C 170 -11.98 -59.52 -48.48
C ILE C 170 -13.23 -58.94 -49.18
N PHE C 171 -14.38 -59.65 -49.08
CA PHE C 171 -15.65 -59.24 -49.69
C PHE C 171 -16.25 -57.96 -49.10
N LEU C 172 -15.98 -57.66 -47.82
CA LEU C 172 -16.48 -56.46 -47.14
C LEU C 172 -15.54 -55.23 -47.28
N ILE C 173 -14.41 -55.40 -48.00
CA ILE C 173 -13.43 -54.33 -48.25
C ILE C 173 -13.98 -53.29 -49.28
N PRO C 174 -14.54 -53.66 -50.47
CA PRO C 174 -15.04 -52.62 -51.41
C PRO C 174 -16.02 -51.57 -50.82
N PRO C 175 -17.07 -51.88 -50.01
CA PRO C 175 -17.92 -50.78 -49.49
C PRO C 175 -17.24 -49.93 -48.41
N ILE C 176 -16.29 -50.52 -47.66
CA ILE C 176 -15.52 -49.84 -46.60
C ILE C 176 -14.53 -48.84 -47.20
N VAL C 177 -13.75 -49.28 -48.22
CA VAL C 177 -12.74 -48.46 -48.91
C VAL C 177 -13.40 -47.28 -49.70
N LEU C 178 -14.68 -47.44 -50.08
CA LEU C 178 -15.45 -46.43 -50.80
C LEU C 178 -16.18 -45.47 -49.83
N LEU C 179 -16.18 -45.80 -48.53
CA LEU C 179 -16.85 -45.01 -47.48
C LEU C 179 -15.98 -43.92 -46.85
N PHE C 180 -14.71 -44.24 -46.52
CA PHE C 180 -13.79 -43.28 -45.88
C PHE C 180 -13.31 -42.20 -46.86
N VAL C 181 -13.11 -42.55 -48.14
CA VAL C 181 -12.69 -41.63 -49.22
C VAL C 181 -13.85 -40.63 -49.47
N TRP C 182 -15.10 -41.11 -49.39
CA TRP C 182 -16.34 -40.34 -49.53
C TRP C 182 -16.43 -39.26 -48.43
N LEU C 183 -15.99 -39.61 -47.20
CA LEU C 183 -15.97 -38.70 -46.06
C LEU C 183 -14.82 -37.69 -46.20
N THR C 184 -13.71 -38.12 -46.84
CA THR C 184 -12.51 -37.30 -47.07
C THR C 184 -12.80 -36.18 -48.09
N LYS C 185 -13.43 -36.53 -49.23
CA LYS C 185 -13.78 -35.60 -50.30
C LYS C 185 -14.86 -34.60 -49.87
N LYS C 186 -15.86 -35.06 -49.08
CA LYS C 186 -16.94 -34.22 -48.56
C LYS C 186 -16.53 -33.42 -47.32
N GLY C 187 -15.44 -33.84 -46.67
CA GLY C 187 -14.90 -33.19 -45.48
C GLY C 187 -14.25 -31.85 -45.73
N ASN C 188 -13.76 -31.63 -46.96
CA ASN C 188 -13.10 -30.39 -47.37
C ASN C 188 -14.06 -29.17 -47.48
N PRO C 189 -15.20 -29.21 -48.25
CA PRO C 189 -16.04 -28.00 -48.31
C PRO C 189 -17.02 -27.80 -47.15
N LEU C 190 -17.53 -28.90 -46.55
CA LEU C 190 -18.50 -28.85 -45.44
C LEU C 190 -17.92 -28.27 -44.15
N PHE C 191 -16.68 -28.68 -43.78
CA PHE C 191 -16.01 -28.19 -42.57
C PHE C 191 -15.42 -26.79 -42.75
N ARG C 192 -15.23 -26.34 -44.01
CA ARG C 192 -14.71 -25.02 -44.36
C ARG C 192 -15.72 -23.93 -43.94
N LYS C 193 -17.02 -24.20 -44.14
CA LYS C 193 -18.12 -23.27 -43.80
C LYS C 193 -18.30 -23.11 -42.28
N ILE C 194 -17.87 -24.11 -41.49
CA ILE C 194 -17.92 -24.08 -40.02
C ILE C 194 -16.87 -23.07 -39.53
N GLN C 195 -15.65 -23.16 -40.09
CA GLN C 195 -14.53 -22.28 -39.78
C GLN C 195 -14.77 -20.83 -40.20
N GLU C 196 -15.65 -20.60 -41.19
CA GLU C 196 -16.03 -19.28 -41.67
C GLU C 196 -17.16 -18.70 -40.80
N SER C 197 -18.07 -19.58 -40.32
CA SER C 197 -19.19 -19.21 -39.44
C SER C 197 -18.73 -18.86 -38.04
N THR C 198 -17.57 -19.39 -37.60
CA THR C 198 -16.96 -19.10 -36.29
C THR C 198 -16.42 -17.67 -36.30
N ASP C 199 -15.99 -17.19 -37.48
CA ASP C 199 -15.48 -15.84 -37.71
C ASP C 199 -16.66 -14.87 -37.77
N GLU C 200 -17.84 -15.35 -38.21
CA GLU C 200 -19.07 -14.58 -38.32
C GLU C 200 -19.62 -14.26 -36.93
N VAL C 201 -19.61 -15.24 -36.00
CA VAL C 201 -20.06 -15.05 -34.63
C VAL C 201 -19.02 -14.25 -33.83
N ASN C 202 -17.74 -14.27 -34.29
CA ASN C 202 -16.63 -13.51 -33.73
C ASN C 202 -16.76 -12.04 -34.14
N ARG C 203 -17.31 -11.79 -35.35
CA ARG C 203 -17.51 -10.45 -35.91
C ARG C 203 -18.56 -9.64 -35.16
N VAL C 204 -19.78 -10.21 -34.97
CA VAL C 204 -20.92 -9.56 -34.28
C VAL C 204 -20.58 -9.23 -32.82
N VAL C 205 -19.87 -10.14 -32.12
CA VAL C 205 -19.48 -9.92 -30.72
C VAL C 205 -18.42 -8.78 -30.63
N ARG C 206 -17.49 -8.72 -31.61
CA ARG C 206 -16.45 -7.70 -31.66
C ARG C 206 -17.03 -6.33 -32.03
N GLU C 207 -18.01 -6.30 -32.97
CA GLU C 207 -18.69 -5.09 -33.44
C GLU C 207 -19.47 -4.44 -32.28
N ASN C 208 -20.07 -5.27 -31.39
CA ASN C 208 -20.82 -4.83 -30.22
C ASN C 208 -19.86 -4.31 -29.14
N LEU C 209 -18.73 -5.03 -28.93
CA LEU C 209 -17.70 -4.68 -27.95
C LEU C 209 -17.05 -3.35 -28.32
N LEU C 210 -16.42 -3.28 -29.52
CA LEU C 210 -15.77 -2.09 -30.03
C LEU C 210 -16.83 -1.08 -30.49
N GLY C 211 -17.16 -0.15 -29.60
CA GLY C 211 -18.16 0.88 -29.84
C GLY C 211 -19.53 0.55 -29.28
N VAL C 212 -19.58 0.14 -28.00
CA VAL C 212 -20.81 -0.19 -27.29
C VAL C 212 -21.64 1.09 -27.00
N ARG C 213 -20.95 2.25 -26.91
CA ARG C 213 -21.53 3.57 -26.69
C ARG C 213 -22.43 3.98 -27.86
N VAL C 214 -22.02 3.65 -29.09
CA VAL C 214 -22.75 3.94 -30.32
C VAL C 214 -24.02 3.07 -30.42
N VAL C 215 -23.91 1.78 -30.02
CA VAL C 215 -25.00 0.80 -30.03
C VAL C 215 -26.18 1.25 -29.15
N ARG C 216 -25.90 1.65 -27.90
CA ARG C 216 -26.91 2.11 -26.93
C ARG C 216 -27.51 3.48 -27.26
N ALA C 217 -26.74 4.33 -27.99
CA ALA C 217 -27.13 5.68 -28.40
C ALA C 217 -28.31 5.73 -29.37
N PHE C 218 -28.47 4.67 -30.19
CA PHE C 218 -29.54 4.60 -31.19
C PHE C 218 -30.51 3.45 -30.96
N ARG C 219 -30.41 2.79 -29.77
CA ARG C 219 -31.25 1.67 -29.30
C ARG C 219 -31.32 0.50 -30.28
N ARG C 220 -30.25 0.28 -31.06
CA ARG C 220 -30.17 -0.81 -32.04
C ARG C 220 -29.52 -2.06 -31.44
N GLU C 221 -29.72 -2.28 -30.12
CA GLU C 221 -29.24 -3.43 -29.36
C GLU C 221 -30.04 -4.65 -29.80
N GLU C 222 -31.34 -4.44 -30.11
CA GLU C 222 -32.29 -5.42 -30.61
C GLU C 222 -31.89 -5.83 -32.03
N TYR C 223 -31.38 -4.86 -32.82
CA TYR C 223 -30.87 -5.05 -34.19
C TYR C 223 -29.60 -5.89 -34.13
N GLU C 224 -28.73 -5.63 -33.13
CA GLU C 224 -27.49 -6.36 -32.91
C GLU C 224 -27.78 -7.74 -32.31
N ASN C 225 -28.93 -7.87 -31.61
CA ASN C 225 -29.41 -9.12 -31.01
C ASN C 225 -29.83 -10.07 -32.13
N GLU C 226 -30.43 -9.53 -33.22
CA GLU C 226 -30.87 -10.28 -34.40
C GLU C 226 -29.65 -10.75 -35.21
N ASN C 227 -28.66 -9.86 -35.41
CA ASN C 227 -27.42 -10.12 -36.15
C ASN C 227 -26.63 -11.29 -35.56
N PHE C 228 -26.52 -11.35 -34.22
CA PHE C 228 -25.83 -12.43 -33.52
C PHE C 228 -26.64 -13.72 -33.61
N ARG C 229 -27.98 -13.63 -33.46
CA ARG C 229 -28.91 -14.77 -33.51
C ARG C 229 -28.85 -15.42 -34.90
N LYS C 230 -28.87 -14.59 -35.97
CA LYS C 230 -28.79 -15.04 -37.37
C LYS C 230 -27.45 -15.68 -37.68
N ALA C 231 -26.35 -15.14 -37.11
CA ALA C 231 -24.99 -15.68 -37.27
C ALA C 231 -24.84 -16.98 -36.49
N ASN C 232 -25.53 -17.08 -35.32
CA ASN C 232 -25.54 -18.25 -34.44
C ASN C 232 -26.33 -19.39 -35.10
N GLU C 233 -27.46 -19.05 -35.76
CA GLU C 233 -28.31 -19.99 -36.49
C GLU C 233 -27.55 -20.53 -37.71
N SER C 234 -26.76 -19.66 -38.37
CA SER C 234 -25.93 -20.02 -39.54
C SER C 234 -24.77 -20.92 -39.11
N LEU C 235 -24.26 -20.73 -37.88
CA LEU C 235 -23.18 -21.52 -37.31
C LEU C 235 -23.63 -22.93 -36.96
N ARG C 236 -24.77 -23.06 -36.22
CA ARG C 236 -25.32 -24.37 -35.82
C ARG C 236 -25.79 -25.21 -37.01
N ARG C 237 -26.29 -24.55 -38.09
CA ARG C 237 -26.74 -25.23 -39.31
C ARG C 237 -25.55 -25.76 -40.12
N SER C 238 -24.42 -25.03 -40.10
CA SER C 238 -23.19 -25.41 -40.80
C SER C 238 -22.51 -26.59 -40.10
N ILE C 239 -22.61 -26.66 -38.76
CA ILE C 239 -22.04 -27.73 -37.94
C ILE C 239 -22.82 -29.05 -38.15
N ILE C 240 -24.16 -29.01 -38.03
CA ILE C 240 -25.03 -30.19 -38.19
C ILE C 240 -24.94 -30.80 -39.60
N SER C 241 -24.73 -29.97 -40.64
CA SER C 241 -24.62 -30.42 -42.04
C SER C 241 -23.41 -31.32 -42.29
N ALA C 242 -22.27 -31.04 -41.62
CA ALA C 242 -21.05 -31.82 -41.73
C ALA C 242 -21.06 -32.99 -40.74
N PHE C 243 -21.66 -32.78 -39.55
CA PHE C 243 -21.77 -33.80 -38.51
C PHE C 243 -22.85 -34.85 -38.80
N SER C 244 -23.79 -34.54 -39.73
CA SER C 244 -24.84 -35.47 -40.16
C SER C 244 -24.21 -36.61 -40.94
N LEU C 245 -23.14 -36.31 -41.71
CA LEU C 245 -22.35 -37.26 -42.50
C LEU C 245 -21.63 -38.24 -41.59
N ILE C 246 -21.22 -37.77 -40.38
CA ILE C 246 -20.53 -38.56 -39.36
C ILE C 246 -21.48 -39.57 -38.71
N VAL C 247 -22.67 -39.11 -38.25
CA VAL C 247 -23.69 -39.97 -37.60
C VAL C 247 -24.40 -40.90 -38.60
N PHE C 248 -24.08 -40.80 -39.90
CA PHE C 248 -24.64 -41.64 -40.97
C PHE C 248 -23.61 -42.69 -41.42
N ALA C 249 -22.33 -42.29 -41.55
CA ALA C 249 -21.25 -43.17 -41.97
C ALA C 249 -20.85 -44.17 -40.89
N LEU C 250 -20.86 -43.74 -39.60
CA LEU C 250 -20.51 -44.56 -38.43
C LEU C 250 -21.41 -45.83 -38.28
N PRO C 251 -22.77 -45.75 -38.26
CA PRO C 251 -23.55 -47.00 -38.14
C PRO C 251 -23.53 -47.85 -39.40
N LEU C 252 -23.33 -47.20 -40.58
CA LEU C 252 -23.24 -47.88 -41.88
C LEU C 252 -21.91 -48.62 -42.01
N PHE C 253 -20.84 -48.12 -41.33
CA PHE C 253 -19.50 -48.72 -41.29
C PHE C 253 -19.57 -50.06 -40.56
N ILE C 254 -20.41 -50.13 -39.50
CA ILE C 254 -20.65 -51.33 -38.69
C ILE C 254 -21.51 -52.30 -39.53
N PHE C 255 -22.52 -51.77 -40.25
CA PHE C 255 -23.45 -52.52 -41.11
C PHE C 255 -22.75 -53.38 -42.18
N ILE C 256 -21.61 -52.90 -42.73
CA ILE C 256 -20.83 -53.62 -43.74
C ILE C 256 -20.14 -54.83 -43.09
N VAL C 257 -19.52 -54.64 -41.90
CA VAL C 257 -18.87 -55.74 -41.18
C VAL C 257 -19.92 -56.68 -40.53
N ASN C 258 -21.17 -56.17 -40.34
CA ASN C 258 -22.31 -56.94 -39.80
C ASN C 258 -22.77 -57.96 -40.84
N MET C 259 -22.66 -57.62 -42.14
CA MET C 259 -23.00 -58.48 -43.28
C MET C 259 -21.98 -59.63 -43.34
N GLY C 260 -20.72 -59.33 -43.00
CA GLY C 260 -19.63 -60.28 -42.95
C GLY C 260 -19.77 -61.27 -41.82
N MET C 261 -20.43 -60.85 -40.71
CA MET C 261 -20.70 -61.68 -39.52
C MET C 261 -21.70 -62.79 -39.89
N ILE C 262 -22.70 -62.46 -40.72
CA ILE C 262 -23.72 -63.40 -41.22
C ILE C 262 -23.04 -64.32 -42.26
N ALA C 263 -22.09 -63.78 -43.04
CA ALA C 263 -21.33 -64.48 -44.07
C ALA C 263 -20.44 -65.62 -43.53
N VAL C 264 -19.98 -65.51 -42.26
CA VAL C 264 -19.15 -66.52 -41.58
C VAL C 264 -19.93 -67.84 -41.42
N LEU C 265 -21.21 -67.76 -40.99
CA LEU C 265 -22.10 -68.91 -40.82
C LEU C 265 -22.51 -69.50 -42.18
N TRP C 266 -22.64 -68.63 -43.20
CA TRP C 266 -23.03 -68.97 -44.57
C TRP C 266 -21.90 -69.73 -45.29
N PHE C 267 -20.63 -69.36 -45.01
CA PHE C 267 -19.44 -69.97 -45.60
C PHE C 267 -18.97 -71.21 -44.82
N GLY C 268 -19.13 -71.19 -43.49
CA GLY C 268 -18.74 -72.27 -42.59
C GLY C 268 -19.49 -73.57 -42.76
N GLY C 269 -20.80 -73.46 -43.03
CA GLY C 269 -21.68 -74.60 -43.23
C GLY C 269 -21.46 -75.38 -44.52
N VAL C 270 -20.90 -74.71 -45.54
CA VAL C 270 -20.61 -75.28 -46.86
C VAL C 270 -19.19 -75.87 -46.90
N LEU C 271 -18.21 -75.18 -46.26
CA LEU C 271 -16.80 -75.56 -46.20
C LEU C 271 -16.57 -76.89 -45.44
N VAL C 272 -16.64 -76.86 -44.08
CA VAL C 272 -16.44 -78.04 -43.23
C VAL C 272 -17.73 -78.89 -43.25
N ARG C 273 -17.63 -80.12 -43.80
CA ARG C 273 -18.77 -81.04 -43.91
C ARG C 273 -18.40 -82.51 -43.61
N ASN C 274 -17.25 -82.98 -44.14
CA ASN C 274 -16.79 -84.36 -44.00
C ASN C 274 -15.62 -84.54 -43.02
N ASN C 275 -14.93 -83.43 -42.68
CA ASN C 275 -13.77 -83.40 -41.78
C ASN C 275 -14.12 -83.87 -40.36
N GLN C 276 -15.13 -83.24 -39.74
CA GLN C 276 -15.67 -83.53 -38.39
C GLN C 276 -14.62 -83.35 -37.24
N MET C 277 -13.46 -82.73 -37.55
CA MET C 277 -12.38 -82.47 -36.58
C MET C 277 -12.21 -80.96 -36.34
N GLU C 278 -12.33 -80.14 -37.41
CA GLU C 278 -12.20 -78.68 -37.32
C GLU C 278 -13.58 -78.03 -37.11
N ILE C 279 -13.97 -77.87 -35.83
CA ILE C 279 -15.27 -77.28 -35.43
C ILE C 279 -15.03 -75.94 -34.71
N GLY C 280 -14.07 -75.92 -33.80
CA GLY C 280 -13.71 -74.76 -33.00
C GLY C 280 -13.08 -73.60 -33.75
N SER C 281 -12.66 -73.81 -35.02
CA SER C 281 -12.05 -72.79 -35.88
C SER C 281 -13.01 -71.64 -36.20
N ILE C 282 -14.28 -71.97 -36.48
CA ILE C 282 -15.35 -71.01 -36.78
C ILE C 282 -15.76 -70.32 -35.47
N MET C 283 -15.70 -71.07 -34.35
CA MET C 283 -16.04 -70.61 -33.00
C MET C 283 -15.03 -69.57 -32.48
N ALA C 284 -13.73 -69.82 -32.67
CA ALA C 284 -12.64 -68.92 -32.24
C ALA C 284 -12.58 -67.64 -33.09
N TYR C 285 -13.03 -67.73 -34.35
CA TYR C 285 -13.07 -66.62 -35.31
C TYR C 285 -14.16 -65.61 -34.94
N THR C 286 -15.37 -66.11 -34.55
CA THR C 286 -16.53 -65.29 -34.15
C THR C 286 -16.29 -64.52 -32.86
N ASN C 287 -15.58 -65.13 -31.89
CA ASN C 287 -15.24 -64.51 -30.60
C ASN C 287 -14.19 -63.42 -30.76
N TYR C 288 -13.24 -63.62 -31.71
CA TYR C 288 -12.18 -62.67 -32.02
C TYR C 288 -12.71 -61.46 -32.81
N LEU C 289 -13.89 -61.63 -33.47
CA LEU C 289 -14.56 -60.58 -34.24
C LEU C 289 -15.09 -59.43 -33.38
N MET C 290 -15.29 -59.69 -32.06
CA MET C 290 -15.74 -58.69 -31.08
C MET C 290 -14.68 -57.61 -30.86
N GLN C 291 -13.38 -57.98 -30.95
CA GLN C 291 -12.25 -57.06 -30.82
C GLN C 291 -12.16 -56.18 -32.08
N ILE C 292 -12.52 -56.74 -33.25
CA ILE C 292 -12.51 -56.07 -34.55
C ILE C 292 -13.65 -55.04 -34.65
N MET C 293 -14.88 -55.42 -34.22
CA MET C 293 -16.08 -54.57 -34.22
C MET C 293 -15.91 -53.26 -33.46
N PHE C 294 -15.29 -53.31 -32.25
CA PHE C 294 -15.05 -52.14 -31.41
C PHE C 294 -13.88 -51.27 -31.89
N SER C 295 -12.86 -51.89 -32.53
CA SER C 295 -11.68 -51.19 -33.05
C SER C 295 -12.00 -50.30 -34.26
N LEU C 296 -12.93 -50.74 -35.12
CA LEU C 296 -13.36 -50.00 -36.33
C LEU C 296 -14.09 -48.70 -35.98
N MET C 297 -14.80 -48.69 -34.82
CA MET C 297 -15.53 -47.53 -34.32
C MET C 297 -14.53 -46.47 -33.81
N MET C 298 -13.40 -46.93 -33.23
CA MET C 298 -12.32 -46.09 -32.71
C MET C 298 -11.60 -45.37 -33.87
N ILE C 299 -11.22 -46.12 -34.93
CA ILE C 299 -10.54 -45.61 -36.13
C ILE C 299 -11.47 -44.65 -36.89
N GLY C 300 -12.75 -45.00 -36.96
CA GLY C 300 -13.79 -44.19 -37.59
C GLY C 300 -14.01 -42.84 -36.92
N ASN C 301 -13.78 -42.79 -35.60
CA ASN C 301 -13.89 -41.58 -34.79
C ASN C 301 -12.73 -40.62 -35.08
N ILE C 302 -11.50 -41.16 -35.26
CA ILE C 302 -10.28 -40.40 -35.57
C ILE C 302 -10.40 -39.75 -36.97
N LEU C 303 -10.98 -40.48 -37.95
CA LEU C 303 -11.20 -40.03 -39.32
C LEU C 303 -12.08 -38.77 -39.39
N ASN C 304 -13.01 -38.63 -38.43
CA ASN C 304 -13.92 -37.49 -38.32
C ASN C 304 -13.17 -36.24 -37.83
N PHE C 305 -12.09 -36.43 -37.04
CA PHE C 305 -11.25 -35.35 -36.53
C PHE C 305 -10.26 -34.87 -37.60
N ILE C 306 -9.85 -35.76 -38.52
CA ILE C 306 -8.92 -35.46 -39.62
C ILE C 306 -9.59 -34.51 -40.64
N VAL C 307 -10.85 -34.81 -41.03
CA VAL C 307 -11.65 -33.99 -41.95
C VAL C 307 -12.04 -32.65 -41.30
N ARG C 308 -12.08 -32.61 -39.96
CA ARG C 308 -12.38 -31.41 -39.17
C ARG C 308 -11.13 -30.51 -39.12
N ALA C 309 -9.94 -31.12 -39.00
CA ALA C 309 -8.65 -30.42 -38.96
C ALA C 309 -8.12 -30.06 -40.35
N SER C 310 -8.64 -30.71 -41.42
CA SER C 310 -8.23 -30.47 -42.81
C SER C 310 -8.57 -29.05 -43.26
N ALA C 311 -9.77 -28.55 -42.86
CA ALA C 311 -10.23 -27.19 -43.16
C ALA C 311 -9.43 -26.18 -42.33
N SER C 312 -9.01 -26.57 -41.11
CA SER C 312 -8.22 -25.76 -40.19
C SER C 312 -6.78 -25.61 -40.69
N ALA C 313 -6.18 -26.70 -41.21
CA ALA C 313 -4.82 -26.74 -41.75
C ALA C 313 -4.69 -25.85 -42.99
N LYS C 314 -5.76 -25.75 -43.80
CA LYS C 314 -5.83 -24.93 -45.02
C LYS C 314 -5.76 -23.44 -44.65
N ARG C 315 -6.38 -23.05 -43.52
CA ARG C 315 -6.39 -21.67 -43.02
C ARG C 315 -5.04 -21.26 -42.43
N VAL C 316 -4.34 -22.21 -41.76
CA VAL C 316 -3.03 -22.00 -41.16
C VAL C 316 -1.96 -21.81 -42.26
N LEU C 317 -2.01 -22.67 -43.29
CA LEU C 317 -1.09 -22.64 -44.44
C LEU C 317 -1.21 -21.40 -45.32
N GLU C 318 -2.42 -20.79 -45.40
CA GLU C 318 -2.65 -19.61 -46.24
C GLU C 318 -2.24 -18.28 -45.53
N VAL C 319 -1.46 -18.39 -44.44
CA VAL C 319 -0.92 -17.25 -43.68
C VAL C 319 0.51 -16.99 -44.19
N LEU C 320 1.33 -18.06 -44.28
CA LEU C 320 2.71 -18.01 -44.77
C LEU C 320 2.77 -17.79 -46.29
N ASN C 321 1.81 -18.41 -47.03
CA ASN C 321 1.69 -18.29 -48.49
C ASN C 321 1.29 -16.88 -48.92
N GLU C 322 0.48 -16.18 -48.09
CA GLU C 322 0.03 -14.81 -48.36
C GLU C 322 1.19 -13.84 -48.14
N LYS C 323 1.74 -13.33 -49.25
CA LYS C 323 2.86 -12.39 -49.24
C LYS C 323 2.40 -10.99 -48.79
N PRO C 324 3.02 -10.40 -47.75
CA PRO C 324 2.60 -9.06 -47.30
C PRO C 324 3.03 -7.97 -48.29
N ALA C 325 2.32 -6.84 -48.30
CA ALA C 325 2.58 -5.69 -49.17
C ALA C 325 3.94 -5.05 -48.94
N ILE C 326 4.42 -5.04 -47.69
CA ILE C 326 5.72 -4.46 -47.31
C ILE C 326 6.59 -5.50 -46.60
N GLU C 327 7.79 -5.73 -47.16
CA GLU C 327 8.80 -6.66 -46.65
C GLU C 327 10.23 -6.10 -46.85
N GLU C 328 11.23 -6.70 -46.17
CA GLU C 328 12.63 -6.29 -46.26
C GLU C 328 13.20 -6.65 -47.63
N ALA C 329 13.91 -5.68 -48.26
CA ALA C 329 14.51 -5.83 -49.59
C ALA C 329 15.66 -6.85 -49.63
N ASP C 330 15.91 -7.40 -50.83
CA ASP C 330 16.98 -8.39 -51.06
C ASP C 330 18.35 -7.71 -51.07
N ASN C 331 18.44 -6.50 -51.65
CA ASN C 331 19.68 -5.70 -51.73
C ASN C 331 19.66 -4.56 -50.68
N ALA C 332 19.08 -4.86 -49.50
CA ALA C 332 18.95 -3.92 -48.38
C ALA C 332 20.28 -3.60 -47.67
N LEU C 333 20.42 -2.34 -47.24
CA LEU C 333 21.61 -1.83 -46.53
C LEU C 333 21.18 -1.08 -45.26
N ALA C 334 21.91 -1.32 -44.15
CA ALA C 334 21.64 -0.70 -42.85
C ALA C 334 22.06 0.78 -42.84
N LEU C 335 21.12 1.67 -42.49
CA LEU C 335 21.33 3.12 -42.43
C LEU C 335 21.14 3.61 -40.98
N PRO C 336 22.19 3.55 -40.12
CA PRO C 336 22.02 4.00 -38.73
C PRO C 336 21.89 5.51 -38.57
N ASN C 337 22.74 6.30 -39.27
CA ASN C 337 22.72 7.75 -39.22
C ASN C 337 21.82 8.35 -40.30
N VAL C 338 20.82 9.14 -39.87
CA VAL C 338 19.85 9.81 -40.75
C VAL C 338 19.99 11.33 -40.54
N GLU C 339 20.23 12.09 -41.63
CA GLU C 339 20.38 13.54 -41.55
C GLU C 339 19.03 14.28 -41.55
N GLY C 340 18.07 13.76 -42.31
CA GLY C 340 16.73 14.33 -42.42
C GLY C 340 16.34 14.82 -43.79
N SER C 341 16.96 14.26 -44.85
CA SER C 341 16.67 14.63 -46.24
C SER C 341 15.49 13.85 -46.78
N VAL C 342 14.40 14.55 -47.12
CA VAL C 342 13.15 13.96 -47.65
C VAL C 342 12.90 14.51 -49.06
N SER C 343 12.62 13.62 -50.03
CA SER C 343 12.36 13.98 -51.42
C SER C 343 11.24 13.12 -52.03
N PHE C 344 10.53 13.67 -53.03
CA PHE C 344 9.44 13.00 -53.74
C PHE C 344 9.58 13.21 -55.24
N GLU C 345 9.72 12.11 -56.01
CA GLU C 345 9.91 12.15 -57.46
C GLU C 345 8.87 11.32 -58.21
N ASN C 346 7.99 12.01 -58.99
CA ASN C 346 6.90 11.44 -59.81
C ASN C 346 6.00 10.43 -59.06
N VAL C 347 5.71 10.74 -57.77
CA VAL C 347 4.93 9.89 -56.86
C VAL C 347 3.46 9.76 -57.31
N GLU C 348 3.03 8.51 -57.57
CA GLU C 348 1.70 8.14 -57.99
C GLU C 348 1.28 6.87 -57.24
N PHE C 349 0.22 6.94 -56.41
CA PHE C 349 -0.25 5.82 -55.61
C PHE C 349 -1.77 5.57 -55.70
N ARG C 350 -2.14 4.27 -55.61
CA ARG C 350 -3.50 3.76 -55.59
C ARG C 350 -3.58 2.66 -54.53
N TYR C 351 -4.47 2.85 -53.53
CA TYR C 351 -4.65 1.94 -52.39
C TYR C 351 -4.96 0.48 -52.76
N PHE C 352 -5.85 0.26 -53.75
CA PHE C 352 -6.24 -1.07 -54.19
C PHE C 352 -6.23 -1.23 -55.72
N GLU C 353 -6.59 -2.44 -56.18
CA GLU C 353 -6.69 -2.85 -57.58
C GLU C 353 -8.00 -2.39 -58.23
N ASN C 354 -8.85 -1.65 -57.49
CA ASN C 354 -10.15 -1.14 -57.98
C ASN C 354 -10.49 0.27 -57.43
N THR C 355 -9.47 1.01 -56.96
CA THR C 355 -9.62 2.36 -56.41
C THR C 355 -9.12 3.45 -57.35
N ASP C 356 -9.75 4.64 -57.29
CA ASP C 356 -9.42 5.83 -58.07
C ASP C 356 -8.01 6.38 -57.74
N PRO C 357 -7.35 7.20 -58.62
CA PRO C 357 -6.02 7.71 -58.28
C PRO C 357 -5.98 8.55 -56.99
N VAL C 358 -5.44 7.96 -55.92
CA VAL C 358 -5.30 8.56 -54.59
C VAL C 358 -4.32 9.74 -54.66
N LEU C 359 -3.13 9.51 -55.24
CA LEU C 359 -2.08 10.51 -55.44
C LEU C 359 -1.57 10.42 -56.87
N SER C 360 -1.42 11.57 -57.55
CA SER C 360 -0.95 11.63 -58.95
C SER C 360 -0.20 12.93 -59.25
N GLY C 361 1.02 12.77 -59.76
CA GLY C 361 1.90 13.90 -60.12
C GLY C 361 2.43 14.68 -58.95
N VAL C 362 3.08 13.98 -57.99
CA VAL C 362 3.66 14.58 -56.79
C VAL C 362 5.15 14.81 -57.01
N ASN C 363 5.59 16.08 -57.00
CA ASN C 363 6.99 16.46 -57.20
C ASN C 363 7.40 17.65 -56.31
N PHE C 364 8.03 17.33 -55.16
CA PHE C 364 8.52 18.31 -54.18
C PHE C 364 9.64 17.75 -53.30
N SER C 365 10.58 18.63 -52.90
CA SER C 365 11.73 18.28 -52.05
C SER C 365 11.68 19.04 -50.73
N VAL C 366 11.91 18.32 -49.62
CA VAL C 366 11.90 18.88 -48.26
C VAL C 366 13.34 19.19 -47.82
N LYS C 367 13.54 20.40 -47.25
CA LYS C 367 14.84 20.85 -46.75
C LYS C 367 15.26 20.00 -45.53
N PRO C 368 16.54 19.59 -45.41
CA PRO C 368 16.95 18.78 -44.25
C PRO C 368 17.07 19.65 -42.99
N GLY C 369 16.17 19.38 -42.04
CA GLY C 369 16.11 20.11 -40.78
C GLY C 369 15.25 21.35 -40.86
N SER C 370 14.00 21.19 -41.33
CA SER C 370 13.03 22.28 -41.49
C SER C 370 11.61 21.86 -41.13
N LEU C 371 10.84 22.77 -40.52
CA LEU C 371 9.45 22.54 -40.12
C LEU C 371 8.56 22.82 -41.33
N VAL C 372 7.99 21.76 -41.93
CA VAL C 372 7.13 21.85 -43.12
C VAL C 372 5.68 21.47 -42.80
N ALA C 373 4.75 22.38 -43.13
CA ALA C 373 3.31 22.19 -42.90
C ALA C 373 2.60 21.65 -44.15
N VAL C 374 1.63 20.75 -43.94
CA VAL C 374 0.83 20.15 -45.01
C VAL C 374 -0.63 20.59 -44.87
N LEU C 375 -1.20 21.19 -45.93
CA LEU C 375 -2.59 21.68 -45.96
C LEU C 375 -3.37 21.28 -47.20
N GLY C 376 -4.70 21.38 -47.09
CA GLY C 376 -5.65 21.06 -48.16
C GLY C 376 -7.07 21.04 -47.66
N GLU C 377 -7.80 19.94 -47.97
CA GLU C 377 -9.19 19.73 -47.53
C GLU C 377 -9.46 18.25 -47.21
N THR C 378 -10.68 17.96 -46.72
CA THR C 378 -11.12 16.60 -46.35
C THR C 378 -11.23 15.69 -47.58
N GLY C 379 -10.40 14.65 -47.61
CA GLY C 379 -10.37 13.68 -48.69
C GLY C 379 -9.57 14.12 -49.90
N SER C 380 -8.27 14.42 -49.69
CA SER C 380 -7.36 14.86 -50.76
C SER C 380 -6.13 13.96 -50.86
N GLY C 381 -5.40 13.81 -49.75
CA GLY C 381 -4.21 12.97 -49.68
C GLY C 381 -3.11 13.54 -48.79
N LYS C 382 -3.47 13.90 -47.53
CA LYS C 382 -2.53 14.43 -46.55
C LYS C 382 -1.93 13.33 -45.68
N SER C 383 -2.77 12.36 -45.23
CA SER C 383 -2.35 11.23 -44.40
C SER C 383 -1.66 10.13 -45.21
N THR C 384 -2.10 9.90 -46.46
CA THR C 384 -1.56 8.88 -47.38
C THR C 384 -0.12 9.22 -47.81
N LEU C 385 0.15 10.52 -48.08
CA LEU C 385 1.45 11.04 -48.50
C LEU C 385 2.51 10.90 -47.39
N MET C 386 2.11 11.13 -46.12
CA MET C 386 3.00 11.05 -44.95
C MET C 386 3.44 9.63 -44.62
N ASN C 387 2.64 8.61 -45.02
CA ASN C 387 2.92 7.18 -44.79
C ASN C 387 4.10 6.66 -45.63
N LEU C 388 4.38 7.32 -46.77
CA LEU C 388 5.45 6.95 -47.70
C LEU C 388 6.85 7.23 -47.14
N ILE C 389 6.98 8.14 -46.16
CA ILE C 389 8.27 8.51 -45.53
C ILE C 389 8.83 7.35 -44.66
N PRO C 390 8.15 6.83 -43.60
CA PRO C 390 8.76 5.73 -42.83
C PRO C 390 8.44 4.33 -43.36
N ARG C 391 8.09 4.23 -44.66
CA ARG C 391 7.73 3.02 -45.41
C ARG C 391 6.53 2.28 -44.79
N LEU C 392 5.32 2.63 -45.23
CA LEU C 392 4.06 2.02 -44.77
C LEU C 392 3.18 1.60 -45.95
N ILE C 393 3.47 2.11 -47.16
CA ILE C 393 2.79 1.81 -48.43
C ILE C 393 3.76 1.97 -49.60
N ASP C 394 3.76 1.00 -50.53
CA ASP C 394 4.63 1.03 -51.72
C ASP C 394 3.91 1.66 -52.92
N PRO C 395 4.48 2.71 -53.57
CA PRO C 395 3.78 3.33 -54.71
C PRO C 395 3.85 2.52 -56.00
N GLU C 396 2.77 2.60 -56.81
CA GLU C 396 2.67 1.90 -58.08
C GLU C 396 3.57 2.54 -59.14
N ARG C 397 3.72 3.87 -59.10
CA ARG C 397 4.59 4.66 -59.99
C ARG C 397 5.31 5.74 -59.20
N GLY C 398 6.60 5.90 -59.47
CA GLY C 398 7.45 6.88 -58.82
C GLY C 398 8.17 6.34 -57.59
N ARG C 399 9.19 7.09 -57.12
CA ARG C 399 10.00 6.71 -55.96
C ARG C 399 10.07 7.77 -54.87
N VAL C 400 10.26 7.31 -53.62
CA VAL C 400 10.42 8.15 -52.43
C VAL C 400 11.91 8.08 -52.04
N GLU C 401 12.52 9.25 -51.78
CA GLU C 401 13.94 9.32 -51.44
C GLU C 401 14.18 9.88 -50.03
N VAL C 402 14.93 9.12 -49.23
CA VAL C 402 15.32 9.48 -47.85
C VAL C 402 16.84 9.28 -47.72
N ASP C 403 17.57 10.39 -47.44
CA ASP C 403 19.03 10.46 -47.27
C ASP C 403 19.79 10.00 -48.53
N GLU C 404 19.69 10.80 -49.63
CA GLU C 404 20.34 10.63 -50.94
C GLU C 404 19.90 9.38 -51.74
N LEU C 405 19.43 8.31 -51.07
CA LEU C 405 19.01 7.06 -51.70
C LEU C 405 17.51 6.75 -51.51
N ASP C 406 17.02 5.68 -52.16
CA ASP C 406 15.64 5.21 -52.12
C ASP C 406 15.27 4.67 -50.72
N VAL C 407 13.97 4.69 -50.38
CA VAL C 407 13.44 4.22 -49.10
C VAL C 407 13.40 2.68 -49.06
N ARG C 408 12.85 2.06 -50.13
CA ARG C 408 12.70 0.60 -50.29
C ARG C 408 13.99 -0.20 -50.17
N THR C 409 15.11 0.33 -50.71
CA THR C 409 16.44 -0.31 -50.69
C THR C 409 17.16 -0.21 -49.32
N VAL C 410 16.53 0.47 -48.34
CA VAL C 410 17.06 0.64 -46.98
C VAL C 410 16.33 -0.31 -46.01
N LYS C 411 17.09 -0.95 -45.09
CA LYS C 411 16.59 -1.89 -44.07
C LYS C 411 15.50 -1.25 -43.21
N LEU C 412 14.44 -2.01 -42.91
CA LEU C 412 13.30 -1.55 -42.11
C LEU C 412 13.63 -1.26 -40.64
N LYS C 413 14.55 -2.06 -40.04
CA LYS C 413 14.98 -1.90 -38.64
C LYS C 413 15.74 -0.60 -38.38
N ASP C 414 16.48 -0.10 -39.39
CA ASP C 414 17.25 1.14 -39.33
C ASP C 414 16.40 2.37 -39.68
N LEU C 415 15.54 2.24 -40.72
CA LEU C 415 14.65 3.31 -41.21
C LEU C 415 13.57 3.66 -40.18
N ARG C 416 12.75 2.67 -39.77
CA ARG C 416 11.68 2.85 -38.79
C ARG C 416 12.25 3.08 -37.38
N GLY C 417 13.43 2.52 -37.11
CA GLY C 417 14.13 2.65 -35.84
C GLY C 417 14.76 4.01 -35.58
N HIS C 418 14.61 4.95 -36.54
CA HIS C 418 15.13 6.31 -36.47
C HIS C 418 14.09 7.36 -36.91
N ILE C 419 13.03 6.92 -37.61
CA ILE C 419 11.94 7.78 -38.08
C ILE C 419 10.64 7.40 -37.36
N SER C 420 10.15 8.30 -36.46
CA SER C 420 8.93 8.09 -35.68
C SER C 420 7.80 9.00 -36.17
N ALA C 421 6.59 8.43 -36.30
CA ALA C 421 5.40 9.15 -36.77
C ALA C 421 4.21 9.02 -35.81
N VAL C 422 3.42 10.10 -35.70
CA VAL C 422 2.22 10.16 -34.85
C VAL C 422 0.98 10.15 -35.77
N PRO C 423 0.04 9.18 -35.60
CA PRO C 423 -1.13 9.14 -36.50
C PRO C 423 -2.27 10.08 -36.12
N GLN C 424 -3.23 10.27 -37.06
CA GLN C 424 -4.42 11.09 -36.90
C GLN C 424 -5.31 10.51 -35.80
N GLU C 425 -5.56 9.18 -35.87
CA GLU C 425 -6.32 8.44 -34.88
C GLU C 425 -5.31 7.96 -33.83
N THR C 426 -5.32 8.60 -32.65
CA THR C 426 -4.39 8.29 -31.56
C THR C 426 -4.77 6.98 -30.87
N VAL C 427 -3.84 6.00 -30.89
CA VAL C 427 -4.03 4.67 -30.30
C VAL C 427 -3.23 4.56 -29.00
N LEU C 428 -3.93 4.30 -27.89
CA LEU C 428 -3.32 4.14 -26.57
C LEU C 428 -3.42 2.68 -26.13
N PHE C 429 -2.26 2.03 -25.92
CA PHE C 429 -2.15 0.63 -25.53
C PHE C 429 -2.25 0.45 -24.03
N SER C 430 -2.74 -0.72 -23.58
CA SER C 430 -2.91 -1.09 -22.17
C SER C 430 -1.59 -1.19 -21.40
N GLY C 431 -1.66 -0.99 -20.08
CA GLY C 431 -0.51 -1.05 -19.19
C GLY C 431 -0.41 0.12 -18.24
N THR C 432 0.72 0.85 -18.32
CA THR C 432 1.01 2.04 -17.49
C THR C 432 1.56 3.19 -18.35
N ILE C 433 1.50 4.44 -17.83
CA ILE C 433 1.98 5.66 -18.52
C ILE C 433 3.48 5.55 -18.82
N LYS C 434 4.26 5.03 -17.87
CA LYS C 434 5.71 4.82 -17.99
C LYS C 434 6.03 3.81 -19.11
N GLU C 435 5.20 2.74 -19.23
CA GLU C 435 5.36 1.71 -20.25
C GLU C 435 4.93 2.25 -21.63
N ASN C 436 3.90 3.12 -21.66
CA ASN C 436 3.36 3.76 -22.86
C ASN C 436 4.37 4.74 -23.48
N LEU C 437 5.06 5.53 -22.65
CA LEU C 437 6.05 6.50 -23.09
C LEU C 437 7.36 5.84 -23.54
N LYS C 438 7.64 4.62 -23.02
CA LYS C 438 8.83 3.83 -23.34
C LYS C 438 8.72 3.08 -24.69
N TRP C 439 7.65 3.36 -25.47
CA TRP C 439 7.40 2.75 -26.79
C TRP C 439 8.46 3.13 -27.81
N GLY C 440 8.95 4.37 -27.75
CA GLY C 440 10.02 4.86 -28.61
C GLY C 440 11.36 4.31 -28.18
N ARG C 441 11.74 4.57 -26.93
CA ARG C 441 12.98 4.09 -26.32
C ARG C 441 12.68 3.32 -25.03
N GLU C 442 12.92 2.00 -25.04
CA GLU C 442 12.69 1.12 -23.90
C GLU C 442 13.78 1.28 -22.84
N ASP C 443 15.00 1.66 -23.27
CA ASP C 443 16.17 1.88 -22.42
C ASP C 443 16.25 3.31 -21.85
N ALA C 444 15.21 4.13 -22.09
CA ALA C 444 15.12 5.52 -21.62
C ALA C 444 15.02 5.64 -20.11
N THR C 445 15.82 6.55 -19.52
CA THR C 445 15.87 6.81 -18.08
C THR C 445 14.60 7.58 -17.62
N ASP C 446 14.33 7.58 -16.30
CA ASP C 446 13.19 8.27 -15.69
C ASP C 446 13.19 9.79 -15.93
N ASP C 447 14.38 10.40 -16.04
CA ASP C 447 14.53 11.84 -16.31
C ASP C 447 14.18 12.20 -17.75
N GLU C 448 14.49 11.30 -18.72
CA GLU C 448 14.23 11.50 -20.14
C GLU C 448 12.75 11.44 -20.50
N ILE C 449 12.00 10.47 -19.90
CA ILE C 449 10.57 10.29 -20.13
C ILE C 449 9.74 11.41 -19.49
N VAL C 450 10.23 11.99 -18.37
CA VAL C 450 9.59 13.09 -17.63
C VAL C 450 9.66 14.40 -18.43
N GLU C 451 10.85 14.71 -19.01
CA GLU C 451 11.12 15.91 -19.81
C GLU C 451 10.29 15.99 -21.09
N ALA C 452 10.00 14.83 -21.71
CA ALA C 452 9.19 14.74 -22.93
C ALA C 452 7.72 15.12 -22.66
N ALA C 453 7.22 14.77 -21.47
CA ALA C 453 5.86 15.08 -21.02
C ALA C 453 5.69 16.57 -20.71
N LYS C 454 6.80 17.24 -20.30
CA LYS C 454 6.84 18.67 -19.99
C LYS C 454 6.65 19.54 -21.24
N ILE C 455 7.10 19.04 -22.41
CA ILE C 455 6.97 19.73 -23.70
C ILE C 455 5.51 19.62 -24.20
N ALA C 456 4.91 18.42 -24.05
CA ALA C 456 3.53 18.12 -24.47
C ALA C 456 2.46 18.64 -23.51
N GLN C 457 2.88 19.14 -22.31
CA GLN C 457 2.04 19.69 -21.24
C GLN C 457 1.02 18.66 -20.68
N ILE C 458 1.50 17.43 -20.45
CA ILE C 458 0.70 16.33 -19.90
C ILE C 458 1.22 15.88 -18.51
N HIS C 459 2.45 16.32 -18.16
CA HIS C 459 3.14 16.00 -16.90
C HIS C 459 2.36 16.42 -15.65
N ASP C 460 1.60 17.53 -15.71
CA ASP C 460 0.77 18.05 -14.60
C ASP C 460 -0.36 17.10 -14.22
N PHE C 461 -0.92 16.35 -15.19
CA PHE C 461 -2.01 15.40 -14.96
C PHE C 461 -1.49 14.08 -14.39
N ILE C 462 -0.26 13.68 -14.77
CA ILE C 462 0.38 12.43 -14.31
C ILE C 462 0.67 12.49 -12.80
N ILE C 463 1.24 13.62 -12.32
CA ILE C 463 1.57 13.84 -10.91
C ILE C 463 0.32 13.95 -10.01
N SER C 464 -0.81 14.44 -10.57
CA SER C 464 -2.08 14.59 -9.84
C SER C 464 -2.75 13.24 -9.52
N LEU C 465 -2.41 12.18 -10.28
CA LEU C 465 -2.92 10.82 -10.12
C LEU C 465 -2.39 10.15 -8.84
N PRO C 466 -3.17 9.26 -8.16
CA PRO C 466 -2.68 8.64 -6.91
C PRO C 466 -1.50 7.68 -7.08
N GLU C 467 -1.38 7.04 -8.25
CA GLU C 467 -0.29 6.09 -8.54
C GLU C 467 0.82 6.71 -9.39
N GLY C 468 0.53 7.85 -10.01
CA GLY C 468 1.48 8.59 -10.85
C GLY C 468 1.66 7.97 -12.21
N TYR C 469 2.93 7.69 -12.59
CA TYR C 469 3.29 7.07 -13.87
C TYR C 469 2.88 5.59 -13.94
N ASP C 470 2.72 4.95 -12.77
CA ASP C 470 2.34 3.54 -12.64
C ASP C 470 0.82 3.32 -12.53
N SER C 471 0.02 4.35 -12.87
CA SER C 471 -1.45 4.28 -12.84
C SER C 471 -1.97 3.39 -13.97
N ARG C 472 -3.12 2.71 -13.73
CA ARG C 472 -3.74 1.79 -14.67
C ARG C 472 -4.18 2.46 -15.98
N VAL C 473 -3.62 1.96 -17.09
CA VAL C 473 -3.89 2.42 -18.45
C VAL C 473 -4.56 1.26 -19.21
N GLU C 474 -5.68 1.53 -19.89
CA GLU C 474 -6.46 0.53 -20.62
C GLU C 474 -6.25 0.55 -22.14
N ARG C 475 -6.56 -0.57 -22.80
CA ARG C 475 -6.45 -0.81 -24.25
C ARG C 475 -7.46 0.06 -25.02
N GLY C 476 -6.98 0.72 -26.07
CA GLY C 476 -7.78 1.59 -26.91
C GLY C 476 -7.50 3.05 -26.66
N GLY C 477 -7.87 3.51 -25.46
CA GLY C 477 -7.68 4.88 -25.02
C GLY C 477 -8.89 5.55 -24.40
N ARG C 478 -9.86 4.75 -23.90
CA ARG C 478 -11.07 5.28 -23.27
C ARG C 478 -10.91 5.39 -21.74
N ASN C 479 -9.69 5.13 -21.24
CA ASN C 479 -9.30 5.24 -19.84
C ASN C 479 -8.99 6.71 -19.51
N PHE C 480 -8.53 7.46 -20.53
CA PHE C 480 -8.24 8.90 -20.46
C PHE C 480 -9.06 9.64 -21.52
N SER C 481 -9.21 10.97 -21.37
CA SER C 481 -9.97 11.80 -22.31
C SER C 481 -9.27 11.91 -23.67
N GLY C 482 -10.05 12.22 -24.71
CA GLY C 482 -9.61 12.34 -26.10
C GLY C 482 -8.33 13.12 -26.32
N GLY C 483 -8.23 14.28 -25.69
CA GLY C 483 -7.06 15.15 -25.77
C GLY C 483 -5.89 14.72 -24.91
N GLN C 484 -6.17 14.00 -23.79
CA GLN C 484 -5.16 13.49 -22.86
C GLN C 484 -4.26 12.46 -23.52
N LYS C 485 -4.86 11.46 -24.21
CA LYS C 485 -4.11 10.42 -24.93
C LYS C 485 -3.44 11.00 -26.18
N GLN C 486 -4.04 12.08 -26.75
CA GLN C 486 -3.54 12.81 -27.91
C GLN C 486 -2.23 13.51 -27.55
N ARG C 487 -2.18 14.13 -26.34
CA ARG C 487 -0.99 14.80 -25.82
C ARG C 487 0.11 13.78 -25.47
N LEU C 488 -0.30 12.56 -25.09
CA LEU C 488 0.61 11.46 -24.75
C LEU C 488 1.33 10.91 -25.98
N SER C 489 0.63 10.81 -27.13
CA SER C 489 1.16 10.29 -28.39
C SER C 489 2.28 11.14 -28.99
N ILE C 490 2.24 12.48 -28.78
CA ILE C 490 3.26 13.41 -29.26
C ILE C 490 4.54 13.20 -28.45
N ALA C 491 4.40 13.12 -27.11
CA ALA C 491 5.50 12.89 -26.15
C ALA C 491 6.11 11.50 -26.30
N ARG C 492 5.30 10.52 -26.75
CA ARG C 492 5.69 9.12 -27.00
C ARG C 492 6.79 9.06 -28.06
N ALA C 493 6.68 9.88 -29.13
CA ALA C 493 7.65 9.98 -30.20
C ALA C 493 8.86 10.82 -29.77
N LEU C 494 8.64 11.80 -28.87
CA LEU C 494 9.67 12.70 -28.33
C LEU C 494 10.71 12.01 -27.44
N VAL C 495 10.36 10.85 -26.85
CA VAL C 495 11.25 10.06 -25.98
C VAL C 495 12.41 9.50 -26.81
N LYS C 496 12.08 8.93 -27.99
CA LYS C 496 13.04 8.34 -28.94
C LYS C 496 13.96 9.38 -29.59
N LYS C 497 13.48 10.65 -29.69
CA LYS C 497 14.17 11.80 -30.32
C LYS C 497 14.51 11.50 -31.80
N PRO C 498 13.52 11.53 -32.70
CA PRO C 498 13.82 11.21 -34.11
C PRO C 498 14.29 12.40 -34.93
N LYS C 499 15.04 12.12 -36.01
CA LYS C 499 15.56 13.15 -36.91
C LYS C 499 14.49 13.55 -37.93
N VAL C 500 13.56 12.62 -38.24
CA VAL C 500 12.42 12.84 -39.15
C VAL C 500 11.14 12.57 -38.33
N LEU C 501 10.43 13.65 -37.93
CA LEU C 501 9.21 13.57 -37.14
C LEU C 501 7.98 13.94 -37.98
N ILE C 502 6.96 13.07 -37.97
CA ILE C 502 5.71 13.25 -38.71
C ILE C 502 4.54 13.37 -37.70
N LEU C 503 3.76 14.46 -37.83
CA LEU C 503 2.61 14.74 -36.96
C LEU C 503 1.34 14.94 -37.78
N ASP C 504 0.43 13.96 -37.74
CA ASP C 504 -0.84 14.01 -38.45
C ASP C 504 -1.92 14.47 -37.48
N ASP C 505 -2.39 15.74 -37.67
CA ASP C 505 -3.38 16.44 -36.84
C ASP C 505 -2.98 16.43 -35.36
N CYS C 506 -1.81 17.02 -35.06
CA CYS C 506 -1.19 17.13 -33.74
C CYS C 506 -2.12 17.77 -32.71
N THR C 507 -2.85 18.83 -33.12
CA THR C 507 -3.80 19.54 -32.27
C THR C 507 -5.19 19.53 -32.89
N SER C 508 -6.12 18.80 -32.26
CA SER C 508 -7.51 18.67 -32.70
C SER C 508 -8.45 18.73 -31.49
N SER C 509 -8.07 18.06 -30.39
CA SER C 509 -8.81 18.04 -29.13
C SER C 509 -8.04 18.85 -28.06
N VAL C 510 -7.20 19.80 -28.52
CA VAL C 510 -6.38 20.68 -27.68
C VAL C 510 -6.92 22.12 -27.74
N ASP C 511 -7.06 22.75 -26.56
CA ASP C 511 -7.54 24.13 -26.42
C ASP C 511 -6.53 25.14 -27.02
N PRO C 512 -6.99 26.28 -27.57
CA PRO C 512 -6.06 27.24 -28.20
C PRO C 512 -4.89 27.75 -27.34
N ILE C 513 -5.07 27.85 -26.00
CA ILE C 513 -4.01 28.30 -25.09
C ILE C 513 -2.88 27.25 -25.02
N THR C 514 -3.26 25.97 -24.83
CA THR C 514 -2.33 24.83 -24.76
C THR C 514 -1.74 24.53 -26.15
N GLU C 515 -2.50 24.83 -27.24
CA GLU C 515 -2.09 24.64 -28.63
C GLU C 515 -0.81 25.44 -28.96
N LYS C 516 -0.71 26.67 -28.44
CA LYS C 516 0.43 27.56 -28.63
C LYS C 516 1.65 27.07 -27.83
N ARG C 517 1.43 26.56 -26.59
CA ARG C 517 2.48 26.06 -25.71
C ARG C 517 3.17 24.78 -26.22
N ILE C 518 2.43 23.93 -26.97
CA ILE C 518 2.97 22.69 -27.55
C ILE C 518 3.74 22.99 -28.84
N LEU C 519 3.11 23.73 -29.79
CA LEU C 519 3.68 24.11 -31.08
C LEU C 519 4.99 24.90 -30.97
N ASP C 520 5.03 25.93 -30.11
CA ASP C 520 6.22 26.76 -29.90
C ASP C 520 7.26 26.05 -29.02
N GLY C 521 6.79 25.14 -28.17
CA GLY C 521 7.63 24.35 -27.27
C GLY C 521 8.52 23.34 -27.97
N LEU C 522 8.05 22.82 -29.13
CA LEU C 522 8.77 21.85 -29.95
C LEU C 522 9.94 22.51 -30.70
N LYS C 523 9.69 23.71 -31.28
CA LYS C 523 10.66 24.51 -32.05
C LYS C 523 11.88 24.93 -31.21
N ARG C 524 11.65 25.20 -29.91
CA ARG C 524 12.66 25.64 -28.94
C ARG C 524 13.67 24.53 -28.61
N TYR C 525 13.19 23.28 -28.46
CA TYR C 525 14.03 22.13 -28.10
C TYR C 525 14.62 21.40 -29.31
N THR C 526 13.94 21.41 -30.47
CA THR C 526 14.43 20.77 -31.70
C THR C 526 14.96 21.79 -32.70
N LYS C 527 16.30 21.89 -32.81
CA LYS C 527 16.97 22.80 -33.73
C LYS C 527 17.68 22.01 -34.84
N GLY C 528 17.35 22.33 -36.08
CA GLY C 528 17.88 21.67 -37.27
C GLY C 528 17.32 20.27 -37.45
N CYS C 529 16.07 20.05 -37.00
CA CYS C 529 15.36 18.78 -37.06
C CYS C 529 14.21 18.85 -38.07
N THR C 530 14.13 17.85 -38.97
CA THR C 530 13.08 17.74 -40.01
C THR C 530 11.75 17.39 -39.35
N THR C 531 10.79 18.34 -39.37
CA THR C 531 9.47 18.16 -38.74
C THR C 531 8.34 18.39 -39.74
N PHE C 532 7.30 17.52 -39.68
CA PHE C 532 6.10 17.60 -40.49
C PHE C 532 4.89 17.75 -39.58
N ILE C 533 4.05 18.77 -39.84
CA ILE C 533 2.86 19.04 -39.03
C ILE C 533 1.64 19.34 -39.93
N ILE C 534 0.53 18.62 -39.69
CA ILE C 534 -0.72 18.81 -40.43
C ILE C 534 -1.69 19.59 -39.56
N THR C 535 -1.99 20.83 -39.96
CA THR C 535 -2.90 21.72 -39.22
C THR C 535 -3.95 22.32 -40.16
N GLN C 536 -5.20 22.43 -39.69
CA GLN C 536 -6.34 22.96 -40.44
C GLN C 536 -6.49 24.48 -40.21
N LYS C 537 -5.68 25.05 -39.30
CA LYS C 537 -5.68 26.46 -38.93
C LYS C 537 -4.52 27.20 -39.60
N ILE C 538 -4.80 28.42 -40.11
CA ILE C 538 -3.80 29.28 -40.77
C ILE C 538 -2.79 29.88 -39.75
N PRO C 539 -3.19 30.46 -38.57
CA PRO C 539 -2.18 31.02 -37.65
C PRO C 539 -1.09 30.05 -37.18
N THR C 540 -1.45 28.75 -37.01
CA THR C 540 -0.51 27.70 -36.60
C THR C 540 0.40 27.28 -37.76
N ALA C 541 -0.11 27.40 -39.01
CA ALA C 541 0.62 27.06 -40.24
C ALA C 541 1.70 28.08 -40.61
N LEU C 542 1.56 29.33 -40.13
CA LEU C 542 2.50 30.43 -40.38
C LEU C 542 3.86 30.25 -39.71
N LEU C 543 3.92 29.49 -38.60
CA LEU C 543 5.16 29.21 -37.86
C LEU C 543 6.14 28.32 -38.64
N ALA C 544 5.62 27.52 -39.58
CA ALA C 544 6.42 26.62 -40.43
C ALA C 544 7.19 27.42 -41.48
N ASP C 545 8.42 26.96 -41.80
CA ASP C 545 9.31 27.59 -42.78
C ASP C 545 8.74 27.56 -44.20
N LYS C 546 8.23 26.39 -44.64
CA LYS C 546 7.64 26.19 -45.96
C LYS C 546 6.35 25.36 -45.85
N ILE C 547 5.31 25.76 -46.59
CA ILE C 547 4.00 25.10 -46.57
C ILE C 547 3.70 24.43 -47.91
N LEU C 548 3.46 23.09 -47.88
CA LEU C 548 3.13 22.27 -49.04
C LEU C 548 1.61 22.02 -49.06
N VAL C 549 0.97 22.31 -50.21
CA VAL C 549 -0.47 22.16 -50.38
C VAL C 549 -0.81 21.01 -51.34
N LEU C 550 -1.77 20.15 -50.94
CA LEU C 550 -2.24 19.00 -51.71
C LEU C 550 -3.75 19.06 -51.94
N HIS C 551 -4.19 18.77 -53.17
CA HIS C 551 -5.60 18.77 -53.57
C HIS C 551 -5.85 17.74 -54.67
N GLU C 552 -6.76 16.77 -54.42
CA GLU C 552 -7.16 15.68 -55.31
C GLU C 552 -5.98 14.78 -55.75
N GLY C 553 -4.94 14.73 -54.92
CA GLY C 553 -3.73 13.97 -55.17
C GLY C 553 -2.62 14.79 -55.79
N LYS C 554 -2.99 15.73 -56.69
CA LYS C 554 -2.08 16.63 -57.40
C LYS C 554 -1.51 17.70 -56.47
N VAL C 555 -0.25 18.12 -56.73
CA VAL C 555 0.45 19.15 -55.96
C VAL C 555 -0.13 20.55 -56.31
N ALA C 556 -0.43 21.36 -55.28
CA ALA C 556 -1.01 22.70 -55.46
C ALA C 556 0.01 23.83 -55.38
N GLY C 557 0.87 23.81 -54.36
CA GLY C 557 1.89 24.83 -54.15
C GLY C 557 2.86 24.53 -53.02
N PHE C 558 4.09 25.05 -53.13
CA PHE C 558 5.16 24.88 -52.15
C PHE C 558 5.94 26.18 -51.96
N GLY C 559 6.17 26.53 -50.70
CA GLY C 559 6.90 27.75 -50.31
C GLY C 559 6.29 28.48 -49.13
N THR C 560 6.66 29.76 -48.97
CA THR C 560 6.19 30.63 -47.88
C THR C 560 4.72 31.04 -48.05
N HIS C 561 4.08 31.43 -46.94
CA HIS C 561 2.67 31.86 -46.86
C HIS C 561 2.36 33.06 -47.76
N LYS C 562 3.27 34.06 -47.78
CA LYS C 562 3.16 35.30 -48.58
C LYS C 562 3.08 35.00 -50.07
N GLU C 563 3.93 34.06 -50.56
CA GLU C 563 3.97 33.64 -51.96
C GLU C 563 2.78 32.75 -52.33
N LEU C 564 2.28 31.94 -51.36
CA LEU C 564 1.15 31.05 -51.56
C LEU C 564 -0.18 31.79 -51.74
N LEU C 565 -0.30 33.01 -51.18
CA LEU C 565 -1.50 33.85 -51.29
C LEU C 565 -1.79 34.30 -52.72
N GLU C 566 -0.72 34.50 -53.53
CA GLU C 566 -0.84 34.94 -54.92
C GLU C 566 -0.74 33.77 -55.90
N HIS C 567 0.31 32.95 -55.79
CA HIS C 567 0.61 31.81 -56.67
C HIS C 567 -0.37 30.63 -56.57
N CYS C 568 -0.95 30.38 -55.37
CA CYS C 568 -1.88 29.26 -55.17
C CYS C 568 -3.34 29.71 -55.08
N LYS C 569 -4.26 28.84 -55.54
CA LYS C 569 -5.71 29.07 -55.54
C LYS C 569 -6.45 28.34 -54.38
N PRO C 570 -6.29 27.01 -54.13
CA PRO C 570 -7.02 26.39 -53.01
C PRO C 570 -6.59 26.88 -51.62
N TYR C 571 -5.32 27.30 -51.47
CA TYR C 571 -4.76 27.83 -50.22
C TYR C 571 -5.38 29.18 -49.87
N ARG C 572 -5.72 29.98 -50.91
CA ARG C 572 -6.36 31.29 -50.78
C ARG C 572 -7.78 31.10 -50.25
N GLU C 573 -8.46 30.02 -50.68
CA GLU C 573 -9.82 29.65 -50.26
C GLU C 573 -9.89 29.25 -48.78
N ILE C 574 -8.77 28.72 -48.22
CA ILE C 574 -8.66 28.34 -46.81
C ILE C 574 -8.57 29.62 -45.95
N TYR C 575 -7.78 30.61 -46.41
CA TYR C 575 -7.57 31.90 -45.75
C TYR C 575 -8.85 32.74 -45.75
N GLU C 576 -9.59 32.76 -46.88
CA GLU C 576 -10.83 33.53 -47.04
C GLU C 576 -11.99 32.98 -46.20
N SER C 577 -12.05 31.63 -46.04
CA SER C 577 -13.08 30.94 -45.26
C SER C 577 -12.89 31.13 -43.74
N GLN C 578 -11.62 31.31 -43.31
CA GLN C 578 -11.23 31.50 -41.92
C GLN C 578 -11.34 32.96 -41.48
N PHE C 579 -10.92 33.90 -42.34
CA PHE C 579 -10.92 35.34 -42.05
C PHE C 579 -11.67 36.12 -43.11
N THR D 22 -19.89 -28.47 -8.48
CA THR D 22 -20.98 -28.61 -7.51
C THR D 22 -22.10 -27.62 -7.82
N ALA D 23 -21.74 -26.32 -7.93
CA ALA D 23 -22.66 -25.20 -8.21
C ALA D 23 -22.97 -25.07 -9.69
N THR D 24 -22.05 -25.54 -10.56
CA THR D 24 -22.22 -25.54 -12.01
C THR D 24 -22.71 -26.92 -12.48
N LEU D 25 -22.59 -27.94 -11.61
CA LEU D 25 -23.01 -29.32 -11.84
C LEU D 25 -24.51 -29.42 -12.14
N ARG D 26 -25.33 -28.61 -11.44
CA ARG D 26 -26.77 -28.54 -11.59
C ARG D 26 -27.17 -27.37 -12.52
N ARG D 27 -26.25 -26.42 -12.76
CA ARG D 27 -26.49 -25.24 -13.60
C ARG D 27 -26.37 -25.54 -15.10
N LEU D 28 -25.27 -26.19 -15.53
CA LEU D 28 -25.01 -26.53 -16.93
C LEU D 28 -25.92 -27.66 -17.41
N LEU D 29 -26.08 -28.72 -16.58
CA LEU D 29 -26.93 -29.86 -16.88
C LEU D 29 -28.42 -29.52 -16.74
N GLY D 30 -28.70 -28.39 -16.10
CA GLY D 30 -30.05 -27.86 -15.91
C GLY D 30 -30.60 -27.17 -17.15
N TYR D 31 -29.74 -27.01 -18.19
CA TYR D 31 -30.13 -26.41 -19.47
C TYR D 31 -30.83 -27.43 -20.38
N LEU D 32 -30.78 -28.71 -20.00
CA LEU D 32 -31.41 -29.82 -20.70
C LEU D 32 -32.83 -30.11 -20.17
N ARG D 33 -33.26 -29.33 -19.15
CA ARG D 33 -34.59 -29.43 -18.51
C ARG D 33 -35.78 -29.26 -19.47
N PRO D 34 -35.82 -28.29 -20.45
CA PRO D 34 -36.99 -28.24 -21.35
C PRO D 34 -37.01 -29.38 -22.37
N HIS D 35 -35.88 -30.12 -22.48
CA HIS D 35 -35.70 -31.25 -23.38
C HIS D 35 -35.62 -32.60 -22.63
N THR D 36 -36.18 -32.66 -21.40
CA THR D 36 -36.22 -33.86 -20.55
C THR D 36 -37.03 -34.98 -21.23
N PHE D 37 -38.17 -34.62 -21.86
CA PHE D 37 -39.06 -35.54 -22.59
C PHE D 37 -38.31 -36.25 -23.72
N THR D 38 -37.37 -35.52 -24.38
CA THR D 38 -36.53 -36.05 -25.46
C THR D 38 -35.43 -36.94 -24.86
N LEU D 39 -34.86 -36.55 -23.70
CA LEU D 39 -33.79 -37.28 -22.99
C LEU D 39 -34.21 -38.68 -22.54
N ILE D 40 -35.50 -38.87 -22.19
CA ILE D 40 -36.05 -40.16 -21.79
C ILE D 40 -36.02 -41.08 -23.02
N MET D 41 -36.41 -40.55 -24.20
CA MET D 41 -36.39 -41.26 -25.48
C MET D 41 -34.95 -41.60 -25.88
N VAL D 42 -33.99 -40.68 -25.60
CA VAL D 42 -32.54 -40.87 -25.85
C VAL D 42 -32.08 -42.10 -25.06
N PHE D 43 -32.49 -42.20 -23.78
CA PHE D 43 -32.20 -43.31 -22.89
C PHE D 43 -32.85 -44.61 -23.38
N VAL D 44 -34.08 -44.53 -23.91
CA VAL D 44 -34.83 -45.69 -24.43
C VAL D 44 -34.16 -46.24 -25.71
N PHE D 45 -33.81 -45.37 -26.68
CA PHE D 45 -33.19 -45.77 -27.94
C PHE D 45 -31.77 -46.34 -27.78
N VAL D 46 -31.02 -45.86 -26.77
CA VAL D 46 -29.65 -46.32 -26.52
C VAL D 46 -29.62 -47.69 -25.78
N THR D 47 -30.59 -47.93 -24.86
CA THR D 47 -30.71 -49.17 -24.09
C THR D 47 -30.92 -50.39 -24.99
N VAL D 48 -31.70 -50.22 -26.09
CA VAL D 48 -31.98 -51.25 -27.09
C VAL D 48 -30.66 -51.62 -27.80
N SER D 49 -29.87 -50.60 -28.18
CA SER D 49 -28.56 -50.75 -28.83
C SER D 49 -27.52 -51.33 -27.85
N SER D 50 -27.74 -51.14 -26.55
CA SER D 50 -26.88 -51.64 -25.47
C SER D 50 -27.15 -53.11 -25.15
N ILE D 51 -28.43 -53.54 -25.18
CA ILE D 51 -28.83 -54.92 -24.89
C ILE D 51 -28.65 -55.84 -26.12
N LEU D 52 -28.32 -55.26 -27.29
CA LEU D 52 -28.11 -56.00 -28.54
C LEU D 52 -26.66 -55.93 -29.02
N GLY D 53 -25.94 -54.88 -28.59
CA GLY D 53 -24.54 -54.64 -28.94
C GLY D 53 -23.58 -55.67 -28.36
N VAL D 54 -23.65 -55.88 -27.02
CA VAL D 54 -22.82 -56.86 -26.30
C VAL D 54 -23.39 -58.28 -26.43
N LEU D 55 -24.62 -58.41 -26.95
CA LEU D 55 -25.34 -59.67 -27.17
C LEU D 55 -24.96 -60.33 -28.51
N SER D 56 -24.26 -59.60 -29.40
CA SER D 56 -23.79 -60.07 -30.71
C SER D 56 -23.06 -61.43 -30.69
N PRO D 57 -22.05 -61.72 -29.81
CA PRO D 57 -21.43 -63.07 -29.83
C PRO D 57 -22.34 -64.16 -29.24
N TYR D 58 -23.29 -63.77 -28.36
CA TYR D 58 -24.26 -64.67 -27.75
C TYR D 58 -25.37 -65.04 -28.73
N LEU D 59 -25.70 -64.12 -29.67
CA LEU D 59 -26.71 -64.31 -30.72
C LEU D 59 -26.31 -65.37 -31.74
N ILE D 60 -25.01 -65.49 -32.03
CA ILE D 60 -24.44 -66.47 -32.97
C ILE D 60 -24.43 -67.88 -32.37
N GLY D 61 -24.02 -67.99 -31.10
CA GLY D 61 -23.95 -69.26 -30.36
C GLY D 61 -25.27 -69.98 -30.17
N LYS D 62 -26.38 -69.22 -30.06
CA LYS D 62 -27.74 -69.73 -29.87
C LYS D 62 -28.26 -70.46 -31.13
N THR D 63 -27.85 -70.00 -32.32
CA THR D 63 -28.27 -70.60 -33.60
C THR D 63 -27.54 -71.91 -33.88
N ILE D 64 -26.20 -71.95 -33.67
CA ILE D 64 -25.35 -73.12 -33.89
C ILE D 64 -25.76 -74.29 -32.96
N ALA D 65 -26.16 -73.99 -31.71
CA ALA D 65 -26.60 -74.97 -30.71
C ALA D 65 -27.81 -75.79 -31.17
N VAL D 66 -28.69 -75.19 -31.98
CA VAL D 66 -29.90 -75.81 -32.53
C VAL D 66 -29.51 -76.63 -33.80
N VAL D 67 -28.42 -76.22 -34.49
CA VAL D 67 -27.90 -76.88 -35.71
C VAL D 67 -27.21 -78.23 -35.37
N PHE D 68 -26.47 -78.30 -34.24
CA PHE D 68 -25.70 -79.47 -33.78
C PHE D 68 -26.44 -80.83 -33.78
N VAL D 69 -27.76 -80.85 -33.47
CA VAL D 69 -28.54 -82.09 -33.41
C VAL D 69 -28.86 -82.65 -34.83
N PRO D 70 -29.62 -81.98 -35.74
CA PRO D 70 -29.90 -82.59 -37.05
C PRO D 70 -28.93 -82.20 -38.16
N ARG D 71 -27.68 -81.83 -37.81
CA ARG D 71 -26.58 -81.40 -38.70
C ARG D 71 -26.88 -80.05 -39.41
N ARG D 72 -25.99 -79.65 -40.37
CA ARG D 72 -26.03 -78.41 -41.15
C ARG D 72 -27.41 -78.04 -41.71
N PHE D 73 -27.70 -76.72 -41.73
CA PHE D 73 -28.94 -76.08 -42.20
C PHE D 73 -30.14 -76.40 -41.29
N ASP D 74 -31.18 -77.11 -41.80
CA ASP D 74 -32.43 -77.48 -41.11
C ASP D 74 -33.26 -76.26 -40.71
N LEU D 75 -32.84 -75.58 -39.63
CA LEU D 75 -33.47 -74.41 -39.06
C LEU D 75 -32.58 -73.17 -39.21
N LEU D 76 -31.29 -73.37 -39.59
CA LEU D 76 -30.30 -72.29 -39.78
C LEU D 76 -30.75 -71.21 -40.78
N PRO D 77 -31.20 -71.50 -42.03
CA PRO D 77 -31.64 -70.39 -42.91
C PRO D 77 -32.83 -69.58 -42.38
N ARG D 78 -33.66 -70.20 -41.51
CA ARG D 78 -34.81 -69.56 -40.88
C ARG D 78 -34.34 -68.63 -39.75
N TYR D 79 -33.29 -69.02 -39.02
CA TYR D 79 -32.70 -68.26 -37.92
C TYR D 79 -31.66 -67.22 -38.39
N MET D 80 -31.09 -67.41 -39.60
CA MET D 80 -30.10 -66.51 -40.22
C MET D 80 -30.76 -65.18 -40.59
N LEU D 81 -32.05 -65.22 -40.98
CA LEU D 81 -32.85 -64.05 -41.33
C LEU D 81 -33.15 -63.22 -40.09
N ILE D 82 -33.27 -63.87 -38.91
CA ILE D 82 -33.49 -63.22 -37.61
C ILE D 82 -32.22 -62.44 -37.25
N LEU D 83 -31.03 -63.06 -37.48
CA LEU D 83 -29.71 -62.47 -37.23
C LEU D 83 -29.49 -61.22 -38.10
N GLY D 84 -29.91 -61.29 -39.36
CA GLY D 84 -29.80 -60.21 -40.33
C GLY D 84 -30.64 -58.99 -39.99
N THR D 85 -31.88 -59.23 -39.50
CA THR D 85 -32.83 -58.17 -39.12
C THR D 85 -32.39 -57.42 -37.86
N ILE D 86 -31.73 -58.13 -36.92
CA ILE D 86 -31.23 -57.54 -35.67
C ILE D 86 -30.11 -56.52 -35.95
N TYR D 87 -29.13 -56.88 -36.81
CA TYR D 87 -28.03 -55.98 -37.20
C TYR D 87 -28.52 -54.80 -38.04
N ALA D 88 -29.60 -55.00 -38.81
CA ALA D 88 -30.23 -53.96 -39.64
C ALA D 88 -30.99 -52.98 -38.76
N LEU D 89 -31.51 -53.46 -37.61
CA LEU D 89 -32.24 -52.65 -36.62
C LEU D 89 -31.26 -51.80 -35.80
N THR D 90 -30.12 -52.38 -35.40
CA THR D 90 -29.06 -51.72 -34.63
C THR D 90 -28.44 -50.55 -35.39
N SER D 91 -28.19 -50.73 -36.70
CA SER D 91 -27.63 -49.70 -37.59
C SER D 91 -28.63 -48.57 -37.84
N LEU D 92 -29.93 -48.90 -37.87
CA LEU D 92 -31.02 -47.94 -38.08
C LEU D 92 -31.27 -47.10 -36.83
N LEU D 93 -31.03 -47.67 -35.63
CA LEU D 93 -31.22 -47.00 -34.35
C LEU D 93 -30.01 -46.16 -33.90
N PHE D 94 -28.79 -46.56 -34.28
CA PHE D 94 -27.54 -45.85 -33.93
C PHE D 94 -27.48 -44.48 -34.61
N TRP D 95 -27.95 -44.40 -35.87
CA TRP D 95 -28.05 -43.17 -36.66
C TRP D 95 -29.18 -42.31 -36.09
N LEU D 96 -30.27 -42.97 -35.66
CA LEU D 96 -31.45 -42.36 -35.05
C LEU D 96 -31.11 -41.71 -33.71
N GLN D 97 -30.19 -42.34 -32.94
CA GLN D 97 -29.72 -41.84 -31.64
C GLN D 97 -28.90 -40.56 -31.80
N GLY D 98 -28.02 -40.53 -32.81
CA GLY D 98 -27.15 -39.40 -33.11
C GLY D 98 -27.88 -38.19 -33.65
N LYS D 99 -28.84 -38.42 -34.58
CA LYS D 99 -29.65 -37.38 -35.24
C LYS D 99 -30.47 -36.54 -34.26
N ILE D 100 -31.19 -37.19 -33.32
CA ILE D 100 -32.02 -36.51 -32.31
C ILE D 100 -31.17 -35.76 -31.27
N MET D 101 -29.95 -36.27 -30.99
CA MET D 101 -29.03 -35.67 -30.02
C MET D 101 -28.20 -34.53 -30.60
N LEU D 102 -27.88 -34.58 -31.92
CA LEU D 102 -27.09 -33.57 -32.63
C LEU D 102 -27.77 -32.19 -32.59
N THR D 103 -29.10 -32.16 -32.76
CA THR D 103 -29.91 -30.94 -32.72
C THR D 103 -30.05 -30.47 -31.27
N LEU D 104 -30.23 -31.42 -30.32
CA LEU D 104 -30.37 -31.19 -28.88
C LEU D 104 -29.10 -30.57 -28.29
N SER D 105 -27.92 -31.03 -28.76
CA SER D 105 -26.61 -30.56 -28.31
C SER D 105 -26.34 -29.13 -28.77
N GLN D 106 -26.57 -28.85 -30.07
CA GLN D 106 -26.37 -27.53 -30.68
C GLN D 106 -27.35 -26.47 -30.18
N ASP D 107 -28.48 -26.89 -29.58
CA ASP D 107 -29.49 -25.99 -29.02
C ASP D 107 -29.03 -25.41 -27.68
N VAL D 108 -28.32 -26.22 -26.86
CA VAL D 108 -27.77 -25.81 -25.55
C VAL D 108 -26.59 -24.86 -25.81
N VAL D 109 -25.75 -25.20 -26.82
CA VAL D 109 -24.59 -24.42 -27.28
C VAL D 109 -25.07 -23.03 -27.75
N PHE D 110 -26.17 -22.99 -28.53
CA PHE D 110 -26.81 -21.77 -29.02
C PHE D 110 -27.37 -20.95 -27.86
N ARG D 111 -27.98 -21.63 -26.86
CA ARG D 111 -28.59 -21.01 -25.68
C ARG D 111 -27.58 -20.23 -24.83
N LEU D 112 -26.49 -20.89 -24.39
CA LEU D 112 -25.42 -20.28 -23.60
C LEU D 112 -24.75 -19.11 -24.35
N ARG D 113 -24.58 -19.27 -25.67
CA ARG D 113 -24.00 -18.27 -26.59
C ARG D 113 -24.86 -17.00 -26.64
N LYS D 114 -26.19 -17.18 -26.77
CA LYS D 114 -27.17 -16.10 -26.82
C LYS D 114 -27.26 -15.42 -25.45
N GLU D 115 -27.32 -16.24 -24.37
CA GLU D 115 -27.39 -15.77 -22.97
C GLU D 115 -26.13 -14.98 -22.58
N LEU D 116 -24.98 -15.28 -23.21
CA LEU D 116 -23.72 -14.57 -22.99
C LEU D 116 -23.78 -13.19 -23.64
N PHE D 117 -24.28 -13.12 -24.89
CA PHE D 117 -24.44 -11.90 -25.69
C PHE D 117 -25.50 -10.96 -25.09
N GLU D 118 -26.66 -11.51 -24.67
CA GLU D 118 -27.78 -10.77 -24.08
C GLU D 118 -27.39 -10.04 -22.81
N LYS D 119 -26.55 -10.69 -21.97
CA LYS D 119 -26.06 -10.16 -20.70
C LYS D 119 -25.14 -8.95 -20.89
N LEU D 120 -24.35 -8.92 -21.99
CA LEU D 120 -23.42 -7.83 -22.30
C LEU D 120 -24.15 -6.51 -22.55
N GLN D 121 -25.29 -6.56 -23.25
CA GLN D 121 -26.09 -5.38 -23.58
C GLN D 121 -26.77 -4.73 -22.37
N ARG D 122 -27.15 -5.53 -21.36
CA ARG D 122 -27.81 -5.06 -20.14
C ARG D 122 -26.82 -4.53 -19.09
N VAL D 123 -25.59 -5.11 -19.04
CA VAL D 123 -24.49 -4.77 -18.14
C VAL D 123 -23.97 -3.33 -18.40
N PRO D 124 -23.41 -2.60 -17.39
CA PRO D 124 -22.94 -1.23 -17.64
C PRO D 124 -21.71 -1.14 -18.56
N VAL D 125 -21.39 0.10 -19.00
CA VAL D 125 -20.27 0.41 -19.90
C VAL D 125 -18.92 0.21 -19.21
N GLY D 126 -18.83 0.58 -17.93
CA GLY D 126 -17.64 0.49 -17.08
C GLY D 126 -16.89 -0.82 -17.13
N PHE D 127 -17.62 -1.93 -17.34
CA PHE D 127 -17.07 -3.29 -17.47
C PHE D 127 -16.26 -3.40 -18.77
N PHE D 128 -16.86 -3.00 -19.91
CA PHE D 128 -16.27 -3.05 -21.24
C PHE D 128 -14.97 -2.28 -21.35
N ASP D 129 -14.91 -1.08 -20.73
CA ASP D 129 -13.74 -0.23 -20.73
C ASP D 129 -12.57 -0.81 -19.92
N ARG D 130 -12.86 -1.60 -18.86
CA ARG D 130 -11.83 -2.19 -18.00
C ARG D 130 -11.46 -3.66 -18.38
N THR D 131 -12.39 -4.43 -18.98
CA THR D 131 -12.12 -5.83 -19.37
C THR D 131 -11.69 -5.94 -20.84
N PRO D 132 -10.75 -6.88 -21.17
CA PRO D 132 -10.31 -7.01 -22.57
C PRO D 132 -11.38 -7.56 -23.51
N HIS D 133 -11.40 -7.04 -24.74
CA HIS D 133 -12.36 -7.41 -25.79
C HIS D 133 -12.18 -8.84 -26.26
N GLY D 134 -10.93 -9.30 -26.31
CA GLY D 134 -10.60 -10.66 -26.71
C GLY D 134 -11.01 -11.70 -25.69
N ASP D 135 -11.11 -11.28 -24.40
CA ASP D 135 -11.51 -12.15 -23.29
C ASP D 135 -12.95 -12.62 -23.44
N ILE D 136 -13.84 -11.73 -23.90
CA ILE D 136 -15.24 -12.03 -24.15
C ILE D 136 -15.33 -12.92 -25.41
N ILE D 137 -14.47 -12.65 -26.42
CA ILE D 137 -14.36 -13.41 -27.67
C ILE D 137 -14.08 -14.91 -27.35
N SER D 138 -13.11 -15.18 -26.45
CA SER D 138 -12.76 -16.54 -26.01
C SER D 138 -13.97 -17.17 -25.31
N ARG D 139 -14.62 -16.41 -24.42
CA ARG D 139 -15.82 -16.84 -23.70
C ARG D 139 -16.94 -17.23 -24.65
N VAL D 140 -17.07 -16.51 -25.77
CA VAL D 140 -18.09 -16.76 -26.80
C VAL D 140 -17.72 -17.99 -27.65
N ILE D 141 -16.49 -18.06 -28.19
CA ILE D 141 -16.11 -19.19 -29.04
C ILE D 141 -15.46 -20.29 -28.20
N ASN D 142 -14.18 -20.11 -27.76
CA ASN D 142 -13.38 -21.08 -27.01
C ASN D 142 -14.08 -21.75 -25.82
N ASP D 143 -14.74 -20.97 -24.93
CA ASP D 143 -15.42 -21.52 -23.75
C ASP D 143 -16.71 -22.28 -24.08
N VAL D 144 -17.38 -21.93 -25.19
CA VAL D 144 -18.61 -22.60 -25.63
C VAL D 144 -18.27 -23.77 -26.58
N ASP D 145 -17.07 -23.75 -27.17
CA ASP D 145 -16.57 -24.82 -28.04
C ASP D 145 -15.93 -25.91 -27.16
N ASN D 146 -15.62 -25.56 -25.89
CA ASN D 146 -15.04 -26.45 -24.89
C ASN D 146 -16.11 -27.25 -24.14
N ILE D 147 -17.38 -26.78 -24.15
CA ILE D 147 -18.49 -27.49 -23.49
C ILE D 147 -19.14 -28.52 -24.44
N ASN D 148 -18.38 -28.95 -25.46
CA ASN D 148 -18.77 -29.96 -26.45
C ASN D 148 -18.44 -31.35 -25.91
N ASN D 149 -17.47 -31.43 -24.98
CA ASN D 149 -17.03 -32.69 -24.36
C ASN D 149 -18.08 -33.28 -23.40
N VAL D 150 -19.10 -32.49 -23.02
CA VAL D 150 -20.20 -32.96 -22.16
C VAL D 150 -21.37 -33.41 -23.05
N LEU D 151 -21.66 -32.63 -24.10
CA LEU D 151 -22.75 -32.86 -25.05
C LEU D 151 -22.36 -33.86 -26.15
N GLY D 152 -23.32 -34.18 -27.02
CA GLY D 152 -23.14 -35.10 -28.12
C GLY D 152 -23.12 -36.55 -27.70
N ASN D 153 -22.09 -37.29 -28.12
CA ASN D 153 -21.91 -38.71 -27.83
C ASN D 153 -21.59 -39.01 -26.37
N SER D 154 -21.04 -38.04 -25.62
CA SER D 154 -20.70 -38.17 -24.21
C SER D 154 -21.91 -38.46 -23.32
N ILE D 155 -23.04 -37.77 -23.56
CA ILE D 155 -24.31 -37.97 -22.84
C ILE D 155 -24.88 -39.35 -23.21
N ILE D 156 -24.76 -39.73 -24.51
CA ILE D 156 -25.22 -41.02 -25.04
C ILE D 156 -24.49 -42.18 -24.35
N GLN D 157 -23.15 -42.09 -24.23
CA GLN D 157 -22.32 -43.11 -23.58
C GLN D 157 -22.56 -43.20 -22.07
N PHE D 158 -23.05 -42.10 -21.44
CA PHE D 158 -23.38 -42.04 -20.01
C PHE D 158 -24.58 -42.94 -19.72
N PHE D 159 -25.63 -42.84 -20.55
CA PHE D 159 -26.85 -43.65 -20.43
C PHE D 159 -26.53 -45.11 -20.80
N SER D 160 -25.62 -45.31 -21.78
CA SER D 160 -25.18 -46.62 -22.26
C SER D 160 -24.31 -47.34 -21.22
N GLY D 161 -23.58 -46.56 -20.41
CA GLY D 161 -22.69 -47.07 -19.38
C GLY D 161 -23.40 -47.70 -18.19
N ILE D 162 -24.37 -46.98 -17.61
CA ILE D 162 -25.14 -47.41 -16.44
C ILE D 162 -26.00 -48.66 -16.71
N VAL D 163 -26.60 -48.78 -17.92
CA VAL D 163 -27.43 -49.92 -18.31
C VAL D 163 -26.56 -51.19 -18.51
N THR D 164 -25.34 -51.04 -19.07
CA THR D 164 -24.40 -52.16 -19.26
C THR D 164 -23.85 -52.60 -17.91
N LEU D 165 -23.76 -51.66 -16.94
CA LEU D 165 -23.31 -51.91 -15.57
C LEU D 165 -24.39 -52.68 -14.81
N ALA D 166 -25.67 -52.26 -14.97
CA ALA D 166 -26.82 -52.91 -14.35
C ALA D 166 -27.09 -54.27 -14.99
N GLY D 167 -26.78 -54.39 -16.29
CA GLY D 167 -26.93 -55.62 -17.05
C GLY D 167 -25.87 -56.66 -16.72
N ALA D 168 -24.72 -56.20 -16.18
CA ALA D 168 -23.61 -57.05 -15.78
C ALA D 168 -23.77 -57.52 -14.33
N VAL D 169 -24.29 -56.65 -13.45
CA VAL D 169 -24.50 -56.95 -12.02
C VAL D 169 -25.63 -57.99 -11.83
N ILE D 170 -26.61 -58.03 -12.77
CA ILE D 170 -27.71 -59.01 -12.72
C ILE D 170 -27.19 -60.40 -13.15
N MET D 171 -26.28 -60.44 -14.15
CA MET D 171 -25.65 -61.66 -14.66
C MET D 171 -24.64 -62.20 -13.63
N MET D 172 -24.04 -61.28 -12.84
CA MET D 172 -23.06 -61.58 -11.79
C MET D 172 -23.70 -62.35 -10.63
N PHE D 173 -24.76 -61.77 -10.01
CA PHE D 173 -25.47 -62.35 -8.86
C PHE D 173 -26.23 -63.64 -9.17
N ARG D 174 -26.64 -63.86 -10.42
CA ARG D 174 -27.35 -65.08 -10.81
C ARG D 174 -26.38 -66.28 -10.94
N VAL D 175 -25.07 -66.01 -11.07
CA VAL D 175 -24.02 -67.01 -11.18
C VAL D 175 -23.32 -67.21 -9.82
N ASN D 176 -22.78 -66.12 -9.23
CA ASN D 176 -22.11 -66.14 -7.92
C ASN D 176 -22.63 -65.00 -7.03
N VAL D 177 -22.96 -65.31 -5.77
CA VAL D 177 -23.52 -64.34 -4.82
C VAL D 177 -22.42 -63.65 -3.99
N ILE D 178 -21.60 -64.46 -3.28
CA ILE D 178 -20.52 -64.00 -2.39
C ILE D 178 -19.40 -63.28 -3.18
N LEU D 179 -18.94 -63.88 -4.30
CA LEU D 179 -17.87 -63.34 -5.14
C LEU D 179 -18.25 -62.04 -5.86
N SER D 180 -19.56 -61.79 -6.08
CA SER D 180 -20.06 -60.58 -6.71
C SER D 180 -19.95 -59.39 -5.77
N LEU D 181 -19.99 -59.65 -4.45
CA LEU D 181 -19.86 -58.64 -3.39
C LEU D 181 -18.40 -58.18 -3.26
N VAL D 182 -17.44 -59.10 -3.56
CA VAL D 182 -15.99 -58.85 -3.51
C VAL D 182 -15.59 -57.85 -4.62
N THR D 183 -16.21 -57.96 -5.81
CA THR D 183 -15.98 -57.06 -6.94
C THR D 183 -16.60 -55.69 -6.69
N LEU D 184 -17.71 -55.65 -5.92
CA LEU D 184 -18.43 -54.43 -5.58
C LEU D 184 -17.84 -53.69 -4.36
N SER D 185 -17.06 -54.39 -3.52
CA SER D 185 -16.43 -53.82 -2.33
C SER D 185 -15.28 -52.85 -2.66
N ILE D 186 -14.58 -53.09 -3.79
CA ILE D 186 -13.46 -52.26 -4.26
C ILE D 186 -13.93 -51.05 -5.09
N VAL D 187 -15.23 -51.01 -5.45
CA VAL D 187 -15.86 -49.96 -6.25
C VAL D 187 -15.79 -48.57 -5.53
N PRO D 188 -16.20 -48.38 -4.23
CA PRO D 188 -16.09 -47.04 -3.63
C PRO D 188 -14.66 -46.49 -3.52
N LEU D 189 -13.64 -47.38 -3.48
CA LEU D 189 -12.22 -47.03 -3.43
C LEU D 189 -11.76 -46.47 -4.79
N THR D 190 -12.34 -47.01 -5.89
CA THR D 190 -12.06 -46.57 -7.26
C THR D 190 -12.67 -45.18 -7.49
N VAL D 191 -13.83 -44.92 -6.84
CA VAL D 191 -14.53 -43.63 -6.90
C VAL D 191 -13.76 -42.62 -6.05
N LEU D 192 -13.24 -43.06 -4.87
CA LEU D 192 -12.46 -42.28 -3.91
C LEU D 192 -11.24 -41.61 -4.56
N ILE D 193 -10.48 -42.37 -5.38
CA ILE D 193 -9.29 -41.86 -6.08
C ILE D 193 -9.68 -40.96 -7.27
N THR D 194 -10.82 -41.26 -7.93
CA THR D 194 -11.37 -40.51 -9.07
C THR D 194 -11.73 -39.08 -8.64
N GLN D 195 -12.36 -38.93 -7.45
CA GLN D 195 -12.77 -37.67 -6.86
C GLN D 195 -11.60 -36.70 -6.63
N ILE D 196 -10.37 -37.24 -6.47
CA ILE D 196 -9.14 -36.48 -6.26
C ILE D 196 -8.58 -36.03 -7.62
N VAL D 197 -8.56 -36.95 -8.62
CA VAL D 197 -8.06 -36.69 -9.98
C VAL D 197 -8.95 -35.68 -10.72
N SER D 198 -10.28 -35.88 -10.66
CA SER D 198 -11.29 -35.01 -11.30
C SER D 198 -11.25 -33.56 -10.80
N SER D 199 -11.01 -33.38 -9.49
CA SER D 199 -10.92 -32.05 -8.86
C SER D 199 -9.64 -31.31 -9.26
N GLN D 200 -8.52 -32.05 -9.41
CA GLN D 200 -7.22 -31.51 -9.82
C GLN D 200 -7.21 -31.08 -11.28
N THR D 201 -7.98 -31.78 -12.14
CA THR D 201 -8.10 -31.48 -13.57
C THR D 201 -8.94 -30.20 -13.77
N ARG D 202 -10.03 -30.04 -12.98
CA ARG D 202 -10.95 -28.90 -12.98
C ARG D 202 -10.21 -27.59 -12.68
N LYS D 203 -9.33 -27.61 -11.66
CA LYS D 203 -8.52 -26.48 -11.22
C LYS D 203 -7.49 -26.08 -12.29
N TYR D 204 -6.89 -27.09 -12.97
CA TYR D 204 -5.90 -26.89 -14.02
C TYR D 204 -6.52 -26.37 -15.32
N PHE D 205 -7.70 -26.91 -15.71
CA PHE D 205 -8.40 -26.49 -16.92
C PHE D 205 -8.98 -25.06 -16.79
N TYR D 206 -9.31 -24.65 -15.55
CA TYR D 206 -9.82 -23.30 -15.24
C TYR D 206 -8.71 -22.27 -15.47
N GLU D 207 -7.48 -22.58 -15.02
CA GLU D 207 -6.31 -21.73 -15.18
C GLU D 207 -5.89 -21.66 -16.65
N ASN D 208 -6.06 -22.78 -17.39
CA ASN D 208 -5.74 -22.90 -18.82
C ASN D 208 -6.58 -21.93 -19.65
N GLN D 209 -7.88 -21.82 -19.30
CA GLN D 209 -8.83 -20.97 -20.01
C GLN D 209 -8.62 -19.48 -19.76
N ARG D 210 -8.41 -19.06 -18.49
CA ARG D 210 -8.20 -17.64 -18.12
C ARG D 210 -6.92 -17.06 -18.73
N VAL D 211 -5.85 -17.89 -18.80
CA VAL D 211 -4.57 -17.52 -19.41
C VAL D 211 -4.80 -17.32 -20.91
N LEU D 212 -5.56 -18.23 -21.55
CA LEU D 212 -5.92 -18.16 -22.97
C LEU D 212 -6.82 -16.94 -23.21
N GLY D 213 -7.67 -16.63 -22.23
CA GLY D 213 -8.59 -15.49 -22.25
C GLY D 213 -7.87 -14.16 -22.28
N GLN D 214 -6.75 -14.06 -21.55
CA GLN D 214 -5.91 -12.85 -21.52
C GLN D 214 -4.99 -12.80 -22.74
N LEU D 215 -4.57 -13.99 -23.25
CA LEU D 215 -3.72 -14.12 -24.44
C LEU D 215 -4.51 -13.73 -25.71
N ASN D 216 -5.80 -14.09 -25.76
CA ASN D 216 -6.68 -13.76 -26.89
C ASN D 216 -6.95 -12.26 -27.00
N GLY D 217 -6.90 -11.55 -25.87
CA GLY D 217 -7.08 -10.10 -25.78
C GLY D 217 -5.95 -9.34 -26.44
N ILE D 218 -4.71 -9.86 -26.30
CA ILE D 218 -3.48 -9.31 -26.88
C ILE D 218 -3.53 -9.41 -28.42
N ILE D 219 -4.21 -10.44 -28.95
CA ILE D 219 -4.41 -10.66 -30.39
C ILE D 219 -5.29 -9.53 -30.96
N GLU D 220 -6.40 -9.19 -30.28
CA GLU D 220 -7.34 -8.12 -30.66
C GLU D 220 -6.68 -6.74 -30.51
N GLU D 221 -5.84 -6.59 -29.47
CA GLU D 221 -5.08 -5.39 -29.11
C GLU D 221 -4.14 -4.97 -30.25
N ASP D 222 -3.38 -5.94 -30.80
CA ASP D 222 -2.42 -5.72 -31.87
C ASP D 222 -3.05 -5.49 -33.23
N ILE D 223 -4.11 -6.27 -33.59
CA ILE D 223 -4.83 -6.13 -34.87
C ILE D 223 -5.41 -4.71 -34.99
N SER D 224 -6.03 -4.21 -33.91
CA SER D 224 -6.58 -2.85 -33.84
C SER D 224 -5.46 -1.89 -33.42
N GLY D 225 -4.63 -1.51 -34.39
CA GLY D 225 -3.51 -0.61 -34.18
C GLY D 225 -2.14 -1.24 -34.40
N LEU D 226 -1.98 -1.96 -35.52
CA LEU D 226 -0.73 -2.64 -35.89
C LEU D 226 0.30 -1.65 -36.47
N THR D 227 -0.19 -0.48 -36.97
CA THR D 227 0.60 0.60 -37.55
C THR D 227 1.54 1.21 -36.50
N VAL D 228 1.03 1.40 -35.26
CA VAL D 228 1.76 1.97 -34.11
C VAL D 228 2.94 1.05 -33.71
N ILE D 229 2.73 -0.27 -33.73
CA ILE D 229 3.72 -1.30 -33.38
C ILE D 229 4.91 -1.30 -34.36
N LYS D 230 4.63 -1.28 -35.68
CA LYS D 230 5.64 -1.28 -36.73
C LYS D 230 6.49 0.00 -36.76
N LEU D 231 5.86 1.17 -36.47
CA LEU D 231 6.52 2.48 -36.46
C LEU D 231 7.52 2.67 -35.32
N PHE D 232 7.16 2.25 -34.09
CA PHE D 232 8.02 2.40 -32.91
C PHE D 232 8.98 1.21 -32.69
N THR D 233 8.98 0.22 -33.62
CA THR D 233 9.80 -1.01 -33.62
C THR D 233 9.60 -1.84 -32.34
N ARG D 234 8.35 -1.88 -31.84
CA ARG D 234 7.95 -2.63 -30.64
C ARG D 234 7.51 -4.06 -30.98
N GLU D 235 7.77 -4.50 -32.23
CA GLU D 235 7.45 -5.83 -32.77
C GLU D 235 8.12 -6.93 -31.97
N GLU D 236 9.38 -6.72 -31.53
CA GLU D 236 10.14 -7.66 -30.72
C GLU D 236 9.57 -7.72 -29.30
N LYS D 237 9.20 -6.56 -28.73
CA LYS D 237 8.62 -6.45 -27.39
C LYS D 237 7.21 -7.03 -27.31
N GLU D 238 6.44 -6.94 -28.42
CA GLU D 238 5.09 -7.50 -28.51
C GLU D 238 5.14 -9.02 -28.67
N MET D 239 6.20 -9.53 -29.34
CA MET D 239 6.45 -10.96 -29.55
C MET D 239 6.76 -11.64 -28.21
N GLU D 240 7.65 -11.02 -27.39
CA GLU D 240 8.00 -11.55 -26.07
C GLU D 240 6.86 -11.36 -25.06
N LYS D 241 5.96 -10.39 -25.32
CA LYS D 241 4.77 -10.12 -24.50
C LYS D 241 3.79 -11.28 -24.70
N PHE D 242 3.70 -11.78 -25.95
CA PHE D 242 2.88 -12.92 -26.35
C PHE D 242 3.53 -14.20 -25.80
N ASP D 243 4.87 -14.31 -25.92
CA ASP D 243 5.68 -15.43 -25.44
C ASP D 243 5.62 -15.63 -23.93
N ARG D 244 5.58 -14.53 -23.14
CA ARG D 244 5.51 -14.57 -21.67
C ARG D 244 4.24 -15.23 -21.15
N VAL D 245 3.12 -15.07 -21.87
CA VAL D 245 1.82 -15.65 -21.52
C VAL D 245 1.72 -17.05 -22.15
N ASN D 246 2.24 -17.22 -23.38
CA ASN D 246 2.24 -18.49 -24.11
C ASN D 246 3.07 -19.57 -23.42
N GLU D 247 4.18 -19.17 -22.74
CA GLU D 247 5.05 -20.07 -21.99
C GLU D 247 4.31 -20.55 -20.73
N SER D 248 3.52 -19.64 -20.12
CA SER D 248 2.68 -19.93 -18.95
C SER D 248 1.51 -20.82 -19.39
N LEU D 249 1.05 -20.63 -20.65
CA LEU D 249 -0.02 -21.42 -21.27
C LEU D 249 0.48 -22.83 -21.57
N ARG D 250 1.73 -22.94 -22.08
CA ARG D 250 2.38 -24.21 -22.41
C ARG D 250 2.68 -25.03 -21.16
N LYS D 251 3.23 -24.38 -20.10
CA LYS D 251 3.58 -25.02 -18.83
C LYS D 251 2.36 -25.54 -18.05
N VAL D 252 1.25 -24.79 -18.08
CA VAL D 252 0.02 -25.18 -17.38
C VAL D 252 -0.83 -26.13 -18.26
N GLY D 253 -0.68 -26.01 -19.59
CA GLY D 253 -1.40 -26.81 -20.57
C GLY D 253 -0.99 -28.26 -20.60
N THR D 254 0.31 -28.55 -20.38
CA THR D 254 0.87 -29.89 -20.33
C THR D 254 0.30 -30.63 -19.13
N LYS D 255 0.35 -30.00 -17.95
CA LYS D 255 -0.16 -30.53 -16.69
C LYS D 255 -1.69 -30.72 -16.70
N ALA D 256 -2.41 -29.87 -17.46
CA ALA D 256 -3.86 -29.95 -17.61
C ALA D 256 -4.27 -31.13 -18.51
N GLN D 257 -3.47 -31.42 -19.55
CA GLN D 257 -3.72 -32.52 -20.49
C GLN D 257 -3.34 -33.89 -19.94
N ILE D 258 -2.37 -33.94 -18.99
CA ILE D 258 -1.94 -35.18 -18.34
C ILE D 258 -3.06 -35.65 -17.42
N PHE D 259 -3.53 -34.77 -16.49
CA PHE D 259 -4.62 -35.03 -15.55
C PHE D 259 -5.94 -35.39 -16.24
N SER D 260 -6.12 -34.94 -17.49
CA SER D 260 -7.28 -35.20 -18.33
C SER D 260 -7.32 -36.67 -18.78
N GLY D 261 -6.16 -37.29 -18.94
CA GLY D 261 -6.02 -38.67 -19.38
C GLY D 261 -5.11 -39.53 -18.52
N VAL D 262 -4.95 -39.18 -17.23
CA VAL D 262 -4.10 -39.94 -16.29
C VAL D 262 -4.92 -41.03 -15.58
N LEU D 263 -6.25 -40.82 -15.43
CA LEU D 263 -7.17 -41.74 -14.79
C LEU D 263 -7.33 -43.08 -15.56
N PRO D 264 -7.54 -43.11 -16.91
CA PRO D 264 -7.66 -44.43 -17.59
C PRO D 264 -6.50 -45.42 -17.39
N PRO D 265 -5.19 -45.08 -17.56
CA PRO D 265 -4.14 -46.09 -17.30
C PRO D 265 -3.98 -46.44 -15.82
N LEU D 266 -4.29 -45.49 -14.91
CA LEU D 266 -4.20 -45.70 -13.46
C LEU D 266 -5.29 -46.64 -12.94
N MET D 267 -6.43 -46.69 -13.64
CA MET D 267 -7.55 -47.57 -13.28
C MET D 267 -7.25 -49.04 -13.59
N ASN D 268 -6.31 -49.30 -14.54
CA ASN D 268 -5.87 -50.65 -14.92
C ASN D 268 -5.25 -51.38 -13.72
N MET D 269 -4.43 -50.66 -12.92
CA MET D 269 -3.78 -51.18 -11.70
C MET D 269 -4.84 -51.49 -10.64
N VAL D 270 -5.91 -50.66 -10.57
CA VAL D 270 -7.04 -50.81 -9.64
C VAL D 270 -7.86 -52.05 -10.06
N ASN D 271 -8.06 -52.23 -11.38
CA ASN D 271 -8.80 -53.36 -11.96
C ASN D 271 -8.04 -54.66 -11.76
N ASN D 272 -6.69 -54.64 -11.96
CA ASN D 272 -5.80 -55.79 -11.78
C ASN D 272 -5.82 -56.35 -10.36
N LEU D 273 -6.14 -55.50 -9.36
CA LEU D 273 -6.26 -55.90 -7.95
C LEU D 273 -7.47 -56.83 -7.81
N GLY D 274 -8.56 -56.51 -8.54
CA GLY D 274 -9.79 -57.28 -8.56
C GLY D 274 -9.62 -58.64 -9.21
N PHE D 275 -8.77 -58.72 -10.26
CA PHE D 275 -8.46 -59.95 -10.99
C PHE D 275 -7.71 -60.93 -10.08
N ALA D 276 -6.85 -60.41 -9.20
CA ALA D 276 -6.08 -61.17 -8.22
C ALA D 276 -6.92 -61.52 -6.99
N LEU D 277 -7.91 -60.67 -6.66
CA LEU D 277 -8.80 -60.83 -5.51
C LEU D 277 -9.75 -62.02 -5.67
N ILE D 278 -10.47 -62.12 -6.80
CA ILE D 278 -11.41 -63.21 -7.08
C ILE D 278 -10.69 -64.55 -7.34
N SER D 279 -9.40 -64.50 -7.73
CA SER D 279 -8.57 -65.68 -7.96
C SER D 279 -8.15 -66.31 -6.62
N GLY D 280 -8.11 -65.49 -5.57
CA GLY D 280 -7.75 -65.89 -4.21
C GLY D 280 -8.96 -66.18 -3.34
N PHE D 281 -9.93 -65.24 -3.29
CA PHE D 281 -11.18 -65.37 -2.53
C PHE D 281 -12.06 -66.51 -3.04
N GLY D 282 -11.94 -66.83 -4.33
CA GLY D 282 -12.67 -67.92 -4.96
C GLY D 282 -12.20 -69.30 -4.55
N GLY D 283 -10.98 -69.38 -4.03
CA GLY D 283 -10.35 -70.61 -3.56
C GLY D 283 -10.98 -71.19 -2.30
N TRP D 284 -11.32 -70.32 -1.33
CA TRP D 284 -11.94 -70.67 -0.04
C TRP D 284 -13.24 -71.47 -0.20
N LEU D 285 -14.15 -70.98 -1.06
CA LEU D 285 -15.44 -71.60 -1.33
C LEU D 285 -15.31 -72.91 -2.13
N ALA D 286 -14.26 -73.02 -2.95
CA ALA D 286 -13.97 -74.20 -3.77
C ALA D 286 -13.33 -75.33 -2.94
N LEU D 287 -12.55 -74.97 -1.91
CA LEU D 287 -11.87 -75.92 -1.02
C LEU D 287 -12.80 -76.51 0.05
N LYS D 288 -13.69 -75.67 0.62
CA LYS D 288 -14.64 -76.07 1.67
C LYS D 288 -15.91 -76.78 1.14
N ASP D 289 -15.94 -77.09 -0.18
CA ASP D 289 -17.02 -77.78 -0.91
C ASP D 289 -18.37 -77.04 -0.82
N ILE D 290 -18.39 -75.78 -1.35
CA ILE D 290 -19.58 -74.93 -1.37
C ILE D 290 -20.01 -74.69 -2.83
N ILE D 291 -19.15 -74.03 -3.63
CA ILE D 291 -19.40 -73.77 -5.06
C ILE D 291 -18.28 -74.32 -5.93
N THR D 292 -18.64 -74.82 -7.13
CA THR D 292 -17.73 -75.42 -8.11
C THR D 292 -16.70 -74.42 -8.66
N VAL D 293 -15.53 -74.92 -9.12
CA VAL D 293 -14.43 -74.14 -9.69
C VAL D 293 -14.85 -73.57 -11.08
N GLY D 294 -15.66 -74.33 -11.80
CA GLY D 294 -16.21 -73.97 -13.11
C GLY D 294 -17.06 -72.71 -13.10
N THR D 295 -17.69 -72.41 -11.93
CA THR D 295 -18.51 -71.23 -11.68
C THR D 295 -17.62 -69.96 -11.67
N ILE D 296 -16.41 -70.08 -11.08
CA ILE D 296 -15.42 -69.00 -10.98
C ILE D 296 -14.73 -68.77 -12.36
N ALA D 297 -14.52 -69.87 -13.13
CA ALA D 297 -13.90 -69.84 -14.46
C ALA D 297 -14.72 -69.08 -15.51
N THR D 298 -16.06 -69.01 -15.32
CA THR D 298 -16.99 -68.30 -16.20
C THR D 298 -17.27 -66.87 -15.67
N PHE D 299 -17.03 -66.66 -14.36
CA PHE D 299 -17.21 -65.40 -13.65
C PHE D 299 -16.21 -64.32 -14.10
N ILE D 300 -15.00 -64.72 -14.57
CA ILE D 300 -13.95 -63.80 -15.04
C ILE D 300 -14.39 -63.04 -16.30
N GLY D 301 -15.18 -63.71 -17.15
CA GLY D 301 -15.72 -63.14 -18.39
C GLY D 301 -16.82 -62.14 -18.13
N TYR D 302 -17.61 -62.37 -17.06
CA TYR D 302 -18.71 -61.50 -16.64
C TYR D 302 -18.24 -60.37 -15.72
N SER D 303 -17.00 -60.46 -15.19
CA SER D 303 -16.40 -59.41 -14.36
C SER D 303 -15.78 -58.35 -15.27
N ARG D 304 -15.42 -58.74 -16.52
CA ARG D 304 -14.85 -57.86 -17.54
C ARG D 304 -15.91 -56.93 -18.13
N GLN D 305 -17.17 -57.41 -18.23
CA GLN D 305 -18.30 -56.62 -18.74
C GLN D 305 -18.91 -55.70 -17.65
N PHE D 306 -18.34 -55.74 -16.43
CA PHE D 306 -18.73 -54.93 -15.28
C PHE D 306 -17.72 -53.80 -15.05
N THR D 307 -16.42 -54.11 -15.16
CA THR D 307 -15.32 -53.17 -14.96
C THR D 307 -15.25 -52.14 -16.09
N ARG D 308 -15.37 -52.60 -17.36
CA ARG D 308 -15.33 -51.77 -18.58
C ARG D 308 -16.33 -50.57 -18.52
N PRO D 309 -17.65 -50.74 -18.26
CA PRO D 309 -18.53 -49.56 -18.21
C PRO D 309 -18.33 -48.66 -17.00
N LEU D 310 -17.98 -49.25 -15.83
CA LEU D 310 -17.73 -48.51 -14.58
C LEU D 310 -16.55 -47.56 -14.73
N ASN D 311 -15.47 -48.02 -15.40
CA ASN D 311 -14.28 -47.22 -15.66
C ASN D 311 -14.57 -46.18 -16.76
N GLU D 312 -15.45 -46.52 -17.71
CA GLU D 312 -15.88 -45.64 -18.81
C GLU D 312 -16.67 -44.44 -18.23
N LEU D 313 -17.52 -44.70 -17.20
CA LEU D 313 -18.31 -43.69 -16.51
C LEU D 313 -17.40 -42.80 -15.66
N SER D 314 -16.35 -43.41 -15.05
CA SER D 314 -15.36 -42.72 -14.22
C SER D 314 -14.46 -41.84 -15.09
N ASN D 315 -14.13 -42.29 -16.31
CA ASN D 315 -13.32 -41.54 -17.27
C ASN D 315 -14.13 -40.37 -17.82
N GLN D 316 -15.44 -40.58 -18.03
CA GLN D 316 -16.35 -39.53 -18.51
C GLN D 316 -16.72 -38.55 -17.40
N PHE D 317 -16.52 -38.95 -16.12
CA PHE D 317 -16.75 -38.12 -14.93
C PHE D 317 -15.66 -37.03 -14.85
N ASN D 318 -14.50 -37.30 -15.48
CA ASN D 318 -13.37 -36.38 -15.59
C ASN D 318 -13.57 -35.50 -16.83
N MET D 319 -14.21 -36.06 -17.88
CA MET D 319 -14.52 -35.38 -19.14
C MET D 319 -15.54 -34.27 -18.92
N ILE D 320 -16.52 -34.51 -18.03
CA ILE D 320 -17.57 -33.52 -17.72
C ILE D 320 -17.01 -32.35 -16.90
N GLN D 321 -15.96 -32.59 -16.10
CA GLN D 321 -15.28 -31.57 -15.29
C GLN D 321 -14.63 -30.48 -16.16
N MET D 322 -14.23 -30.85 -17.40
CA MET D 322 -13.64 -29.95 -18.40
C MET D 322 -14.64 -28.89 -18.84
N ALA D 323 -15.92 -29.29 -18.99
CA ALA D 323 -17.01 -28.41 -19.39
C ALA D 323 -17.44 -27.51 -18.24
N LEU D 324 -17.40 -28.02 -17.00
CA LEU D 324 -17.79 -27.29 -15.78
C LEU D 324 -16.79 -26.16 -15.47
N ALA D 325 -15.50 -26.37 -15.81
CA ALA D 325 -14.43 -25.39 -15.66
C ALA D 325 -14.61 -24.26 -16.68
N SER D 326 -15.14 -24.61 -17.88
CA SER D 326 -15.45 -23.65 -18.94
C SER D 326 -16.74 -22.93 -18.60
N ALA D 327 -17.69 -23.64 -17.96
CA ALA D 327 -18.99 -23.13 -17.52
C ALA D 327 -18.83 -22.04 -16.46
N GLU D 328 -17.91 -22.24 -15.50
CA GLU D 328 -17.59 -21.27 -14.43
C GLU D 328 -17.19 -19.92 -15.02
N ARG D 329 -16.45 -19.92 -16.15
CA ARG D 329 -16.00 -18.74 -16.88
C ARG D 329 -17.14 -18.06 -17.65
N ILE D 330 -18.13 -18.86 -18.11
CA ILE D 330 -19.31 -18.38 -18.84
C ILE D 330 -20.26 -17.71 -17.84
N PHE D 331 -20.56 -18.42 -16.72
CA PHE D 331 -21.43 -17.96 -15.64
C PHE D 331 -20.82 -16.78 -14.86
N GLU D 332 -19.50 -16.51 -15.04
CA GLU D 332 -18.78 -15.39 -14.46
C GLU D 332 -19.33 -14.08 -15.04
N ILE D 333 -19.95 -14.19 -16.23
CA ILE D 333 -20.60 -13.09 -16.96
C ILE D 333 -22.11 -13.12 -16.66
N LEU D 334 -22.71 -14.33 -16.67
CA LEU D 334 -24.14 -14.56 -16.43
C LEU D 334 -24.56 -14.44 -14.94
N ASP D 335 -23.87 -13.56 -14.19
CA ASP D 335 -24.10 -13.26 -12.77
C ASP D 335 -23.74 -11.80 -12.42
N LEU D 336 -23.14 -11.05 -13.38
CA LEU D 336 -22.73 -9.66 -13.21
C LEU D 336 -23.91 -8.71 -13.04
N GLU D 337 -23.73 -7.66 -12.20
CA GLU D 337 -24.75 -6.65 -11.93
C GLU D 337 -25.02 -5.81 -13.18
N GLU D 338 -26.30 -5.68 -13.57
CA GLU D 338 -26.71 -4.95 -14.78
C GLU D 338 -27.64 -3.75 -14.50
N GLU D 339 -27.59 -2.75 -15.41
CA GLU D 339 -28.39 -1.52 -15.38
C GLU D 339 -29.86 -1.86 -15.62
N LYS D 340 -30.59 -2.18 -14.54
CA LYS D 340 -32.00 -2.55 -14.66
C LYS D 340 -32.95 -1.39 -14.35
N ASP D 341 -34.06 -1.32 -15.09
CA ASP D 341 -35.09 -0.30 -14.98
C ASP D 341 -35.96 -0.58 -13.76
N ASP D 342 -36.41 0.49 -13.07
CA ASP D 342 -37.25 0.43 -11.87
C ASP D 342 -38.61 -0.22 -12.17
N PRO D 343 -39.22 -1.01 -11.24
CA PRO D 343 -40.53 -1.64 -11.54
C PRO D 343 -41.66 -0.66 -11.86
N ASP D 344 -41.56 0.59 -11.36
CA ASP D 344 -42.52 1.66 -11.62
C ASP D 344 -42.06 2.56 -12.78
N ALA D 345 -41.59 1.92 -13.88
CA ALA D 345 -41.09 2.58 -15.09
C ALA D 345 -42.20 3.29 -15.87
N VAL D 346 -41.88 4.48 -16.41
CA VAL D 346 -42.82 5.29 -17.19
C VAL D 346 -42.19 5.72 -18.53
N GLU D 347 -42.93 5.52 -19.64
CA GLU D 347 -42.51 5.87 -20.98
C GLU D 347 -42.72 7.39 -21.20
N LEU D 348 -41.70 8.07 -21.74
CA LEU D 348 -41.75 9.51 -21.99
C LEU D 348 -42.64 9.86 -23.18
N ARG D 349 -43.76 10.57 -22.90
CA ARG D 349 -44.74 11.00 -23.88
C ARG D 349 -44.51 12.47 -24.25
N GLU D 350 -44.46 12.77 -25.57
CA GLU D 350 -44.23 14.10 -26.17
C GLU D 350 -42.91 14.70 -25.69
N VAL D 351 -41.81 14.37 -26.38
CA VAL D 351 -40.47 14.83 -26.05
C VAL D 351 -40.21 16.21 -26.66
N ARG D 352 -39.75 17.15 -25.83
CA ARG D 352 -39.42 18.52 -26.24
C ARG D 352 -37.94 18.84 -26.03
N GLY D 353 -37.37 18.36 -24.92
CA GLY D 353 -35.96 18.55 -24.60
C GLY D 353 -35.69 19.59 -23.54
N GLU D 354 -36.29 19.42 -22.34
CA GLU D 354 -36.09 20.33 -21.21
C GLU D 354 -35.00 19.78 -20.29
N ILE D 355 -33.74 20.14 -20.58
CA ILE D 355 -32.56 19.71 -19.81
C ILE D 355 -32.50 20.50 -18.50
N GLU D 356 -32.47 19.78 -17.37
CA GLU D 356 -32.42 20.38 -16.04
C GLU D 356 -31.38 19.68 -15.16
N PHE D 357 -30.52 20.48 -14.50
CA PHE D 357 -29.46 20.02 -13.61
C PHE D 357 -29.58 20.73 -12.25
N LYS D 358 -29.47 19.98 -11.14
CA LYS D 358 -29.57 20.53 -9.80
C LYS D 358 -28.43 20.06 -8.87
N ASN D 359 -27.34 20.87 -8.84
CA ASN D 359 -26.11 20.64 -8.05
C ASN D 359 -25.55 19.23 -8.21
N VAL D 360 -25.01 18.95 -9.41
CA VAL D 360 -24.44 17.65 -9.78
C VAL D 360 -22.94 17.62 -9.54
N TRP D 361 -22.48 16.61 -8.79
CA TRP D 361 -21.08 16.37 -8.45
C TRP D 361 -20.79 14.91 -8.83
N PHE D 362 -19.83 14.68 -9.74
CA PHE D 362 -19.50 13.33 -10.19
C PHE D 362 -18.00 13.04 -10.26
N SER D 363 -17.63 11.79 -9.94
CA SER D 363 -16.26 11.28 -9.98
C SER D 363 -16.22 10.05 -10.90
N TYR D 364 -15.46 10.12 -12.00
CA TYR D 364 -15.33 9.07 -13.01
C TYR D 364 -14.50 7.91 -12.47
N ASP D 365 -13.21 8.17 -12.15
CA ASP D 365 -12.24 7.20 -11.63
C ASP D 365 -12.42 6.89 -10.14
N LYS D 366 -13.33 7.63 -9.45
CA LYS D 366 -13.68 7.53 -8.01
C LYS D 366 -12.50 7.86 -7.07
N LYS D 367 -11.26 7.93 -7.62
CA LYS D 367 -10.03 8.25 -6.90
C LYS D 367 -9.82 9.77 -6.85
N LYS D 368 -10.10 10.46 -7.99
CA LYS D 368 -9.97 11.90 -8.15
C LYS D 368 -11.31 12.48 -8.65
N PRO D 369 -11.89 13.50 -7.99
CA PRO D 369 -13.18 14.06 -8.46
C PRO D 369 -13.05 14.83 -9.77
N VAL D 370 -13.91 14.48 -10.73
CA VAL D 370 -13.92 15.11 -12.06
C VAL D 370 -14.78 16.38 -12.05
N LEU D 371 -16.06 16.27 -11.64
CA LEU D 371 -17.00 17.38 -11.62
C LEU D 371 -17.41 17.81 -10.22
N LYS D 372 -17.44 19.13 -9.99
CA LYS D 372 -17.80 19.76 -8.74
C LYS D 372 -18.76 20.93 -8.99
N ASP D 373 -19.98 20.84 -8.40
CA ASP D 373 -21.08 21.82 -8.50
C ASP D 373 -21.45 22.16 -9.95
N ILE D 374 -22.24 21.28 -10.57
CA ILE D 374 -22.68 21.45 -11.96
C ILE D 374 -24.20 21.60 -11.99
N THR D 375 -24.69 22.79 -12.37
CA THR D 375 -26.12 23.12 -12.45
C THR D 375 -26.41 24.09 -13.60
N PHE D 376 -27.44 23.74 -14.42
CA PHE D 376 -27.91 24.52 -15.57
C PHE D 376 -29.30 24.09 -16.04
N HIS D 377 -30.12 25.07 -16.48
CA HIS D 377 -31.47 24.86 -17.00
C HIS D 377 -31.54 25.31 -18.46
N ILE D 378 -31.99 24.41 -19.36
CA ILE D 378 -32.08 24.67 -20.80
C ILE D 378 -33.55 24.58 -21.26
N LYS D 379 -34.02 25.62 -21.98
CA LYS D 379 -35.37 25.67 -22.53
C LYS D 379 -35.49 24.71 -23.75
N PRO D 380 -36.70 24.17 -24.09
CA PRO D 380 -36.80 23.24 -25.22
C PRO D 380 -36.58 23.93 -26.58
N GLY D 381 -35.52 23.50 -27.27
CA GLY D 381 -35.13 24.03 -28.57
C GLY D 381 -34.17 25.20 -28.45
N GLN D 382 -33.09 25.01 -27.67
CA GLN D 382 -32.07 26.02 -27.42
C GLN D 382 -30.69 25.53 -27.87
N LYS D 383 -29.83 26.46 -28.32
CA LYS D 383 -28.47 26.17 -28.75
C LYS D 383 -27.52 26.46 -27.57
N VAL D 384 -26.87 25.41 -27.06
CA VAL D 384 -25.96 25.47 -25.90
C VAL D 384 -24.54 25.04 -26.29
N ALA D 385 -23.53 25.83 -25.87
CA ALA D 385 -22.12 25.56 -26.12
C ALA D 385 -21.35 25.38 -24.81
N LEU D 386 -20.35 24.48 -24.81
CA LEU D 386 -19.51 24.18 -23.66
C LEU D 386 -18.06 24.02 -24.12
N VAL D 387 -17.15 24.86 -23.60
CA VAL D 387 -15.73 24.88 -23.97
C VAL D 387 -14.84 25.17 -22.74
N GLY D 388 -13.60 24.67 -22.78
CA GLY D 388 -12.61 24.85 -21.73
C GLY D 388 -11.25 24.24 -22.03
N PRO D 389 -10.46 23.84 -21.00
CA PRO D 389 -9.14 23.25 -21.28
C PRO D 389 -9.17 21.75 -21.53
N THR D 390 -8.01 21.18 -21.95
CA THR D 390 -7.85 19.75 -22.24
C THR D 390 -7.87 18.91 -20.95
N GLY D 391 -8.95 18.14 -20.78
CA GLY D 391 -9.15 17.26 -19.64
C GLY D 391 -9.76 17.95 -18.43
N SER D 392 -10.93 18.58 -18.62
CA SER D 392 -11.66 19.30 -17.57
C SER D 392 -12.86 18.50 -17.02
N GLY D 393 -13.79 18.15 -17.91
CA GLY D 393 -14.99 17.40 -17.57
C GLY D 393 -16.19 17.69 -18.44
N LYS D 394 -15.94 18.15 -19.68
CA LYS D 394 -16.99 18.51 -20.66
C LYS D 394 -17.69 17.27 -21.21
N THR D 395 -16.92 16.22 -21.56
CA THR D 395 -17.44 14.97 -22.11
C THR D 395 -18.12 14.12 -21.00
N THR D 396 -17.71 14.30 -19.73
CA THR D 396 -18.26 13.59 -18.57
C THR D 396 -19.75 13.94 -18.37
N ILE D 397 -20.12 15.23 -18.53
CA ILE D 397 -21.50 15.73 -18.40
C ILE D 397 -22.41 15.08 -19.46
N VAL D 398 -21.88 14.87 -20.68
CA VAL D 398 -22.56 14.26 -21.83
C VAL D 398 -23.01 12.82 -21.50
N ASN D 399 -22.08 12.00 -20.99
CA ASN D 399 -22.33 10.59 -20.64
C ASN D 399 -23.29 10.44 -19.44
N LEU D 400 -23.34 11.46 -18.55
CA LEU D 400 -24.23 11.50 -17.40
C LEU D 400 -25.67 11.70 -17.91
N LEU D 401 -25.83 12.53 -18.96
CA LEU D 401 -27.11 12.81 -19.63
C LEU D 401 -27.53 11.56 -20.43
N MET D 402 -26.53 10.82 -20.94
CA MET D 402 -26.72 9.57 -21.68
C MET D 402 -27.08 8.45 -20.71
N ARG D 403 -26.70 8.60 -19.42
CA ARG D 403 -26.89 7.67 -18.30
C ARG D 403 -26.03 6.41 -18.47
N PHE D 404 -24.78 6.59 -18.97
CA PHE D 404 -23.81 5.50 -19.12
C PHE D 404 -23.13 5.26 -17.77
N TYR D 405 -22.93 6.36 -17.02
CA TYR D 405 -22.38 6.38 -15.68
C TYR D 405 -23.38 7.15 -14.81
N ASP D 406 -24.12 6.43 -13.96
CA ASP D 406 -25.17 6.99 -13.09
C ASP D 406 -24.64 7.95 -12.03
N VAL D 407 -25.36 9.06 -11.84
CA VAL D 407 -25.07 10.17 -10.93
C VAL D 407 -24.83 9.71 -9.48
N ASP D 408 -23.70 10.13 -8.90
CA ASP D 408 -23.32 9.81 -7.52
C ASP D 408 -24.14 10.67 -6.57
N ARG D 409 -24.04 12.02 -6.72
CA ARG D 409 -24.75 13.00 -5.91
C ARG D 409 -25.25 14.14 -6.81
N GLY D 410 -26.56 14.34 -6.81
CA GLY D 410 -27.22 15.37 -7.62
C GLY D 410 -28.58 14.98 -8.15
N GLN D 411 -29.11 15.78 -9.11
CA GLN D 411 -30.42 15.56 -9.73
C GLN D 411 -30.43 16.06 -11.18
N ILE D 412 -30.88 15.19 -12.10
CA ILE D 412 -31.00 15.50 -13.54
C ILE D 412 -32.41 15.14 -14.03
N LEU D 413 -33.13 16.14 -14.58
CA LEU D 413 -34.50 15.97 -15.08
C LEU D 413 -34.60 16.33 -16.57
N VAL D 414 -35.22 15.45 -17.36
CA VAL D 414 -35.44 15.63 -18.79
C VAL D 414 -36.94 15.67 -19.05
N ASP D 415 -37.43 16.79 -19.64
CA ASP D 415 -38.84 17.08 -19.95
C ASP D 415 -39.75 17.10 -18.71
N GLY D 416 -39.18 17.54 -17.58
CA GLY D 416 -39.88 17.66 -16.31
C GLY D 416 -39.78 16.46 -15.38
N ILE D 417 -39.39 15.29 -15.92
CA ILE D 417 -39.27 14.03 -15.16
C ILE D 417 -37.79 13.62 -15.01
N ASP D 418 -37.43 13.09 -13.82
CA ASP D 418 -36.08 12.64 -13.43
C ASP D 418 -35.50 11.57 -14.36
N ILE D 419 -34.16 11.51 -14.43
CA ILE D 419 -33.38 10.56 -15.25
C ILE D 419 -33.58 9.10 -14.78
N ARG D 420 -33.65 8.86 -13.46
CA ARG D 420 -33.84 7.54 -12.87
C ARG D 420 -35.27 7.01 -13.04
N LYS D 421 -36.27 7.91 -13.04
CA LYS D 421 -37.69 7.58 -13.17
C LYS D 421 -38.04 7.05 -14.56
N ILE D 422 -37.59 7.75 -15.63
CA ILE D 422 -37.84 7.35 -17.02
C ILE D 422 -36.90 6.19 -17.36
N LYS D 423 -37.46 5.13 -17.99
CA LYS D 423 -36.69 3.94 -18.41
C LYS D 423 -35.64 4.29 -19.46
N ARG D 424 -34.47 3.62 -19.36
CA ARG D 424 -33.28 3.84 -20.20
C ARG D 424 -33.53 3.85 -21.72
N SER D 425 -34.46 3.00 -22.21
CA SER D 425 -34.78 2.93 -23.65
C SER D 425 -35.58 4.16 -24.11
N SER D 426 -36.62 4.54 -23.35
CA SER D 426 -37.49 5.69 -23.63
C SER D 426 -36.78 7.03 -23.42
N LEU D 427 -35.81 7.07 -22.50
CA LEU D 427 -35.01 8.26 -22.19
C LEU D 427 -34.06 8.58 -23.34
N ARG D 428 -33.32 7.56 -23.81
CA ARG D 428 -32.35 7.67 -24.90
C ARG D 428 -32.99 7.77 -26.29
N SER D 429 -34.33 7.57 -26.39
CA SER D 429 -35.12 7.60 -27.63
C SER D 429 -34.95 8.87 -28.48
N SER D 430 -34.81 10.04 -27.83
CA SER D 430 -34.64 11.31 -28.52
C SER D 430 -33.26 11.95 -28.28
N ILE D 431 -32.24 11.12 -28.00
CA ILE D 431 -30.87 11.59 -27.77
C ILE D 431 -29.93 11.08 -28.88
N GLY D 432 -29.13 12.00 -29.43
CA GLY D 432 -28.16 11.74 -30.48
C GLY D 432 -26.75 12.17 -30.10
N ILE D 433 -25.73 11.37 -30.46
CA ILE D 433 -24.33 11.66 -30.12
C ILE D 433 -23.32 11.19 -31.20
N VAL D 434 -22.26 12.01 -31.37
CA VAL D 434 -21.10 11.80 -32.24
C VAL D 434 -19.89 11.89 -31.29
N LEU D 435 -19.05 10.84 -31.25
CA LEU D 435 -17.88 10.76 -30.37
C LEU D 435 -16.62 11.43 -30.92
N GLN D 436 -15.64 11.69 -30.01
CA GLN D 436 -14.32 12.26 -30.32
C GLN D 436 -13.59 11.35 -31.30
N ASP D 437 -13.65 10.04 -31.04
CA ASP D 437 -13.11 8.99 -31.89
C ASP D 437 -14.32 8.36 -32.59
N THR D 438 -14.41 8.51 -33.91
CA THR D 438 -15.53 7.99 -34.69
C THR D 438 -15.46 6.47 -34.84
N ILE D 439 -16.54 5.77 -34.44
CA ILE D 439 -16.63 4.31 -34.53
C ILE D 439 -17.53 3.90 -35.70
N LEU D 440 -16.98 3.09 -36.60
CA LEU D 440 -17.69 2.59 -37.77
C LEU D 440 -17.79 1.07 -37.72
N PHE D 441 -18.93 0.53 -38.15
CA PHE D 441 -19.22 -0.91 -38.16
C PHE D 441 -18.70 -1.56 -39.44
N SER D 442 -18.53 -2.91 -39.42
CA SER D 442 -18.05 -3.69 -40.56
C SER D 442 -19.06 -3.74 -41.71
N THR D 443 -20.33 -3.36 -41.44
CA THR D 443 -21.45 -3.32 -42.40
C THR D 443 -21.25 -2.21 -43.46
N THR D 444 -22.13 -2.17 -44.47
CA THR D 444 -22.08 -1.19 -45.57
C THR D 444 -22.39 0.25 -45.10
N VAL D 445 -21.99 1.25 -45.93
CA VAL D 445 -22.18 2.68 -45.68
C VAL D 445 -23.67 3.01 -45.50
N LYS D 446 -24.54 2.48 -46.39
CA LYS D 446 -26.00 2.67 -46.36
C LYS D 446 -26.62 2.17 -45.05
N GLU D 447 -26.23 0.95 -44.61
CA GLU D 447 -26.71 0.34 -43.36
C GLU D 447 -26.17 1.06 -42.12
N ASN D 448 -24.93 1.60 -42.21
CA ASN D 448 -24.31 2.35 -41.11
C ASN D 448 -25.05 3.67 -40.87
N LEU D 449 -25.42 4.37 -41.97
CA LEU D 449 -26.16 5.63 -41.93
C LEU D 449 -27.61 5.42 -41.49
N LYS D 450 -28.16 4.21 -41.75
CA LYS D 450 -29.54 3.82 -41.40
C LYS D 450 -29.77 3.65 -39.89
N TYR D 451 -28.71 3.82 -39.06
CA TYR D 451 -28.75 3.70 -37.61
C TYR D 451 -29.62 4.77 -36.95
N GLY D 452 -30.49 4.33 -36.04
CA GLY D 452 -31.44 5.18 -35.32
C GLY D 452 -32.82 5.13 -35.94
N ASN D 453 -32.89 5.35 -37.26
CA ASN D 453 -34.12 5.30 -38.04
C ASN D 453 -33.98 4.24 -39.15
N PRO D 454 -34.32 2.95 -38.86
CA PRO D 454 -34.19 1.90 -39.89
C PRO D 454 -35.23 2.02 -41.01
N GLY D 455 -36.35 2.68 -40.72
CA GLY D 455 -37.43 2.91 -41.67
C GLY D 455 -37.28 4.22 -42.43
N ALA D 456 -36.03 4.54 -42.84
CA ALA D 456 -35.70 5.74 -43.59
C ALA D 456 -35.36 5.37 -45.04
N THR D 457 -36.10 5.97 -45.98
CA THR D 457 -35.94 5.74 -47.42
C THR D 457 -34.64 6.35 -47.96
N ASP D 458 -34.19 5.89 -49.15
CA ASP D 458 -32.99 6.36 -49.83
C ASP D 458 -32.97 7.88 -50.05
N GLU D 459 -34.17 8.48 -50.28
CA GLU D 459 -34.39 9.91 -50.48
C GLU D 459 -33.94 10.70 -49.24
N GLU D 460 -34.23 10.16 -48.04
CA GLU D 460 -33.84 10.76 -46.76
C GLU D 460 -32.35 10.61 -46.50
N ILE D 461 -31.77 9.45 -46.90
CA ILE D 461 -30.35 9.13 -46.73
C ILE D 461 -29.48 10.01 -47.66
N LYS D 462 -29.86 10.11 -48.95
CA LYS D 462 -29.14 10.88 -49.97
C LYS D 462 -29.13 12.40 -49.70
N GLU D 463 -30.32 13.00 -49.46
CA GLU D 463 -30.48 14.44 -49.21
C GLU D 463 -29.73 14.93 -47.98
N ALA D 464 -29.68 14.11 -46.90
CA ALA D 464 -28.99 14.43 -45.66
C ALA D 464 -27.47 14.51 -45.85
N ALA D 465 -26.91 13.64 -46.71
CA ALA D 465 -25.48 13.60 -47.02
C ALA D 465 -25.01 14.86 -47.75
N LYS D 466 -25.78 15.34 -48.74
CA LYS D 466 -25.47 16.54 -49.53
C LYS D 466 -25.49 17.82 -48.69
N LEU D 467 -26.33 17.87 -47.64
CA LEU D 467 -26.48 19.02 -46.75
C LEU D 467 -25.27 19.22 -45.82
N THR D 468 -24.55 18.14 -45.49
CA THR D 468 -23.41 18.19 -44.57
C THR D 468 -22.07 17.77 -45.25
N HIS D 469 -21.95 17.99 -46.58
CA HIS D 469 -20.76 17.70 -47.41
C HIS D 469 -20.25 16.24 -47.25
N SER D 470 -21.17 15.27 -47.19
CA SER D 470 -20.86 13.85 -47.02
C SER D 470 -20.89 13.06 -48.34
N ASP D 471 -21.87 13.35 -49.22
CA ASP D 471 -22.09 12.69 -50.51
C ASP D 471 -20.90 12.80 -51.49
N HIS D 472 -20.05 13.83 -51.33
CA HIS D 472 -18.86 14.10 -52.16
C HIS D 472 -17.89 12.92 -52.26
N PHE D 473 -17.67 12.22 -51.13
CA PHE D 473 -16.77 11.06 -51.07
C PHE D 473 -17.51 9.72 -51.17
N ILE D 474 -18.84 9.70 -50.95
CA ILE D 474 -19.65 8.49 -51.04
C ILE D 474 -19.72 8.01 -52.50
N LYS D 475 -20.00 8.94 -53.44
CA LYS D 475 -20.05 8.65 -54.87
C LYS D 475 -18.63 8.39 -55.44
N HIS D 476 -17.60 8.90 -54.75
CA HIS D 476 -16.18 8.75 -55.11
C HIS D 476 -15.68 7.32 -54.84
N LEU D 477 -16.37 6.58 -53.93
CA LEU D 477 -16.05 5.20 -53.56
C LEU D 477 -16.25 4.23 -54.75
N PRO D 478 -15.50 3.09 -54.81
CA PRO D 478 -15.67 2.16 -55.95
C PRO D 478 -17.05 1.54 -56.11
N GLU D 479 -17.78 1.34 -55.00
CA GLU D 479 -19.13 0.76 -55.02
C GLU D 479 -20.24 1.81 -54.87
N GLY D 480 -19.94 2.93 -54.21
CA GLY D 480 -20.88 4.02 -54.00
C GLY D 480 -21.46 4.04 -52.60
N TYR D 481 -22.78 3.87 -52.48
CA TYR D 481 -23.50 3.84 -51.20
C TYR D 481 -23.48 2.46 -50.55
N GLU D 482 -23.31 1.40 -51.36
CA GLU D 482 -23.27 0.01 -50.90
C GLU D 482 -21.83 -0.50 -50.70
N THR D 483 -20.88 0.42 -50.46
CA THR D 483 -19.46 0.12 -50.24
C THR D 483 -19.24 -0.50 -48.85
N VAL D 484 -18.44 -1.59 -48.80
CA VAL D 484 -18.12 -2.29 -47.55
C VAL D 484 -17.11 -1.48 -46.71
N LEU D 485 -17.37 -1.37 -45.40
CA LEU D 485 -16.51 -0.64 -44.47
C LEU D 485 -15.61 -1.62 -43.70
N THR D 486 -14.29 -1.31 -43.64
CA THR D 486 -13.28 -2.14 -42.98
C THR D 486 -13.31 -1.96 -41.44
N ASP D 487 -12.21 -2.38 -40.75
CA ASP D 487 -12.06 -2.27 -39.30
C ASP D 487 -12.09 -0.81 -38.86
N ASN D 488 -13.21 -0.43 -38.19
CA ASN D 488 -13.51 0.92 -37.69
C ASN D 488 -13.55 2.00 -38.81
N GLY D 489 -13.85 1.56 -40.03
CA GLY D 489 -13.95 2.41 -41.21
C GLY D 489 -12.65 3.03 -41.65
N GLU D 490 -11.58 2.22 -41.75
CA GLU D 490 -10.25 2.67 -42.17
C GLU D 490 -10.15 2.99 -43.67
N ASP D 491 -11.20 2.64 -44.45
CA ASP D 491 -11.29 2.87 -45.90
C ASP D 491 -11.41 4.36 -46.26
N LEU D 492 -11.74 5.21 -45.27
CA LEU D 492 -11.88 6.67 -45.42
C LEU D 492 -11.06 7.39 -44.33
N SER D 493 -10.71 8.66 -44.58
CA SER D 493 -9.94 9.49 -43.64
C SER D 493 -10.77 9.92 -42.43
N GLN D 494 -10.08 10.30 -41.33
CA GLN D 494 -10.67 10.73 -40.04
C GLN D 494 -11.76 11.80 -40.18
N GLY D 495 -11.54 12.77 -41.07
CA GLY D 495 -12.47 13.85 -41.35
C GLY D 495 -13.74 13.38 -42.02
N GLN D 496 -13.59 12.48 -43.03
CA GLN D 496 -14.70 11.87 -43.79
C GLN D 496 -15.58 11.02 -42.87
N ARG D 497 -14.96 10.32 -41.90
CA ARG D 497 -15.61 9.45 -40.92
C ARG D 497 -16.52 10.24 -39.99
N GLN D 498 -16.05 11.43 -39.53
CA GLN D 498 -16.80 12.33 -38.64
C GLN D 498 -18.07 12.84 -39.29
N LEU D 499 -17.99 13.18 -40.60
CA LEU D 499 -19.10 13.70 -41.41
C LEU D 499 -20.24 12.68 -41.55
N LEU D 500 -19.90 11.38 -41.66
CA LEU D 500 -20.86 10.28 -41.77
C LEU D 500 -21.64 10.10 -40.46
N ALA D 501 -20.97 10.29 -39.31
CA ALA D 501 -21.54 10.17 -37.98
C ALA D 501 -22.57 11.26 -37.69
N ILE D 502 -22.34 12.48 -38.22
CA ILE D 502 -23.25 13.63 -38.08
C ILE D 502 -24.54 13.33 -38.86
N THR D 503 -24.40 12.78 -40.08
CA THR D 503 -25.50 12.38 -40.98
C THR D 503 -26.33 11.30 -40.27
N ARG D 504 -25.64 10.31 -39.67
CA ARG D 504 -26.22 9.19 -38.91
C ARG D 504 -27.02 9.72 -37.72
N ALA D 505 -26.50 10.74 -37.02
CA ALA D 505 -27.14 11.36 -35.86
C ALA D 505 -28.41 12.13 -36.24
N PHE D 506 -28.36 12.90 -37.34
CA PHE D 506 -29.50 13.69 -37.83
C PHE D 506 -30.61 12.84 -38.43
N LEU D 507 -30.26 11.69 -39.06
CA LEU D 507 -31.22 10.77 -39.68
C LEU D 507 -32.20 10.13 -38.71
N ALA D 508 -31.78 9.95 -37.44
CA ALA D 508 -32.61 9.37 -36.37
C ALA D 508 -33.69 10.36 -35.89
N ASN D 509 -33.53 11.66 -36.24
CA ASN D 509 -34.38 12.80 -35.90
C ASN D 509 -34.56 12.97 -34.37
N PRO D 510 -33.48 13.30 -33.62
CA PRO D 510 -33.62 13.44 -32.16
C PRO D 510 -33.94 14.86 -31.69
N LYS D 511 -34.71 14.99 -30.60
CA LYS D 511 -35.06 16.29 -30.03
C LYS D 511 -33.86 16.84 -29.27
N ILE D 512 -33.12 15.96 -28.55
CA ILE D 512 -31.91 16.31 -27.82
C ILE D 512 -30.73 15.85 -28.69
N LEU D 513 -29.84 16.79 -29.05
CA LEU D 513 -28.68 16.49 -29.90
C LEU D 513 -27.38 16.93 -29.28
N ILE D 514 -26.39 16.03 -29.24
CA ILE D 514 -25.06 16.29 -28.70
C ILE D 514 -24.00 15.99 -29.76
N LEU D 515 -23.09 16.95 -30.01
CA LEU D 515 -22.02 16.80 -30.99
C LEU D 515 -20.65 17.02 -30.34
N ASP D 516 -20.09 15.93 -29.77
CA ASP D 516 -18.80 15.93 -29.08
C ASP D 516 -17.64 15.80 -30.07
N ALA D 517 -16.93 16.93 -30.30
CA ALA D 517 -15.77 17.09 -31.21
C ALA D 517 -16.01 16.60 -32.65
N ALA D 518 -17.25 16.78 -33.15
CA ALA D 518 -17.69 16.37 -34.49
C ALA D 518 -17.01 17.15 -35.61
N THR D 519 -16.56 18.39 -35.32
CA THR D 519 -15.89 19.27 -36.29
C THR D 519 -14.42 19.55 -35.90
N SER D 520 -13.70 18.51 -35.44
CA SER D 520 -12.30 18.63 -35.05
C SER D 520 -11.35 18.25 -36.19
N ASN D 521 -11.61 17.11 -36.85
CA ASN D 521 -10.81 16.60 -37.96
C ASN D 521 -11.15 17.27 -39.28
N VAL D 522 -12.42 17.70 -39.45
CA VAL D 522 -12.93 18.37 -40.66
C VAL D 522 -12.26 19.75 -40.80
N ASP D 523 -11.83 20.11 -42.03
CA ASP D 523 -11.17 21.37 -42.33
C ASP D 523 -12.09 22.59 -42.15
N THR D 524 -11.49 23.75 -41.83
CA THR D 524 -12.17 25.03 -41.59
C THR D 524 -12.97 25.55 -42.79
N LYS D 525 -12.50 25.24 -44.03
CA LYS D 525 -13.16 25.65 -45.27
C LYS D 525 -14.49 24.90 -45.48
N THR D 526 -14.49 23.57 -45.27
CA THR D 526 -15.68 22.72 -45.39
C THR D 526 -16.67 23.03 -44.26
N GLU D 527 -16.14 23.35 -43.06
CA GLU D 527 -16.90 23.70 -41.85
C GLU D 527 -17.83 24.90 -42.07
N LYS D 528 -17.37 25.92 -42.82
CA LYS D 528 -18.13 27.13 -43.14
C LYS D 528 -19.32 26.82 -44.05
N SER D 529 -19.16 25.86 -44.98
CA SER D 529 -20.20 25.43 -45.92
C SER D 529 -21.32 24.65 -45.22
N ILE D 530 -21.00 23.99 -44.09
CA ILE D 530 -21.95 23.21 -43.29
C ILE D 530 -22.54 24.08 -42.17
N GLN D 531 -21.75 25.01 -41.60
CA GLN D 531 -22.08 25.95 -40.50
C GLN D 531 -23.54 26.43 -40.49
N ALA D 532 -24.06 26.89 -41.64
CA ALA D 532 -25.43 27.40 -41.79
C ALA D 532 -26.46 26.28 -42.06
N ALA D 533 -26.10 25.30 -42.91
CA ALA D 533 -26.97 24.16 -43.28
C ALA D 533 -27.28 23.27 -42.06
N MET D 534 -26.28 23.07 -41.18
CA MET D 534 -26.38 22.28 -39.96
C MET D 534 -27.23 23.02 -38.93
N TRP D 535 -27.07 24.36 -38.85
CA TRP D 535 -27.82 25.22 -37.93
C TRP D 535 -29.30 25.32 -38.34
N LYS D 536 -29.60 25.16 -39.65
CA LYS D 536 -30.96 25.19 -40.17
C LYS D 536 -31.74 23.92 -39.80
N LEU D 537 -31.02 22.82 -39.51
CA LEU D 537 -31.60 21.54 -39.09
C LEU D 537 -31.68 21.48 -37.56
N MET D 538 -30.86 22.32 -36.88
CA MET D 538 -30.78 22.43 -35.42
C MET D 538 -32.00 23.10 -34.79
N GLU D 539 -32.74 23.93 -35.55
CA GLU D 539 -33.94 24.64 -35.06
C GLU D 539 -35.06 23.68 -34.66
N GLY D 540 -35.68 23.98 -33.52
CA GLY D 540 -36.75 23.17 -32.94
C GLY D 540 -36.24 21.96 -32.18
N LYS D 541 -34.92 21.91 -31.92
CA LYS D 541 -34.23 20.83 -31.21
C LYS D 541 -33.25 21.39 -30.18
N THR D 542 -33.23 20.80 -28.97
CA THR D 542 -32.31 21.17 -27.89
C THR D 542 -30.92 20.64 -28.26
N SER D 543 -29.96 21.55 -28.48
CA SER D 543 -28.61 21.18 -28.90
C SER D 543 -27.51 21.59 -27.93
N ILE D 544 -26.55 20.67 -27.69
CA ILE D 544 -25.37 20.88 -26.85
C ILE D 544 -24.14 20.50 -27.68
N ILE D 545 -23.26 21.48 -27.96
CA ILE D 545 -22.07 21.25 -28.79
C ILE D 545 -20.78 21.49 -27.97
N ILE D 546 -19.84 20.53 -28.07
CA ILE D 546 -18.53 20.59 -27.41
C ILE D 546 -17.44 20.49 -28.49
N ALA D 547 -16.69 21.58 -28.69
CA ALA D 547 -15.59 21.72 -29.66
C ALA D 547 -14.68 22.89 -29.27
N HIS D 548 -13.38 22.78 -29.59
CA HIS D 548 -12.39 23.82 -29.28
C HIS D 548 -12.43 25.01 -30.25
N ARG D 549 -13.08 24.82 -31.42
CA ARG D 549 -13.22 25.87 -32.44
C ARG D 549 -14.29 26.87 -32.00
N LEU D 550 -13.83 27.95 -31.31
CA LEU D 550 -14.66 29.01 -30.74
C LEU D 550 -15.37 29.90 -31.76
N ASN D 551 -14.75 30.12 -32.93
CA ASN D 551 -15.28 30.97 -34.00
C ASN D 551 -16.59 30.45 -34.64
N THR D 552 -16.87 29.14 -34.51
CA THR D 552 -18.07 28.50 -35.07
C THR D 552 -19.22 28.37 -34.05
N ILE D 553 -18.92 28.47 -32.74
CA ILE D 553 -19.93 28.38 -31.68
C ILE D 553 -20.29 29.78 -31.15
N LYS D 554 -20.72 30.66 -32.08
CA LYS D 554 -21.11 32.05 -31.82
C LYS D 554 -22.63 32.27 -31.82
N ASN D 555 -23.38 31.43 -32.56
CA ASN D 555 -24.83 31.49 -32.70
C ASN D 555 -25.61 30.91 -31.50
N ALA D 556 -24.90 30.25 -30.55
CA ALA D 556 -25.46 29.64 -29.35
C ALA D 556 -26.11 30.66 -28.41
N ASP D 557 -27.31 30.35 -27.89
CA ASP D 557 -28.07 31.21 -26.99
C ASP D 557 -27.44 31.33 -25.60
N LEU D 558 -27.16 30.19 -24.94
CA LEU D 558 -26.54 30.17 -23.62
C LEU D 558 -25.21 29.41 -23.67
N ILE D 559 -24.10 30.08 -23.29
CA ILE D 559 -22.77 29.49 -23.31
C ILE D 559 -22.22 29.36 -21.88
N ILE D 560 -21.85 28.13 -21.50
CA ILE D 560 -21.31 27.78 -20.19
C ILE D 560 -19.81 27.42 -20.35
N VAL D 561 -18.97 27.96 -19.46
CA VAL D 561 -17.52 27.73 -19.47
C VAL D 561 -17.15 26.81 -18.29
N LEU D 562 -16.48 25.69 -18.60
CA LEU D 562 -16.06 24.71 -17.60
C LEU D 562 -14.54 24.61 -17.52
N ARG D 563 -13.99 24.70 -16.29
CA ARG D 563 -12.55 24.62 -16.01
C ARG D 563 -12.34 23.78 -14.75
N ASP D 564 -11.56 22.66 -14.89
CA ASP D 564 -11.23 21.69 -13.82
C ASP D 564 -12.49 21.09 -13.14
N GLY D 565 -13.56 20.98 -13.91
CA GLY D 565 -14.86 20.46 -13.45
C GLY D 565 -15.61 21.44 -12.58
N GLU D 566 -15.58 22.73 -12.95
CA GLU D 566 -16.24 23.82 -12.25
C GLU D 566 -16.75 24.87 -13.23
N ILE D 567 -17.97 25.39 -13.00
CA ILE D 567 -18.58 26.42 -13.84
C ILE D 567 -18.04 27.78 -13.38
N VAL D 568 -17.20 28.41 -14.22
CA VAL D 568 -16.58 29.72 -13.94
C VAL D 568 -17.37 30.88 -14.57
N GLU D 569 -17.81 30.70 -15.83
CA GLU D 569 -18.55 31.71 -16.59
C GLU D 569 -19.82 31.12 -17.21
N MET D 570 -20.87 31.95 -17.35
CA MET D 570 -22.18 31.57 -17.91
C MET D 570 -22.87 32.78 -18.55
N GLY D 571 -23.44 32.58 -19.75
CA GLY D 571 -24.16 33.62 -20.47
C GLY D 571 -23.90 33.69 -21.96
N LYS D 572 -24.38 34.78 -22.61
CA LYS D 572 -24.23 35.04 -24.05
C LYS D 572 -22.79 35.29 -24.48
N HIS D 573 -22.50 35.06 -25.78
CA HIS D 573 -21.19 35.22 -26.43
C HIS D 573 -20.54 36.58 -26.19
N ASP D 574 -21.29 37.67 -26.42
CA ASP D 574 -20.84 39.05 -26.25
C ASP D 574 -20.60 39.42 -24.78
N GLU D 575 -21.33 38.77 -23.85
CA GLU D 575 -21.22 38.99 -22.39
C GLU D 575 -19.90 38.40 -21.87
N LEU D 576 -19.47 37.26 -22.44
CA LEU D 576 -18.22 36.57 -22.08
C LEU D 576 -16.99 37.35 -22.55
N ILE D 577 -17.11 38.03 -23.71
CA ILE D 577 -16.05 38.84 -24.31
C ILE D 577 -15.79 40.10 -23.47
N GLN D 578 -16.86 40.87 -23.15
CA GLN D 578 -16.78 42.10 -22.37
C GLN D 578 -16.34 41.90 -20.91
N LYS D 579 -16.62 40.72 -20.34
CA LYS D 579 -16.27 40.39 -18.95
C LYS D 579 -14.77 40.15 -18.76
N ARG D 580 -14.06 39.71 -19.83
CA ARG D 580 -12.62 39.41 -19.86
C ARG D 580 -12.22 38.36 -18.82
N GLY D 581 -12.44 37.08 -19.16
CA GLY D 581 -12.13 35.95 -18.30
C GLY D 581 -11.44 34.81 -19.02
N PHE D 582 -11.85 33.57 -18.71
CA PHE D 582 -11.29 32.36 -19.32
C PHE D 582 -11.68 32.21 -20.79
N TYR D 583 -12.91 32.64 -21.15
CA TYR D 583 -13.44 32.61 -22.52
C TYR D 583 -12.63 33.55 -23.41
N TYR D 584 -12.25 34.73 -22.86
CA TYR D 584 -11.45 35.75 -23.53
C TYR D 584 -10.02 35.24 -23.73
N GLU D 585 -9.48 34.51 -22.74
CA GLU D 585 -8.15 33.93 -22.77
C GLU D 585 -8.01 32.87 -23.87
N LEU D 586 -9.08 32.08 -24.10
CA LEU D 586 -9.13 31.03 -25.12
C LEU D 586 -9.26 31.63 -26.53
N PHE D 587 -10.14 32.65 -26.68
CA PHE D 587 -10.42 33.34 -27.95
C PHE D 587 -9.21 34.10 -28.51
N THR D 588 -8.45 34.78 -27.64
CA THR D 588 -7.27 35.58 -28.01
C THR D 588 -6.06 34.69 -28.37
N SER D 589 -5.89 33.57 -27.64
CA SER D 589 -4.79 32.62 -27.85
C SER D 589 -4.86 31.86 -29.19
N GLN D 590 -6.00 31.96 -29.91
CA GLN D 590 -6.25 31.34 -31.21
C GLN D 590 -5.29 31.87 -32.29
N TYR D 591 -5.08 33.20 -32.30
CA TYR D 591 -4.24 33.89 -33.28
C TYR D 591 -2.97 34.45 -32.66
N GLN E 4 2.20 18.64 56.39
CA GLN E 4 3.43 17.86 56.43
C GLN E 4 3.26 16.60 57.28
N GLY E 5 3.82 15.50 56.79
CA GLY E 5 3.75 14.19 57.44
C GLY E 5 4.72 14.02 58.60
N GLN E 6 4.22 14.27 59.83
CA GLN E 6 4.98 14.16 61.08
C GLN E 6 4.15 13.54 62.20
N LEU E 7 4.82 12.84 63.14
CA LEU E 7 4.18 12.19 64.29
C LEU E 7 4.47 12.94 65.59
N VAL E 8 3.56 12.79 66.58
CA VAL E 8 3.66 13.42 67.90
C VAL E 8 3.55 12.33 68.99
N GLU E 9 4.56 12.25 69.87
CA GLU E 9 4.60 11.30 70.98
C GLU E 9 4.59 12.04 72.32
N SER E 10 3.70 11.61 73.23
CA SER E 10 3.55 12.22 74.57
C SER E 10 3.09 11.19 75.60
N GLY E 11 3.34 11.50 76.88
CA GLY E 11 2.95 10.65 78.00
C GLY E 11 4.08 10.26 78.93
N GLY E 12 3.71 10.05 80.20
CA GLY E 12 4.63 9.65 81.26
C GLY E 12 5.44 10.76 81.87
N GLY E 13 5.84 10.55 83.12
CA GLY E 13 6.67 11.48 83.89
C GLY E 13 7.84 10.76 84.52
N LEU E 14 7.90 10.75 85.86
CA LEU E 14 8.94 10.08 86.63
C LEU E 14 8.31 9.21 87.72
N VAL E 15 8.21 7.89 87.45
CA VAL E 15 7.62 6.89 88.34
C VAL E 15 8.66 5.84 88.74
N GLN E 16 8.69 5.46 90.03
CA GLN E 16 9.58 4.43 90.59
C GLN E 16 9.26 3.07 89.95
N PRO E 17 10.27 2.20 89.64
CA PRO E 17 9.96 0.91 88.98
C PRO E 17 8.90 0.05 89.67
N GLY E 18 7.76 -0.09 89.00
CA GLY E 18 6.61 -0.86 89.48
C GLY E 18 5.30 -0.45 88.86
N GLY E 19 5.14 0.85 88.63
CA GLY E 19 3.94 1.44 88.06
C GLY E 19 3.83 1.29 86.55
N SER E 20 2.76 1.88 85.98
CA SER E 20 2.48 1.86 84.54
C SER E 20 2.11 3.26 84.02
N LEU E 21 2.66 3.65 82.86
CA LEU E 21 2.41 4.96 82.25
C LEU E 21 1.77 4.88 80.87
N ARG E 22 0.77 5.76 80.63
CA ARG E 22 0.04 5.86 79.37
C ARG E 22 0.83 6.74 78.39
N LEU E 23 1.19 6.19 77.21
CA LEU E 23 1.94 6.91 76.19
C LEU E 23 1.25 6.84 74.83
N SER E 24 0.73 7.98 74.34
CA SER E 24 0.01 8.06 73.06
C SER E 24 0.87 8.60 71.92
N CYS E 25 0.79 7.95 70.76
CA CYS E 25 1.51 8.35 69.55
C CYS E 25 0.50 8.94 68.55
N ALA E 26 0.15 10.22 68.75
CA ALA E 26 -0.78 10.97 67.92
C ALA E 26 -0.17 11.28 66.55
N ALA E 27 -0.93 11.00 65.47
CA ALA E 27 -0.50 11.21 64.09
C ALA E 27 -1.28 12.35 63.43
N SER E 28 -0.54 13.32 62.84
CA SER E 28 -1.11 14.46 62.13
C SER E 28 -0.86 14.28 60.63
N GLY E 29 -1.96 14.13 59.87
CA GLY E 29 -1.92 13.90 58.44
C GLY E 29 -1.75 12.44 58.07
N PHE E 30 -1.82 11.55 59.08
CA PHE E 30 -1.70 10.10 58.98
C PHE E 30 -2.81 9.41 59.76
N THR E 31 -3.50 8.44 59.14
CA THR E 31 -4.59 7.69 59.75
C THR E 31 -4.15 6.28 60.10
N LEU E 32 -4.67 5.74 61.22
CA LEU E 32 -4.36 4.38 61.70
C LEU E 32 -5.13 3.31 60.91
N ASP E 33 -6.02 3.75 60.00
CA ASP E 33 -6.86 2.91 59.15
C ASP E 33 -6.07 2.14 58.08
N TYR E 34 -4.85 2.63 57.72
CA TYR E 34 -4.02 2.01 56.67
C TYR E 34 -2.52 1.95 57.02
N TYR E 35 -1.92 3.11 57.34
CA TYR E 35 -0.49 3.28 57.63
C TYR E 35 0.03 2.46 58.81
N ALA E 36 1.34 2.15 58.78
CA ALA E 36 2.04 1.37 59.81
C ALA E 36 2.81 2.25 60.79
N ILE E 37 2.29 2.36 62.03
CA ILE E 37 2.89 3.15 63.11
C ILE E 37 3.14 2.24 64.32
N GLY E 38 4.39 2.20 64.75
CA GLY E 38 4.82 1.37 65.88
C GLY E 38 5.89 2.01 66.75
N TRP E 39 5.82 1.77 68.06
CA TRP E 39 6.77 2.30 69.05
C TRP E 39 8.10 1.56 69.00
N PHE E 40 9.20 2.24 69.40
CA PHE E 40 10.56 1.70 69.38
C PHE E 40 11.32 1.91 70.70
N ARG E 41 11.94 0.84 71.23
CA ARG E 41 12.75 0.88 72.46
C ARG E 41 14.15 1.39 72.09
N GLN E 42 14.37 2.71 72.15
CA GLN E 42 15.65 3.29 71.77
C GLN E 42 16.40 3.88 72.97
N ALA E 43 17.65 3.44 73.16
CA ALA E 43 18.53 3.86 74.25
C ALA E 43 19.49 4.97 73.82
N PRO E 44 19.82 5.96 74.69
CA PRO E 44 20.75 7.03 74.26
C PRO E 44 22.21 6.58 74.28
N GLY E 45 22.83 6.61 73.10
CA GLY E 45 24.21 6.20 72.90
C GLY E 45 24.40 4.72 72.66
N LYS E 46 23.29 3.97 72.55
CA LYS E 46 23.27 2.51 72.34
C LYS E 46 22.40 2.14 71.12
N GLU E 47 22.04 0.85 70.98
CA GLU E 47 21.20 0.31 69.90
C GLU E 47 19.76 0.82 69.96
N ARG E 48 19.04 0.72 68.84
CA ARG E 48 17.65 1.19 68.72
C ARG E 48 16.66 0.03 68.41
N GLU E 49 16.17 -0.64 69.48
CA GLU E 49 15.22 -1.76 69.41
C GLU E 49 13.77 -1.26 69.19
N GLY E 50 12.82 -2.20 69.10
CA GLY E 50 11.40 -1.91 68.89
C GLY E 50 10.45 -2.46 69.93
N VAL E 51 9.18 -2.00 69.88
CA VAL E 51 8.12 -2.41 70.78
C VAL E 51 7.12 -3.32 70.03
N SER E 52 6.16 -2.71 69.31
CA SER E 52 5.14 -3.39 68.52
C SER E 52 4.61 -2.47 67.42
N CYS E 53 4.69 -2.95 66.16
CA CYS E 53 4.28 -2.20 64.97
C CYS E 53 2.88 -2.66 64.51
N ILE E 54 1.85 -1.87 64.84
CA ILE E 54 0.45 -2.19 64.49
C ILE E 54 -0.03 -1.33 63.30
N SER E 55 -0.78 -1.94 62.36
CA SER E 55 -1.29 -1.26 61.16
C SER E 55 -2.71 -1.67 60.78
N ASN E 56 -3.33 -0.91 59.84
CA ASN E 56 -4.66 -1.08 59.24
C ASN E 56 -5.84 -0.95 60.22
N SER E 57 -7.04 -0.64 59.67
CA SER E 57 -8.30 -0.50 60.39
C SER E 57 -8.78 -1.83 60.97
N GLY E 58 -8.47 -2.92 60.27
CA GLY E 58 -8.81 -4.29 60.67
C GLY E 58 -8.12 -4.74 61.94
N GLY E 59 -6.87 -4.30 62.11
CA GLY E 59 -6.06 -4.59 63.28
C GLY E 59 -5.04 -5.70 63.08
N SER E 60 -3.92 -5.60 63.80
CA SER E 60 -2.81 -6.57 63.77
C SER E 60 -2.22 -6.73 65.17
N THR E 61 -2.22 -7.97 65.69
CA THR E 61 -1.72 -8.29 67.03
C THR E 61 -0.19 -8.41 67.03
N LYS E 62 0.48 -7.57 67.86
CA LYS E 62 1.94 -7.54 68.00
C LYS E 62 2.42 -7.07 69.37
N TYR E 63 3.56 -7.64 69.83
CA TYR E 63 4.22 -7.34 71.10
C TYR E 63 5.75 -7.49 70.97
N ALA E 64 6.51 -7.12 72.03
CA ALA E 64 7.97 -7.23 72.08
C ALA E 64 8.44 -8.60 72.58
N ASP E 65 9.75 -8.91 72.43
CA ASP E 65 10.34 -10.19 72.84
C ASP E 65 11.19 -10.10 74.12
N SER E 66 11.81 -8.94 74.40
CA SER E 66 12.64 -8.71 75.59
C SER E 66 11.78 -8.68 76.87
N VAL E 67 10.66 -7.94 76.83
CA VAL E 67 9.69 -7.82 77.92
C VAL E 67 8.34 -8.27 77.31
N LYS E 68 8.09 -9.60 77.36
CA LYS E 68 6.94 -10.30 76.78
C LYS E 68 5.59 -10.00 77.45
N GLY E 69 4.59 -9.75 76.61
CA GLY E 69 3.20 -9.49 76.98
C GLY E 69 2.94 -8.46 78.06
N ARG E 70 3.72 -7.36 78.08
CA ARG E 70 3.58 -6.31 79.09
C ARG E 70 3.35 -4.90 78.51
N PHE E 71 3.46 -4.74 77.18
CA PHE E 71 3.26 -3.46 76.51
C PHE E 71 1.89 -3.43 75.80
N THR E 72 0.82 -3.24 76.60
CA THR E 72 -0.58 -3.20 76.15
C THR E 72 -0.83 -2.10 75.12
N ILE E 73 -1.41 -2.46 73.98
CA ILE E 73 -1.70 -1.52 72.89
C ILE E 73 -3.19 -1.39 72.59
N SER E 74 -3.59 -0.19 72.12
CA SER E 74 -4.96 0.17 71.74
C SER E 74 -4.94 1.26 70.66
N ARG E 75 -5.88 1.17 69.70
CA ARG E 75 -6.00 2.12 68.59
C ARG E 75 -7.35 2.84 68.53
N ASP E 76 -7.32 4.12 68.11
CA ASP E 76 -8.51 4.98 67.98
C ASP E 76 -8.83 5.22 66.50
N LYS E 77 -10.10 4.98 66.12
CA LYS E 77 -10.60 5.13 64.75
C LYS E 77 -10.90 6.57 64.35
N ALA E 78 -11.29 7.42 65.33
CA ALA E 78 -11.64 8.83 65.11
C ALA E 78 -10.59 9.81 65.64
N LYS E 79 -10.01 9.53 66.82
CA LYS E 79 -8.98 10.37 67.45
C LYS E 79 -7.58 10.19 66.86
N ASN E 80 -7.30 9.00 66.25
CA ASN E 80 -6.05 8.61 65.61
C ASN E 80 -4.84 8.65 66.58
N THR E 81 -4.92 7.86 67.67
CA THR E 81 -3.88 7.75 68.71
C THR E 81 -3.61 6.30 69.08
N VAL E 82 -2.34 5.99 69.40
CA VAL E 82 -1.91 4.64 69.81
C VAL E 82 -1.39 4.72 71.25
N TYR E 83 -2.18 4.19 72.20
CA TYR E 83 -1.81 4.17 73.61
C TYR E 83 -0.97 2.93 73.94
N LEU E 84 0.22 3.16 74.53
CA LEU E 84 1.16 2.12 74.94
C LEU E 84 1.35 2.21 76.45
N GLN E 85 0.67 1.33 77.19
CA GLN E 85 0.71 1.28 78.66
C GLN E 85 1.64 0.16 79.12
N MET E 86 2.84 0.56 79.58
CA MET E 86 3.88 -0.36 80.04
C MET E 86 3.50 -0.97 81.40
N ASN E 87 2.78 -2.12 81.37
CA ASN E 87 2.33 -2.84 82.57
C ASN E 87 3.53 -3.29 83.41
N SER E 88 3.70 -2.67 84.60
CA SER E 88 4.79 -2.87 85.57
C SER E 88 6.17 -2.59 84.96
N LEU E 89 6.60 -1.31 85.03
CA LEU E 89 7.86 -0.81 84.48
C LEU E 89 9.10 -1.32 85.20
N LYS E 90 10.19 -1.54 84.42
CA LYS E 90 11.50 -1.99 84.92
C LYS E 90 12.61 -1.06 84.42
N PRO E 91 13.71 -0.82 85.20
CA PRO E 91 14.77 0.08 84.71
C PRO E 91 15.61 -0.43 83.53
N GLU E 92 15.18 -1.56 82.92
CA GLU E 92 15.84 -2.19 81.76
C GLU E 92 15.65 -1.37 80.49
N ASP E 93 14.43 -0.82 80.28
CA ASP E 93 14.08 0.00 79.12
C ASP E 93 13.93 1.49 79.52
N THR E 94 15.00 2.27 79.32
CA THR E 94 15.06 3.72 79.62
C THR E 94 15.76 4.45 78.48
N GLY E 95 15.12 5.52 77.98
CA GLY E 95 15.66 6.33 76.89
C GLY E 95 14.63 7.02 76.03
N VAL E 96 15.08 7.57 74.89
CA VAL E 96 14.23 8.29 73.93
C VAL E 96 13.50 7.32 72.98
N TYR E 97 12.16 7.22 73.14
CA TYR E 97 11.32 6.32 72.33
C TYR E 97 10.80 7.01 71.08
N TYR E 98 10.73 6.28 69.96
CA TYR E 98 10.28 6.82 68.67
C TYR E 98 9.19 5.99 67.97
N CYS E 99 8.42 6.65 67.10
CA CYS E 99 7.36 6.05 66.28
C CYS E 99 7.85 5.92 64.82
N ALA E 100 7.04 5.30 63.95
CA ALA E 100 7.41 5.10 62.54
C ALA E 100 6.41 5.72 61.57
N ALA E 101 6.93 6.35 60.49
CA ALA E 101 6.12 6.99 59.45
C ALA E 101 6.28 6.28 58.09
N ASP E 102 5.15 6.07 57.39
CA ASP E 102 5.01 5.40 56.09
C ASP E 102 5.52 3.94 56.12
N ARG E 103 5.92 3.38 54.95
CA ARG E 103 6.41 2.00 54.76
C ARG E 103 5.44 0.96 55.37
N GLY E 104 4.19 1.03 54.95
CA GLY E 104 3.12 0.15 55.41
C GLY E 104 2.05 -0.11 54.38
N TYR E 105 1.24 0.93 54.08
CA TYR E 105 0.13 0.97 53.10
C TYR E 105 -1.09 0.12 53.49
N SER E 106 -0.89 -1.16 53.85
CA SER E 106 -1.96 -2.09 54.23
C SER E 106 -1.59 -2.90 55.48
N GLU E 107 -1.79 -4.25 55.45
CA GLU E 107 -1.47 -5.16 56.55
C GLU E 107 -0.70 -6.39 56.06
N TYR E 108 0.40 -6.74 56.75
CA TYR E 108 1.26 -7.87 56.40
C TYR E 108 1.73 -8.65 57.64
N ASP E 109 2.88 -8.25 58.27
CA ASP E 109 3.44 -8.93 59.44
C ASP E 109 4.23 -8.00 60.38
N LEU E 110 5.07 -7.10 59.82
CA LEU E 110 5.92 -6.13 60.53
C LEU E 110 6.82 -6.74 61.64
N PRO E 111 7.98 -7.37 61.32
CA PRO E 111 8.80 -7.99 62.37
C PRO E 111 10.20 -7.34 62.65
N CYS E 112 10.34 -6.03 63.01
CA CYS E 112 9.38 -4.93 63.19
C CYS E 112 9.93 -3.64 62.58
N ASP E 113 11.26 -3.40 62.73
CA ASP E 113 12.01 -2.24 62.27
C ASP E 113 11.70 -1.79 60.84
N LEU E 114 11.39 -0.48 60.68
CA LEU E 114 11.05 0.15 59.41
C LEU E 114 12.26 0.86 58.79
N VAL E 115 12.14 1.28 57.51
CA VAL E 115 13.21 1.95 56.77
C VAL E 115 13.31 3.44 57.18
N ILE E 116 12.46 4.32 56.57
CA ILE E 116 12.35 5.79 56.78
C ILE E 116 13.63 6.51 56.26
N TYR E 117 13.44 7.41 55.26
CA TYR E 117 14.52 8.16 54.61
C TYR E 117 14.80 9.54 55.23
N GLY E 118 13.77 10.17 55.80
CA GLY E 118 13.81 11.51 56.41
C GLY E 118 15.01 11.82 57.27
N MET E 119 15.00 11.33 58.53
CA MET E 119 16.09 11.52 59.50
C MET E 119 16.53 10.15 60.00
N ASP E 120 15.64 9.47 60.75
CA ASP E 120 15.82 8.13 61.32
C ASP E 120 14.44 7.56 61.60
N TYR E 121 13.69 8.23 62.51
CA TYR E 121 12.33 7.89 62.95
C TYR E 121 11.57 9.17 63.30
N TRP E 122 10.27 9.24 62.99
CA TRP E 122 9.42 10.40 63.28
C TRP E 122 8.55 10.21 64.52
N GLY E 123 8.46 11.25 65.36
CA GLY E 123 7.65 11.22 66.56
C GLY E 123 8.15 12.00 67.76
N LYS E 124 9.48 12.28 67.83
CA LYS E 124 10.19 12.98 68.91
C LYS E 124 10.31 12.11 70.18
N GLY E 125 11.54 11.99 70.68
CA GLY E 125 11.87 11.18 71.84
C GLY E 125 11.45 11.77 73.18
N THR E 126 10.62 11.02 73.93
CA THR E 126 10.15 11.39 75.27
C THR E 126 10.90 10.55 76.32
N PRO E 127 11.74 11.18 77.19
CA PRO E 127 12.49 10.38 78.17
C PRO E 127 11.74 10.06 79.45
N VAL E 128 11.43 8.77 79.67
CA VAL E 128 10.73 8.29 80.87
C VAL E 128 11.61 7.26 81.60
N THR E 129 12.54 7.77 82.41
CA THR E 129 13.48 6.99 83.21
C THR E 129 12.78 6.42 84.44
N VAL E 130 12.73 5.08 84.54
CA VAL E 130 12.06 4.37 85.64
C VAL E 130 13.10 3.71 86.58
N SER E 131 13.94 4.55 87.21
CA SER E 131 14.99 4.12 88.14
C SER E 131 14.81 4.73 89.53
N ALA E 132 15.07 3.92 90.58
CA ALA E 132 14.97 4.32 91.97
C ALA E 132 16.12 5.23 92.38
N GLN F 4 -24.54 -8.57 5.00
CA GLN F 4 -25.29 -7.86 3.96
C GLN F 4 -25.36 -6.35 4.27
N GLY F 5 -25.20 -5.54 3.23
CA GLY F 5 -25.21 -4.09 3.32
C GLY F 5 -26.59 -3.49 3.57
N GLN F 6 -26.97 -3.35 4.84
CA GLN F 6 -28.26 -2.80 5.27
C GLN F 6 -28.11 -1.77 6.40
N LEU F 7 -29.24 -1.14 6.79
CA LEU F 7 -29.31 -0.14 7.87
C LEU F 7 -30.47 -0.43 8.84
N VAL F 8 -30.40 0.15 10.07
CA VAL F 8 -31.42 0.00 11.13
C VAL F 8 -31.82 1.38 11.65
N GLU F 9 -33.14 1.69 11.66
CA GLU F 9 -33.66 2.97 12.18
C GLU F 9 -34.58 2.72 13.37
N SER F 10 -34.31 3.44 14.48
CA SER F 10 -35.08 3.34 15.72
C SER F 10 -35.08 4.65 16.48
N GLY F 11 -36.13 4.85 17.28
CA GLY F 11 -36.28 6.05 18.10
C GLY F 11 -37.69 6.61 18.09
N GLY F 12 -38.13 7.05 19.26
CA GLY F 12 -39.45 7.65 19.47
C GLY F 12 -40.60 6.68 19.64
N GLY F 13 -41.68 7.20 20.21
CA GLY F 13 -42.93 6.47 20.44
C GLY F 13 -44.11 7.26 19.96
N LEU F 14 -44.88 7.83 20.90
CA LEU F 14 -46.06 8.66 20.63
C LEU F 14 -46.07 9.86 21.59
N VAL F 15 -45.62 11.03 21.08
CA VAL F 15 -45.53 12.28 21.84
C VAL F 15 -46.42 13.34 21.20
N GLN F 16 -47.15 14.12 22.04
CA GLN F 16 -48.03 15.22 21.63
C GLN F 16 -47.17 16.32 20.97
N PRO F 17 -47.65 17.01 19.88
CA PRO F 17 -46.81 18.04 19.23
C PRO F 17 -46.25 19.10 20.17
N GLY F 18 -44.95 18.97 20.43
CA GLY F 18 -44.18 19.83 21.33
C GLY F 18 -42.79 19.30 21.61
N GLY F 19 -42.72 18.04 22.06
CA GLY F 19 -41.47 17.37 22.39
C GLY F 19 -40.57 17.04 21.21
N SER F 20 -39.30 16.71 21.50
CA SER F 20 -38.29 16.36 20.51
C SER F 20 -37.70 14.97 20.79
N LEU F 21 -37.80 14.05 19.80
CA LEU F 21 -37.34 12.67 19.93
C LEU F 21 -35.97 12.38 19.31
N ARG F 22 -35.22 11.44 19.91
CA ARG F 22 -33.89 11.02 19.45
C ARG F 22 -34.02 9.80 18.52
N LEU F 23 -34.09 10.06 17.21
CA LEU F 23 -34.22 9.03 16.17
C LEU F 23 -32.84 8.71 15.58
N SER F 24 -32.31 7.51 15.90
CA SER F 24 -30.98 7.05 15.46
C SER F 24 -31.01 6.09 14.27
N CYS F 25 -30.08 6.29 13.31
CA CYS F 25 -29.94 5.46 12.13
C CYS F 25 -28.64 4.64 12.24
N ALA F 26 -28.71 3.52 13.00
CA ALA F 26 -27.59 2.60 13.22
C ALA F 26 -27.27 1.83 11.95
N ALA F 27 -25.99 1.81 11.53
CA ALA F 27 -25.58 1.13 10.30
C ALA F 27 -24.76 -0.13 10.55
N SER F 28 -25.13 -1.22 9.87
CA SER F 28 -24.46 -2.52 9.95
C SER F 28 -23.74 -2.79 8.62
N GLY F 29 -22.41 -2.92 8.69
CA GLY F 29 -21.56 -3.13 7.53
C GLY F 29 -21.29 -1.85 6.76
N PHE F 30 -21.56 -0.69 7.41
CA PHE F 30 -21.39 0.65 6.86
C PHE F 30 -20.83 1.60 7.92
N THR F 31 -19.68 2.24 7.63
CA THR F 31 -19.05 3.21 8.53
C THR F 31 -19.38 4.63 8.10
N LEU F 32 -19.55 5.54 9.08
CA LEU F 32 -19.86 6.95 8.83
C LEU F 32 -18.62 7.76 8.43
N ASP F 33 -17.45 7.10 8.42
CA ASP F 33 -16.15 7.66 8.06
C ASP F 33 -16.01 7.96 6.56
N TYR F 34 -16.82 7.31 5.70
CA TYR F 34 -16.75 7.50 4.24
C TYR F 34 -18.12 7.57 3.55
N TYR F 35 -18.99 6.56 3.80
CA TYR F 35 -20.32 6.39 3.19
C TYR F 35 -21.33 7.49 3.51
N ALA F 36 -22.26 7.73 2.57
CA ALA F 36 -23.32 8.74 2.68
C ALA F 36 -24.60 8.12 3.28
N ILE F 37 -24.94 8.54 4.51
CA ILE F 37 -26.12 8.08 5.26
C ILE F 37 -26.89 9.31 5.78
N GLY F 38 -28.15 9.43 5.38
CA GLY F 38 -29.02 10.52 5.77
C GLY F 38 -30.50 10.18 5.84
N TRP F 39 -31.24 10.86 6.72
CA TRP F 39 -32.67 10.67 6.94
C TRP F 39 -33.53 11.28 5.84
N PHE F 40 -34.78 10.77 5.69
CA PHE F 40 -35.73 11.23 4.68
C PHE F 40 -37.17 11.29 5.23
N ARG F 41 -37.87 12.44 5.03
CA ARG F 41 -39.25 12.65 5.47
C ARG F 41 -40.18 12.05 4.41
N GLN F 42 -40.64 10.81 4.61
CA GLN F 42 -41.51 10.12 3.66
C GLN F 42 -42.90 9.89 4.23
N ALA F 43 -43.94 10.32 3.50
CA ALA F 43 -45.34 10.19 3.91
C ALA F 43 -45.99 8.93 3.31
N PRO F 44 -46.90 8.23 4.04
CA PRO F 44 -47.52 7.03 3.45
C PRO F 44 -48.64 7.36 2.47
N GLY F 45 -48.43 6.95 1.22
CA GLY F 45 -49.37 7.18 0.11
C GLY F 45 -49.18 8.51 -0.59
N LYS F 46 -48.14 9.27 -0.20
CA LYS F 46 -47.80 10.59 -0.76
C LYS F 46 -46.34 10.64 -1.25
N GLU F 47 -45.80 11.85 -1.48
CA GLU F 47 -44.42 12.09 -1.93
C GLU F 47 -43.37 11.69 -0.89
N ARG F 48 -42.13 11.42 -1.35
CA ARG F 48 -41.01 11.01 -0.50
C ARG F 48 -39.90 12.08 -0.50
N GLU F 49 -39.90 12.97 0.52
CA GLU F 49 -38.96 14.09 0.68
C GLU F 49 -37.63 13.68 1.34
N GLY F 50 -36.93 14.66 1.93
CA GLY F 50 -35.65 14.45 2.61
C GLY F 50 -35.42 15.29 3.85
N VAL F 51 -34.42 14.90 4.66
CA VAL F 51 -34.04 15.59 5.91
C VAL F 51 -32.65 16.24 5.74
N SER F 52 -31.58 15.51 6.08
CA SER F 52 -30.19 15.95 6.00
C SER F 52 -29.26 14.76 5.78
N CYS F 53 -28.60 14.73 4.61
CA CYS F 53 -27.69 13.66 4.19
C CYS F 53 -26.24 14.05 4.51
N ILE F 54 -25.65 13.42 5.53
CA ILE F 54 -24.28 13.73 5.96
C ILE F 54 -23.33 12.56 5.60
N SER F 55 -22.07 12.89 5.22
CA SER F 55 -21.06 11.90 4.83
C SER F 55 -19.64 12.26 5.30
N ASN F 56 -18.73 11.25 5.24
CA ASN F 56 -17.30 11.29 5.58
C ASN F 56 -16.98 11.57 7.06
N SER F 57 -15.77 11.17 7.49
CA SER F 57 -15.23 11.36 8.85
C SER F 57 -15.00 12.85 9.16
N GLY F 58 -14.63 13.62 8.14
CA GLY F 58 -14.38 15.05 8.23
C GLY F 58 -15.62 15.86 8.57
N GLY F 59 -16.77 15.42 8.06
CA GLY F 59 -18.07 16.05 8.30
C GLY F 59 -18.54 16.98 7.19
N SER F 60 -19.87 17.08 7.04
CA SER F 60 -20.54 17.94 6.08
C SER F 60 -21.85 18.46 6.67
N THR F 61 -21.97 19.78 6.84
CA THR F 61 -23.15 20.44 7.43
C THR F 61 -24.32 20.47 6.45
N LYS F 62 -25.48 19.91 6.86
CA LYS F 62 -26.71 19.87 6.06
C LYS F 62 -27.98 19.86 6.90
N TYR F 63 -29.06 20.45 6.35
CA TYR F 63 -30.40 20.55 6.96
C TYR F 63 -31.51 20.53 5.88
N ALA F 64 -32.79 20.48 6.31
CA ALA F 64 -33.95 20.47 5.42
C ALA F 64 -34.43 21.89 5.09
N ASP F 65 -35.33 22.01 4.08
CA ASP F 65 -35.87 23.30 3.63
C ASP F 65 -37.32 23.57 4.09
N SER F 66 -38.13 22.51 4.26
CA SER F 66 -39.53 22.61 4.71
C SER F 66 -39.60 23.04 6.19
N VAL F 67 -38.78 22.42 7.05
CA VAL F 67 -38.64 22.70 8.49
C VAL F 67 -37.16 23.10 8.71
N LYS F 68 -36.85 24.40 8.49
CA LYS F 68 -35.51 24.98 8.55
C LYS F 68 -34.88 25.05 9.94
N GLY F 69 -33.61 24.61 10.02
CA GLY F 69 -32.77 24.60 11.22
C GLY F 69 -33.38 24.01 12.48
N ARG F 70 -34.17 22.93 12.32
CA ARG F 70 -34.83 22.25 13.43
C ARG F 70 -34.44 20.77 13.54
N PHE F 71 -34.06 20.14 12.40
CA PHE F 71 -33.65 18.73 12.38
C PHE F 71 -32.15 18.61 12.69
N THR F 72 -31.80 18.78 13.97
CA THR F 72 -30.41 18.71 14.48
C THR F 72 -29.81 17.32 14.30
N ILE F 73 -28.52 17.26 13.94
CA ILE F 73 -27.81 16.03 13.64
C ILE F 73 -26.49 15.89 14.40
N SER F 74 -26.09 14.63 14.66
CA SER F 74 -24.85 14.24 15.34
C SER F 74 -24.39 12.86 14.86
N ARG F 75 -23.07 12.67 14.67
CA ARG F 75 -22.49 11.42 14.19
C ARG F 75 -21.50 10.80 15.18
N ASP F 76 -21.47 9.45 15.23
CA ASP F 76 -20.57 8.69 16.11
C ASP F 76 -19.47 8.00 15.30
N LYS F 77 -18.21 8.21 15.73
CA LYS F 77 -17.02 7.65 15.06
C LYS F 77 -16.75 6.19 15.41
N ALA F 78 -17.13 5.74 16.62
CA ALA F 78 -16.91 4.37 17.07
C ALA F 78 -18.20 3.54 17.16
N LYS F 79 -19.31 4.17 17.62
CA LYS F 79 -20.62 3.52 17.78
C LYS F 79 -21.38 3.35 16.47
N ASN F 80 -21.07 4.21 15.46
CA ASN F 80 -21.66 4.25 14.12
C ASN F 80 -23.19 4.46 14.13
N THR F 81 -23.62 5.63 14.66
CA THR F 81 -25.04 6.02 14.77
C THR F 81 -25.25 7.50 14.40
N VAL F 82 -26.38 7.80 13.74
CA VAL F 82 -26.74 9.17 13.33
C VAL F 82 -28.01 9.57 14.07
N TYR F 83 -27.87 10.40 15.12
CA TYR F 83 -28.99 10.89 15.92
C TYR F 83 -29.62 12.13 15.26
N LEU F 84 -30.87 11.98 14.78
CA LEU F 84 -31.63 13.05 14.13
C LEU F 84 -32.74 13.50 15.09
N GLN F 85 -32.50 14.62 15.81
CA GLN F 85 -33.44 15.18 16.77
C GLN F 85 -34.33 16.22 16.13
N MET F 86 -35.64 15.94 16.10
CA MET F 86 -36.64 16.83 15.52
C MET F 86 -37.11 17.82 16.60
N ASN F 87 -36.35 18.91 16.80
CA ASN F 87 -36.60 19.97 17.79
C ASN F 87 -37.98 20.60 17.62
N SER F 88 -38.85 20.44 18.65
CA SER F 88 -40.24 20.90 18.71
C SER F 88 -41.06 20.36 17.52
N LEU F 89 -41.45 19.07 17.62
CA LEU F 89 -42.21 18.35 16.59
C LEU F 89 -43.58 18.93 16.29
N LYS F 90 -43.94 18.94 15.00
CA LYS F 90 -45.19 19.45 14.46
C LYS F 90 -45.93 18.36 13.67
N PRO F 91 -47.29 18.32 13.65
CA PRO F 91 -47.99 17.26 12.90
C PRO F 91 -47.87 17.34 11.37
N GLU F 92 -47.00 18.24 10.86
CA GLU F 92 -46.74 18.45 9.43
C GLU F 92 -45.99 17.28 8.81
N ASP F 93 -44.97 16.74 9.50
CA ASP F 93 -44.15 15.62 9.03
C ASP F 93 -44.42 14.33 9.84
N THR F 94 -45.35 13.50 9.33
CA THR F 94 -45.75 12.22 9.93
C THR F 94 -45.74 11.10 8.88
N GLY F 95 -45.09 9.99 9.21
CA GLY F 95 -45.00 8.83 8.33
C GLY F 95 -43.71 8.03 8.46
N VAL F 96 -43.57 6.98 7.62
CA VAL F 96 -42.41 6.07 7.60
C VAL F 96 -41.13 6.78 7.08
N TYR F 97 -40.10 6.88 7.94
CA TYR F 97 -38.83 7.53 7.59
C TYR F 97 -37.77 6.53 7.16
N TYR F 98 -36.92 6.91 6.20
CA TYR F 98 -35.88 6.04 5.66
C TYR F 98 -34.48 6.67 5.60
N CYS F 99 -33.45 5.79 5.52
CA CYS F 99 -32.03 6.13 5.39
C CYS F 99 -31.57 5.68 3.98
N ALA F 100 -30.27 5.77 3.66
CA ALA F 100 -29.75 5.38 2.35
C ALA F 100 -28.43 4.60 2.42
N ALA F 101 -28.21 3.70 1.43
CA ALA F 101 -27.00 2.88 1.33
C ALA F 101 -26.26 3.14 0.02
N ASP F 102 -24.91 3.12 0.07
CA ASP F 102 -23.98 3.37 -1.06
C ASP F 102 -24.16 4.77 -1.67
N ARG F 103 -23.64 4.99 -2.91
CA ARG F 103 -23.71 6.24 -3.69
C ARG F 103 -23.17 7.46 -2.89
N GLY F 104 -21.98 7.29 -2.32
CA GLY F 104 -21.31 8.31 -1.51
C GLY F 104 -19.81 8.35 -1.71
N TYR F 105 -19.11 7.31 -1.20
CA TYR F 105 -17.65 7.08 -1.24
C TYR F 105 -16.82 8.08 -0.43
N SER F 106 -17.02 9.40 -0.63
CA SER F 106 -16.27 10.45 0.08
C SER F 106 -17.19 11.59 0.57
N GLU F 107 -16.94 12.84 0.15
CA GLU F 107 -17.72 14.03 0.53
C GLU F 107 -17.82 15.04 -0.61
N TYR F 108 -19.05 15.52 -0.90
CA TYR F 108 -19.32 16.47 -1.98
C TYR F 108 -20.33 17.54 -1.58
N ASP F 109 -21.66 17.26 -1.69
CA ASP F 109 -22.74 18.21 -1.39
C ASP F 109 -24.05 17.56 -0.91
N LEU F 110 -24.40 16.35 -1.42
CA LEU F 110 -25.62 15.58 -1.11
C LEU F 110 -26.92 16.41 -1.03
N PRO F 111 -27.54 16.83 -2.17
CA PRO F 111 -28.72 17.70 -2.08
C PRO F 111 -30.07 17.14 -2.61
N CYS F 112 -30.67 16.07 -2.03
CA CYS F 112 -30.24 15.22 -0.93
C CYS F 112 -30.50 13.77 -1.29
N ASP F 113 -31.69 13.48 -1.86
CA ASP F 113 -32.16 12.14 -2.28
C ASP F 113 -31.13 11.32 -3.05
N LEU F 114 -30.92 10.05 -2.63
CA LEU F 114 -29.98 9.10 -3.23
C LEU F 114 -30.66 8.10 -4.18
N VAL F 115 -29.86 7.41 -5.03
CA VAL F 115 -30.39 6.46 -6.02
C VAL F 115 -30.89 5.16 -5.35
N ILE F 116 -29.98 4.19 -5.03
CA ILE F 116 -30.25 2.87 -4.43
C ILE F 116 -30.99 1.95 -5.42
N TYR F 117 -30.41 0.77 -5.72
CA TYR F 117 -30.96 -0.20 -6.68
C TYR F 117 -31.81 -1.32 -6.05
N GLY F 118 -31.51 -1.69 -4.80
CA GLY F 118 -32.17 -2.76 -4.05
C GLY F 118 -33.68 -2.82 -4.13
N MET F 119 -34.36 -1.95 -3.35
CA MET F 119 -35.82 -1.85 -3.32
C MET F 119 -36.20 -0.39 -3.58
N ASP F 120 -35.87 0.50 -2.63
CA ASP F 120 -36.09 1.94 -2.66
C ASP F 120 -35.11 2.60 -1.69
N TYR F 121 -35.21 2.26 -0.40
CA TYR F 121 -34.33 2.77 0.66
C TYR F 121 -34.15 1.70 1.74
N TRP F 122 -32.96 1.70 2.40
CA TRP F 122 -32.64 0.74 3.46
C TRP F 122 -32.59 1.41 4.84
N GLY F 123 -33.20 0.76 5.83
CA GLY F 123 -33.22 1.25 7.19
C GLY F 123 -34.48 0.95 8.00
N LYS F 124 -35.59 0.58 7.31
CA LYS F 124 -36.93 0.28 7.86
C LYS F 124 -37.67 1.55 8.29
N GLY F 125 -38.95 1.62 7.95
CA GLY F 125 -39.80 2.76 8.24
C GLY F 125 -40.48 2.76 9.60
N THR F 126 -40.08 3.70 10.48
CA THR F 126 -40.64 3.88 11.83
C THR F 126 -41.55 5.13 11.84
N PRO F 127 -42.89 4.98 11.76
CA PRO F 127 -43.76 6.17 11.74
C PRO F 127 -44.08 6.73 13.12
N VAL F 128 -43.47 7.89 13.46
CA VAL F 128 -43.71 8.56 14.74
C VAL F 128 -44.72 9.71 14.52
N THR F 129 -46.02 9.38 14.64
CA THR F 129 -47.12 10.31 14.47
C THR F 129 -47.21 11.27 15.66
N VAL F 130 -47.02 12.57 15.40
CA VAL F 130 -47.05 13.63 16.41
C VAL F 130 -48.33 14.48 16.31
N SER F 131 -49.49 13.85 16.49
CA SER F 131 -50.80 14.50 16.42
C SER F 131 -51.57 14.38 17.73
N ALA F 132 -52.27 15.46 18.12
CA ALA F 132 -53.08 15.51 19.34
C ALA F 132 -54.39 14.72 19.19
#